data_9GKK
#
_entry.id   9GKK
#
_cell.length_a   1.00
_cell.length_b   1.00
_cell.length_c   1.00
_cell.angle_alpha   90.00
_cell.angle_beta   90.00
_cell.angle_gamma   90.00
#
_symmetry.space_group_name_H-M   'P 1'
#
loop_
_entity.id
_entity.type
_entity.pdbx_description
1 polymer 'Glycine betaine transporter BetP'
2 non-polymer 'SODIUM ION'
3 non-polymer 'TRIMETHYL GLYCINE'
4 non-polymer 'dodecyl beta-D-glucopyranoside'
5 non-polymer CARDIOLIPIN
6 non-polymer '(1S)-2-{[{[(2R)-2,3-DIHYDROXYPROPYL]OXY}(HYDROXY)PHOSPHORYL]OXY}-1-[(PALMITOYLOXY)METHYL]ETHYL STEARATE'
7 non-polymer DODECYL-BETA-D-MALTOSIDE
8 water water
#
_entity_poly.entity_id   1
_entity_poly.type   'polypeptide(L)'
_entity_poly.pdbx_seq_one_letter_code
;WSHPQFEKMTTSDPNPKPIVEDAQPEQITATEELAGLLENPTNLEGKLADAEEEIILEGEDTQASLNWSVIVPALVIVLA
TVVWGIGFKDSFTNFASSALSAVVDNLGWAFILFGTVFVFFIVVIAASKFGTIRLGRIDEAPEFRTVSWISMMFAAGMGI
GLMFYGTTEPLTFYRNGVPGHDEHNVGVAMSTTMFHWTLHPWAIYAIVGLAIAYSTFRVGRKQLLSSAFVPLIGEKGAEG
WLGKLIDILAIIATVFGTACSLGLGALQIGAGLSAANIIEDPSDWTIVGIVSVLTLAFIFSAISGVGKGIQYLSNANMVL
AALLAIFVFVVGPTVSILNLLPGSIGNYLSNFFQMAGRTAMSADGTAGEWLGSWTIFYWAWWISWSPFVGMFLARISRGR
SIREFILGVLLVPAGVSTVWFSIFGGTAIVFEQNGESIWGDGAAEEQLFGLLHALPGGQIMGIIAMILLGTFFITSADSA
STVMGTMSQHGQLEANKWVTAAWGVATAAIGLTLLLSGGDNALSNLQNVTIVAATPFLFVVIGLMFALVKDLSNDVIYLE
YREQQRFNARLARERRVHNEHRKRELAAKRRCERKASGAGKRR
;
_entity_poly.pdbx_strand_id   A,B,C
#
# COMPACT_ATOMS: atom_id res chain seq x y z
N SER A 65 4.03 8.49 -50.85
CA SER A 65 2.93 7.54 -50.54
C SER A 65 3.39 6.54 -49.49
N LEU A 66 3.32 5.25 -49.82
CA LEU A 66 3.80 4.19 -48.94
C LEU A 66 5.31 4.31 -48.78
N ASN A 67 5.82 3.95 -47.59
CA ASN A 67 7.23 4.19 -47.31
C ASN A 67 8.10 3.48 -48.33
N TRP A 68 7.90 2.16 -48.47
CA TRP A 68 8.69 1.35 -49.37
C TRP A 68 10.09 1.04 -48.82
N SER A 69 10.40 1.52 -47.60
CA SER A 69 11.64 1.19 -46.94
C SER A 69 11.42 0.49 -45.60
N VAL A 70 10.22 0.62 -45.03
CA VAL A 70 9.83 -0.12 -43.83
C VAL A 70 9.05 -1.37 -44.24
N ILE A 71 8.36 -1.27 -45.38
CA ILE A 71 7.56 -2.38 -45.88
C ILE A 71 8.45 -3.57 -46.29
N VAL A 72 9.55 -3.28 -46.98
CA VAL A 72 10.30 -4.36 -47.61
C VAL A 72 11.00 -5.22 -46.56
N PRO A 73 11.70 -4.65 -45.56
CA PRO A 73 12.27 -5.47 -44.51
C PRO A 73 11.24 -6.30 -43.75
N ALA A 74 10.07 -5.71 -43.47
CA ALA A 74 9.03 -6.39 -42.73
C ALA A 74 8.52 -7.60 -43.53
N LEU A 75 8.18 -7.39 -44.81
CA LEU A 75 7.73 -8.49 -45.64
C LEU A 75 8.83 -9.53 -45.82
N VAL A 76 10.08 -9.10 -45.89
CA VAL A 76 11.17 -10.05 -46.05
C VAL A 76 11.26 -10.97 -44.84
N ILE A 77 11.20 -10.39 -43.64
CA ILE A 77 11.27 -11.20 -42.44
C ILE A 77 10.05 -12.12 -42.33
N VAL A 78 8.87 -11.60 -42.68
CA VAL A 78 7.66 -12.41 -42.59
C VAL A 78 7.74 -13.60 -43.55
N LEU A 79 8.15 -13.35 -44.80
CA LEU A 79 8.21 -14.41 -45.78
C LEU A 79 9.31 -15.41 -45.42
N ALA A 80 10.44 -14.93 -44.89
CA ALA A 80 11.49 -15.83 -44.42
C ALA A 80 10.94 -16.75 -43.34
N THR A 81 10.19 -16.18 -42.39
CA THR A 81 9.62 -16.98 -41.31
C THR A 81 8.64 -18.01 -41.88
N VAL A 82 7.81 -17.60 -42.84
CA VAL A 82 6.83 -18.51 -43.41
C VAL A 82 7.52 -19.68 -44.12
N VAL A 83 8.52 -19.37 -44.94
CA VAL A 83 9.20 -20.41 -45.69
C VAL A 83 9.95 -21.35 -44.73
N TRP A 84 10.57 -20.77 -43.69
CA TRP A 84 11.26 -21.59 -42.71
C TRP A 84 10.27 -22.52 -41.99
N GLY A 85 9.10 -22.00 -41.62
CA GLY A 85 8.13 -22.80 -40.89
C GLY A 85 7.57 -23.94 -41.73
N ILE A 86 7.26 -23.67 -43.01
CA ILE A 86 6.63 -24.69 -43.83
C ILE A 86 7.68 -25.67 -44.37
N GLY A 87 8.75 -25.14 -44.96
CA GLY A 87 9.76 -25.98 -45.59
C GLY A 87 10.46 -26.91 -44.58
N PHE A 88 10.78 -26.36 -43.41
CA PHE A 88 11.51 -27.08 -42.38
C PHE A 88 10.80 -26.86 -41.04
N LYS A 89 9.89 -27.76 -40.70
CA LYS A 89 9.11 -27.63 -39.47
C LYS A 89 9.80 -28.26 -38.25
N ASP A 90 10.89 -28.99 -38.45
CA ASP A 90 11.69 -29.51 -37.34
C ASP A 90 12.81 -28.53 -36.97
N SER A 91 13.49 -28.00 -37.99
CA SER A 91 14.52 -26.99 -37.76
C SER A 91 13.91 -25.73 -37.15
N PHE A 92 12.74 -25.33 -37.65
CA PHE A 92 12.05 -24.16 -37.12
C PHE A 92 11.69 -24.36 -35.65
N THR A 93 11.15 -25.55 -35.32
CA THR A 93 10.77 -25.82 -33.95
C THR A 93 12.00 -25.82 -33.03
N ASN A 94 13.09 -26.44 -33.48
CA ASN A 94 14.30 -26.51 -32.68
C ASN A 94 14.85 -25.10 -32.44
N PHE A 95 14.88 -24.27 -33.48
CA PHE A 95 15.37 -22.91 -33.32
C PHE A 95 14.48 -22.13 -32.37
N ALA A 96 13.16 -22.29 -32.49
CA ALA A 96 12.23 -21.58 -31.61
C ALA A 96 12.48 -21.97 -30.15
N SER A 97 12.65 -23.27 -29.90
CA SER A 97 12.89 -23.74 -28.53
C SER A 97 14.22 -23.19 -27.99
N SER A 98 15.27 -23.24 -28.79
CA SER A 98 16.58 -22.76 -28.36
C SER A 98 16.53 -21.26 -28.05
N ALA A 99 15.91 -20.49 -28.96
CA ALA A 99 15.82 -19.05 -28.77
C ALA A 99 14.96 -18.72 -27.55
N LEU A 100 13.89 -19.49 -27.33
CA LEU A 100 13.04 -19.27 -26.17
C LEU A 100 13.84 -19.49 -24.89
N SER A 101 14.61 -20.58 -24.83
CA SER A 101 15.41 -20.87 -23.66
C SER A 101 16.42 -19.74 -23.39
N ALA A 102 17.13 -19.33 -24.44
CA ALA A 102 18.13 -18.28 -24.28
C ALA A 102 17.49 -16.97 -23.82
N VAL A 103 16.38 -16.59 -24.47
CA VAL A 103 15.73 -15.33 -24.17
C VAL A 103 15.22 -15.35 -22.72
N VAL A 104 14.57 -16.45 -22.31
CA VAL A 104 14.05 -16.51 -20.97
C VAL A 104 15.20 -16.40 -19.98
N ASP A 105 16.21 -17.24 -20.15
CA ASP A 105 17.31 -17.29 -19.18
C ASP A 105 18.02 -15.96 -19.05
N ASN A 106 18.12 -15.18 -20.12
CA ASN A 106 18.92 -13.97 -20.12
C ASN A 106 18.11 -12.69 -20.01
N LEU A 107 16.77 -12.73 -20.13
CA LEU A 107 15.98 -11.50 -20.07
C LEU A 107 14.67 -11.66 -19.30
N GLY A 108 14.48 -12.77 -18.59
CA GLY A 108 13.33 -12.86 -17.72
C GLY A 108 13.38 -11.76 -16.65
N TRP A 109 14.57 -11.46 -16.15
CA TRP A 109 14.68 -10.39 -15.19
C TRP A 109 14.18 -9.07 -15.79
N ALA A 110 14.51 -8.80 -17.06
CA ALA A 110 14.07 -7.58 -17.71
C ALA A 110 12.54 -7.53 -17.79
N PHE A 111 11.94 -8.61 -18.29
CA PHE A 111 10.50 -8.68 -18.39
C PHE A 111 9.84 -8.46 -17.02
N ILE A 112 10.30 -9.19 -16.01
CA ILE A 112 9.71 -9.16 -14.69
C ILE A 112 9.88 -7.78 -14.03
N LEU A 113 11.05 -7.19 -14.11
CA LEU A 113 11.28 -5.90 -13.46
C LEU A 113 10.48 -4.79 -14.13
N PHE A 114 10.55 -4.72 -15.47
CA PHE A 114 9.93 -3.60 -16.15
C PHE A 114 8.42 -3.75 -16.23
N GLY A 115 7.89 -4.98 -16.09
CA GLY A 115 6.45 -5.15 -15.98
C GLY A 115 5.89 -4.33 -14.83
N THR A 116 6.58 -4.33 -13.68
CA THR A 116 6.14 -3.59 -12.52
C THR A 116 6.51 -2.11 -12.61
N VAL A 117 7.67 -1.82 -13.21
CA VAL A 117 8.06 -0.43 -13.36
C VAL A 117 7.03 0.31 -14.22
N PHE A 118 6.44 -0.36 -15.21
CA PHE A 118 5.43 0.29 -16.03
C PHE A 118 4.22 0.72 -15.19
N VAL A 119 3.77 -0.15 -14.31
CA VAL A 119 2.60 0.16 -13.48
C VAL A 119 2.90 1.33 -12.56
N PHE A 120 4.08 1.30 -11.92
CA PHE A 120 4.47 2.40 -11.05
C PHE A 120 4.55 3.70 -11.84
N PHE A 121 5.17 3.65 -13.02
CA PHE A 121 5.37 4.85 -13.82
C PHE A 121 4.04 5.47 -14.22
N ILE A 122 3.11 4.65 -14.70
CA ILE A 122 1.85 5.20 -15.17
C ILE A 122 1.02 5.75 -14.00
N VAL A 123 1.06 5.06 -12.85
CA VAL A 123 0.36 5.58 -11.69
C VAL A 123 0.95 6.93 -11.26
N VAL A 124 2.28 7.05 -11.24
CA VAL A 124 2.92 8.29 -10.85
C VAL A 124 2.57 9.40 -11.84
N ILE A 125 2.57 9.10 -13.14
CA ILE A 125 2.22 10.09 -14.13
C ILE A 125 0.79 10.58 -13.92
N ALA A 126 -0.14 9.67 -13.64
CA ALA A 126 -1.51 10.07 -13.36
C ALA A 126 -1.60 10.94 -12.11
N ALA A 127 -0.85 10.58 -11.07
CA ALA A 127 -0.94 11.26 -9.79
C ALA A 127 -0.21 12.60 -9.81
N SER A 128 0.86 12.72 -10.61
CA SER A 128 1.66 13.93 -10.63
C SER A 128 0.88 15.07 -11.30
N LYS A 129 1.57 16.20 -11.48
CA LYS A 129 0.96 17.40 -12.03
C LYS A 129 0.66 17.26 -13.54
N PHE A 130 1.22 16.24 -14.20
CA PHE A 130 1.11 16.12 -15.65
C PHE A 130 -0.24 15.52 -16.05
N GLY A 131 -1.06 15.13 -15.06
CA GLY A 131 -2.29 14.42 -15.32
C GLY A 131 -3.43 15.37 -15.65
N THR A 132 -3.12 16.63 -15.90
CA THR A 132 -4.11 17.64 -16.19
C THR A 132 -3.97 18.04 -17.65
N ILE A 133 -2.71 18.00 -18.16
CA ILE A 133 -2.48 18.23 -19.56
C ILE A 133 -3.58 17.52 -20.34
N ARG A 134 -4.30 18.24 -21.19
CA ARG A 134 -5.31 17.60 -22.02
C ARG A 134 -4.59 17.01 -23.20
N LEU A 135 -5.14 15.97 -23.84
CA LEU A 135 -4.49 15.32 -24.96
C LEU A 135 -5.04 15.96 -26.21
N GLY A 136 -4.95 17.27 -26.24
CA GLY A 136 -5.38 18.09 -27.37
C GLY A 136 -4.97 19.53 -27.06
N ARG A 137 -5.67 20.52 -27.63
CA ARG A 137 -5.45 21.91 -27.25
C ARG A 137 -6.01 22.13 -25.83
N ILE A 138 -5.67 23.25 -25.17
CA ILE A 138 -6.03 23.51 -23.78
C ILE A 138 -7.55 23.66 -23.60
N ASP A 139 -8.22 24.15 -24.63
CA ASP A 139 -9.68 24.26 -24.66
C ASP A 139 -10.24 23.18 -25.58
N GLU A 140 -10.17 21.91 -25.15
CA GLU A 140 -10.57 20.77 -25.97
C GLU A 140 -11.64 19.93 -25.26
N ALA A 141 -12.57 19.35 -26.04
CA ALA A 141 -13.61 18.50 -25.49
C ALA A 141 -13.54 17.15 -26.20
N PRO A 142 -13.75 16.01 -25.48
CA PRO A 142 -13.62 14.70 -26.09
C PRO A 142 -14.60 14.48 -27.24
N GLU A 143 -14.16 13.82 -28.32
CA GLU A 143 -14.99 13.59 -29.49
C GLU A 143 -15.87 12.34 -29.37
N PHE A 144 -15.69 11.57 -28.30
CA PHE A 144 -16.37 10.29 -28.14
C PHE A 144 -17.09 10.27 -26.80
N ARG A 145 -18.26 9.63 -26.79
CA ARG A 145 -18.97 9.43 -25.54
C ARG A 145 -18.24 8.39 -24.70
N THR A 146 -18.36 8.52 -23.38
CA THR A 146 -17.55 7.70 -22.49
C THR A 146 -17.84 6.21 -22.69
N VAL A 147 -19.10 5.84 -22.80
CA VAL A 147 -19.44 4.43 -22.95
C VAL A 147 -18.87 3.89 -24.26
N SER A 148 -19.05 4.63 -25.36
CA SER A 148 -18.51 4.19 -26.64
C SER A 148 -16.98 4.15 -26.60
N TRP A 149 -16.38 5.18 -25.99
CA TRP A 149 -14.93 5.24 -25.90
C TRP A 149 -14.37 4.02 -25.18
N ILE A 150 -14.92 3.70 -24.01
CA ILE A 150 -14.41 2.58 -23.24
C ILE A 150 -14.73 1.26 -23.92
N SER A 151 -15.91 1.14 -24.55
CA SER A 151 -16.25 -0.09 -25.24
C SER A 151 -15.24 -0.37 -26.35
N MET A 152 -14.92 0.66 -27.13
CA MET A 152 -13.93 0.48 -28.18
C MET A 152 -12.55 0.19 -27.61
N MET A 153 -12.19 0.85 -26.52
CA MET A 153 -10.91 0.61 -25.86
C MET A 153 -10.75 -0.87 -25.48
N PHE A 154 -11.78 -1.43 -24.82
CA PHE A 154 -11.71 -2.82 -24.40
C PHE A 154 -11.76 -3.76 -25.59
N ALA A 155 -12.62 -3.47 -26.58
CA ALA A 155 -12.78 -4.36 -27.71
C ALA A 155 -11.49 -4.44 -28.54
N ALA A 156 -10.76 -3.33 -28.64
CA ALA A 156 -9.49 -3.30 -29.38
C ALA A 156 -8.38 -3.99 -28.59
N GLY A 157 -8.34 -3.79 -27.27
CA GLY A 157 -7.24 -4.35 -26.50
C GLY A 157 -7.38 -5.79 -26.04
N MET A 158 -8.55 -6.40 -26.13
CA MET A 158 -8.69 -7.78 -25.69
C MET A 158 -9.13 -8.66 -26.84
N GLY A 159 -8.27 -9.52 -27.33
CA GLY A 159 -8.68 -10.50 -28.31
C GLY A 159 -9.26 -11.75 -27.67
N ILE A 160 -8.68 -12.89 -28.05
CA ILE A 160 -9.12 -14.18 -27.53
C ILE A 160 -8.24 -14.65 -26.39
N GLY A 161 -8.22 -13.94 -25.28
CA GLY A 161 -7.38 -14.32 -24.18
C GLY A 161 -8.30 -14.57 -23.02
N LEU A 162 -9.43 -13.91 -22.99
CA LEU A 162 -10.39 -14.16 -21.94
C LEU A 162 -11.17 -15.44 -22.23
N MET A 163 -11.41 -15.73 -23.51
CA MET A 163 -12.12 -16.96 -23.87
C MET A 163 -11.19 -18.17 -23.73
N PHE A 164 -9.94 -18.04 -24.17
CA PHE A 164 -9.03 -19.16 -24.11
C PHE A 164 -8.62 -19.49 -22.68
N TYR A 165 -8.21 -18.47 -21.93
CA TYR A 165 -7.68 -18.67 -20.60
C TYR A 165 -8.66 -18.30 -19.51
N GLY A 166 -9.95 -18.14 -19.85
CA GLY A 166 -10.95 -17.81 -18.84
C GLY A 166 -11.11 -18.95 -17.84
N THR A 167 -11.15 -20.18 -18.36
CA THR A 167 -11.32 -21.37 -17.52
C THR A 167 -9.99 -22.09 -17.29
N THR A 168 -9.10 -22.10 -18.29
CA THR A 168 -7.90 -22.90 -18.21
C THR A 168 -6.97 -22.42 -17.09
N GLU A 169 -6.82 -21.11 -16.91
CA GLU A 169 -5.75 -20.59 -16.08
C GLU A 169 -6.03 -20.78 -14.60
N PRO A 170 -7.15 -20.26 -14.04
CA PRO A 170 -7.42 -20.48 -12.62
C PRO A 170 -7.58 -21.95 -12.28
N LEU A 171 -8.19 -22.73 -13.17
CA LEU A 171 -8.33 -24.15 -12.94
C LEU A 171 -6.97 -24.84 -12.89
N THR A 172 -6.07 -24.47 -13.80
CA THR A 172 -4.74 -25.05 -13.81
C THR A 172 -3.99 -24.69 -12.53
N PHE A 173 -4.08 -23.45 -12.09
CA PHE A 173 -3.37 -23.05 -10.88
C PHE A 173 -3.98 -23.67 -9.64
N TYR A 174 -5.27 -23.97 -9.66
CA TYR A 174 -5.89 -24.67 -8.55
C TYR A 174 -5.42 -26.11 -8.50
N ARG A 175 -5.47 -26.80 -9.65
CA ARG A 175 -5.12 -28.20 -9.69
C ARG A 175 -3.63 -28.43 -9.42
N ASN A 176 -2.76 -27.65 -10.08
CA ASN A 176 -1.33 -27.90 -10.06
C ASN A 176 -0.59 -27.05 -9.05
N GLY A 177 -1.07 -25.84 -8.75
CA GLY A 177 -0.38 -24.96 -7.83
C GLY A 177 0.49 -23.94 -8.57
N VAL A 178 1.14 -23.09 -7.78
CA VAL A 178 1.98 -22.02 -8.29
C VAL A 178 3.30 -22.08 -7.53
N PRO A 179 4.44 -21.68 -8.12
CA PRO A 179 5.70 -21.66 -7.38
C PRO A 179 5.63 -20.89 -6.08
N GLY A 180 6.13 -21.52 -5.01
CA GLY A 180 6.18 -20.89 -3.69
C GLY A 180 4.85 -20.94 -2.93
N HIS A 181 3.86 -21.68 -3.46
CA HIS A 181 2.58 -21.81 -2.81
C HIS A 181 2.08 -23.25 -2.92
N ASP A 182 1.26 -23.65 -1.95
CA ASP A 182 0.71 -24.99 -1.92
C ASP A 182 -0.46 -25.08 -2.90
N GLU A 183 -0.67 -26.28 -3.44
CA GLU A 183 -1.74 -26.49 -4.39
C GLU A 183 -3.09 -26.39 -3.71
N HIS A 184 -4.16 -26.40 -4.54
CA HIS A 184 -5.52 -26.33 -4.03
C HIS A 184 -5.73 -25.14 -3.10
N ASN A 185 -5.27 -23.98 -3.55
CA ASN A 185 -5.49 -22.71 -2.87
C ASN A 185 -6.23 -21.79 -3.83
N VAL A 186 -7.51 -21.56 -3.58
CA VAL A 186 -8.33 -20.77 -4.49
C VAL A 186 -7.90 -19.31 -4.49
N GLY A 187 -7.54 -18.80 -3.33
CA GLY A 187 -7.09 -17.41 -3.26
C GLY A 187 -5.86 -17.16 -4.12
N VAL A 188 -4.90 -18.08 -4.08
CA VAL A 188 -3.69 -17.93 -4.87
C VAL A 188 -4.00 -18.03 -6.35
N ALA A 189 -4.86 -18.97 -6.74
CA ALA A 189 -5.23 -19.13 -8.13
C ALA A 189 -5.85 -17.85 -8.68
N MET A 190 -6.80 -17.31 -7.95
CA MET A 190 -7.48 -16.11 -8.40
C MET A 190 -6.53 -14.92 -8.40
N SER A 191 -5.70 -14.79 -7.38
CA SER A 191 -4.79 -13.66 -7.29
C SER A 191 -3.80 -13.67 -8.44
N THR A 192 -3.28 -14.83 -8.81
CA THR A 192 -2.29 -14.87 -9.87
C THR A 192 -2.94 -14.68 -11.24
N THR A 193 -4.16 -15.19 -11.44
CA THR A 193 -4.89 -14.90 -12.67
C THR A 193 -5.12 -13.40 -12.81
N MET A 194 -5.58 -12.75 -11.75
CA MET A 194 -5.79 -11.32 -11.79
C MET A 194 -4.48 -10.59 -12.02
N PHE A 195 -3.38 -11.07 -11.46
CA PHE A 195 -2.09 -10.49 -11.71
C PHE A 195 -1.76 -10.49 -13.19
N HIS A 196 -1.99 -11.63 -13.85
CA HIS A 196 -1.65 -11.76 -15.24
C HIS A 196 -2.57 -10.96 -16.14
N TRP A 197 -3.77 -10.58 -15.67
CA TRP A 197 -4.80 -10.05 -16.56
C TRP A 197 -5.35 -8.68 -16.18
N THR A 198 -4.82 -7.98 -15.17
CA THR A 198 -5.47 -6.76 -14.70
C THR A 198 -4.65 -5.48 -14.91
N LEU A 199 -3.54 -5.31 -14.21
CA LEU A 199 -2.92 -4.00 -14.09
C LEU A 199 -1.65 -3.85 -14.94
N HIS A 200 -0.82 -4.89 -14.93
CA HIS A 200 0.44 -4.89 -15.61
C HIS A 200 0.29 -4.76 -17.11
N PRO A 201 -0.66 -5.48 -17.77
CA PRO A 201 -0.88 -5.35 -19.21
C PRO A 201 -1.48 -4.03 -19.68
N TRP A 202 -2.54 -3.61 -19.04
CA TRP A 202 -3.15 -2.34 -19.42
C TRP A 202 -2.26 -1.19 -19.06
N ALA A 203 -1.32 -1.36 -18.13
CA ALA A 203 -0.30 -0.34 -17.88
C ALA A 203 0.60 -0.20 -19.10
N ILE A 204 1.01 -1.32 -19.72
CA ILE A 204 1.79 -1.25 -20.94
C ILE A 204 1.03 -0.48 -22.01
N TYR A 205 -0.24 -0.82 -22.18
CA TYR A 205 -1.07 -0.19 -23.19
C TYR A 205 -1.21 1.30 -22.91
N ALA A 206 -1.40 1.68 -21.64
CA ALA A 206 -1.54 3.08 -21.28
C ALA A 206 -0.26 3.83 -21.61
N ILE A 207 0.90 3.27 -21.30
CA ILE A 207 2.15 3.94 -21.59
C ILE A 207 2.28 4.22 -23.08
N VAL A 208 2.09 3.20 -23.91
CA VAL A 208 2.30 3.38 -25.33
C VAL A 208 1.27 4.34 -25.93
N GLY A 209 0.01 4.14 -25.57
CA GLY A 209 -1.05 4.99 -26.10
C GLY A 209 -0.88 6.45 -25.67
N LEU A 210 -0.46 6.66 -24.43
CA LEU A 210 -0.25 8.02 -23.94
C LEU A 210 0.90 8.68 -24.68
N ALA A 211 1.99 7.96 -24.88
CA ALA A 211 3.12 8.52 -25.61
C ALA A 211 2.70 8.93 -27.02
N ILE A 212 1.99 8.05 -27.73
CA ILE A 212 1.59 8.36 -29.09
C ILE A 212 0.57 9.52 -29.11
N ALA A 213 -0.35 9.54 -28.14
CA ALA A 213 -1.36 10.59 -28.10
C ALA A 213 -0.71 11.95 -27.84
N TYR A 214 0.22 12.02 -26.90
CA TYR A 214 0.90 13.27 -26.63
C TYR A 214 1.71 13.71 -27.85
N SER A 215 2.41 12.78 -28.50
CA SER A 215 3.19 13.13 -29.67
C SER A 215 2.30 13.66 -30.79
N THR A 216 1.15 13.06 -31.02
CA THR A 216 0.36 13.35 -32.21
C THR A 216 -0.55 14.57 -32.03
N PHE A 217 -1.18 14.73 -30.86
CA PHE A 217 -2.18 15.78 -30.68
C PHE A 217 -1.61 17.04 -30.04
N ARG A 218 -1.04 16.93 -28.84
CA ARG A 218 -0.56 18.11 -28.14
C ARG A 218 0.59 18.75 -28.93
N VAL A 219 1.52 17.96 -29.49
CA VAL A 219 2.66 18.50 -30.21
C VAL A 219 2.46 18.48 -31.73
N GLY A 220 1.50 17.69 -32.22
CA GLY A 220 1.12 17.75 -33.62
C GLY A 220 2.01 16.94 -34.56
N ARG A 221 2.97 16.18 -34.02
CA ARG A 221 3.89 15.42 -34.85
C ARG A 221 3.15 14.30 -35.60
N LYS A 222 3.89 13.58 -36.44
CA LYS A 222 3.31 12.49 -37.21
C LYS A 222 2.87 11.36 -36.29
N GLN A 223 1.82 10.65 -36.72
CA GLN A 223 1.27 9.56 -35.92
C GLN A 223 2.07 8.28 -36.19
N LEU A 224 3.21 8.17 -35.51
CA LEU A 224 4.09 7.02 -35.65
C LEU A 224 4.79 6.77 -34.33
N LEU A 225 5.36 5.57 -34.18
CA LEU A 225 6.12 5.25 -32.98
C LEU A 225 7.40 6.06 -32.95
N SER A 226 8.05 6.23 -34.12
CA SER A 226 9.31 6.94 -34.19
C SER A 226 9.14 8.39 -33.74
N SER A 227 8.01 9.00 -34.10
CA SER A 227 7.77 10.40 -33.80
C SER A 227 7.71 10.66 -32.30
N ALA A 228 7.45 9.63 -31.49
CA ALA A 228 7.41 9.79 -30.04
C ALA A 228 8.81 9.84 -29.43
N PHE A 229 9.85 9.48 -30.20
CA PHE A 229 11.21 9.48 -29.70
C PHE A 229 11.97 10.74 -30.12
N VAL A 230 11.29 11.70 -30.75
CA VAL A 230 11.93 12.93 -31.19
C VAL A 230 12.62 13.62 -30.02
N PRO A 231 12.01 13.66 -28.81
CA PRO A 231 12.69 14.17 -27.65
C PRO A 231 14.11 13.64 -27.42
N LEU A 232 14.33 12.34 -27.67
CA LEU A 232 15.61 11.70 -27.38
C LEU A 232 16.54 11.77 -28.60
N ILE A 233 15.99 11.57 -29.81
CA ILE A 233 16.84 11.41 -31.00
C ILE A 233 16.71 12.59 -31.95
N GLY A 234 15.68 13.44 -31.78
CA GLY A 234 15.49 14.58 -32.68
C GLY A 234 14.95 14.15 -34.03
N GLU A 235 14.52 15.13 -34.84
CA GLU A 235 13.88 14.82 -36.12
C GLU A 235 14.81 14.04 -37.03
N LYS A 236 16.08 14.47 -37.12
CA LYS A 236 17.05 13.77 -37.93
C LYS A 236 17.20 12.31 -37.47
N GLY A 237 17.02 12.06 -36.17
CA GLY A 237 17.04 10.70 -35.67
C GLY A 237 15.74 9.95 -35.98
N ALA A 238 14.61 10.66 -36.01
CA ALA A 238 13.33 10.02 -36.26
C ALA A 238 13.10 9.73 -37.75
N GLU A 239 13.93 10.31 -38.63
CA GLU A 239 13.87 10.04 -40.05
C GLU A 239 15.00 9.11 -40.51
N GLY A 240 16.05 8.98 -39.68
CA GLY A 240 17.22 8.20 -40.08
C GLY A 240 17.01 6.70 -39.89
N TRP A 241 18.10 5.99 -39.61
CA TRP A 241 18.03 4.54 -39.50
C TRP A 241 17.23 4.14 -38.26
N LEU A 242 17.31 4.92 -37.19
CA LEU A 242 16.67 4.54 -35.94
C LEU A 242 15.14 4.60 -36.06
N GLY A 243 14.61 5.61 -36.74
CA GLY A 243 13.18 5.69 -36.97
C GLY A 243 12.68 4.50 -37.79
N LYS A 244 13.40 4.15 -38.85
CA LYS A 244 13.04 3.00 -39.66
C LYS A 244 13.09 1.72 -38.84
N LEU A 245 14.11 1.58 -38.00
CA LEU A 245 14.23 0.39 -37.17
C LEU A 245 13.05 0.30 -36.21
N ILE A 246 12.67 1.42 -35.59
CA ILE A 246 11.56 1.38 -34.66
C ILE A 246 10.26 1.02 -35.39
N ASP A 247 10.04 1.60 -36.56
CA ASP A 247 8.84 1.26 -37.33
C ASP A 247 8.82 -0.21 -37.72
N ILE A 248 9.95 -0.75 -38.14
CA ILE A 248 10.02 -2.14 -38.53
C ILE A 248 9.77 -3.05 -37.33
N LEU A 249 10.35 -2.72 -36.18
CA LEU A 249 10.14 -3.51 -34.98
C LEU A 249 8.66 -3.47 -34.58
N ALA A 250 8.03 -2.31 -34.68
CA ALA A 250 6.63 -2.19 -34.34
C ALA A 250 5.76 -3.04 -35.26
N ILE A 251 6.03 -2.99 -36.56
CA ILE A 251 5.25 -3.78 -37.49
C ILE A 251 5.44 -5.28 -37.25
N ILE A 252 6.68 -5.70 -37.01
CA ILE A 252 6.94 -7.11 -36.79
C ILE A 252 6.25 -7.59 -35.53
N ALA A 253 6.34 -6.80 -34.46
CA ALA A 253 5.70 -7.15 -33.20
C ALA A 253 4.19 -7.30 -33.40
N THR A 254 3.59 -6.34 -34.12
CA THR A 254 2.16 -6.40 -34.37
C THR A 254 1.79 -7.67 -35.13
N VAL A 255 2.53 -7.97 -36.19
CA VAL A 255 2.22 -9.13 -36.99
C VAL A 255 2.30 -10.41 -36.17
N PHE A 256 3.37 -10.56 -35.38
CA PHE A 256 3.56 -11.80 -34.64
C PHE A 256 2.57 -11.93 -33.49
N GLY A 257 2.24 -10.83 -32.82
CA GLY A 257 1.24 -10.87 -31.78
C GLY A 257 -0.12 -11.27 -32.32
N THR A 258 -0.53 -10.63 -33.42
CA THR A 258 -1.82 -10.94 -34.01
C THR A 258 -1.83 -12.37 -34.54
N ALA A 259 -0.70 -12.87 -35.03
CA ALA A 259 -0.64 -14.24 -35.50
C ALA A 259 -0.83 -15.22 -34.34
N CYS A 260 -0.23 -14.93 -33.19
CA CYS A 260 -0.43 -15.78 -32.02
C CYS A 260 -1.91 -15.83 -31.62
N SER A 261 -2.56 -14.66 -31.60
CA SER A 261 -3.97 -14.60 -31.30
C SER A 261 -4.78 -15.41 -32.31
N LEU A 262 -4.44 -15.29 -33.59
CA LEU A 262 -5.15 -16.01 -34.63
C LEU A 262 -5.01 -17.52 -34.42
N GLY A 263 -3.82 -17.98 -34.11
CA GLY A 263 -3.61 -19.40 -33.88
C GLY A 263 -4.43 -19.93 -32.71
N LEU A 264 -4.42 -19.19 -31.59
CA LEU A 264 -5.20 -19.61 -30.44
C LEU A 264 -6.70 -19.63 -30.77
N GLY A 265 -7.18 -18.60 -31.46
CA GLY A 265 -8.58 -18.55 -31.88
C GLY A 265 -8.97 -19.74 -32.76
N ALA A 266 -8.13 -20.06 -33.73
CA ALA A 266 -8.42 -21.16 -34.63
C ALA A 266 -8.46 -22.48 -33.86
N LEU A 267 -7.50 -22.68 -32.95
CA LEU A 267 -7.50 -23.90 -32.16
C LEU A 267 -8.81 -24.02 -31.37
N GLN A 268 -9.21 -22.93 -30.71
CA GLN A 268 -10.39 -22.97 -29.88
C GLN A 268 -11.65 -23.23 -30.71
N ILE A 269 -11.75 -22.60 -31.88
CA ILE A 269 -12.93 -22.79 -32.71
C ILE A 269 -12.98 -24.24 -33.21
N GLY A 270 -11.83 -24.81 -33.57
CA GLY A 270 -11.80 -26.21 -33.98
C GLY A 270 -12.29 -27.13 -32.86
N ALA A 271 -11.78 -26.91 -31.65
CA ALA A 271 -12.19 -27.74 -30.52
C ALA A 271 -13.69 -27.59 -30.26
N GLY A 272 -14.20 -26.36 -30.35
CA GLY A 272 -15.61 -26.12 -30.14
C GLY A 272 -16.47 -26.86 -31.15
N LEU A 273 -16.10 -26.75 -32.43
CA LEU A 273 -16.86 -27.43 -33.48
C LEU A 273 -16.82 -28.94 -33.29
N SER A 274 -15.68 -29.47 -32.82
CA SER A 274 -15.61 -30.87 -32.47
C SER A 274 -16.63 -31.20 -31.37
N ALA A 275 -16.70 -30.34 -30.34
CA ALA A 275 -17.60 -30.58 -29.22
C ALA A 275 -19.07 -30.56 -29.67
N ALA A 276 -19.43 -29.61 -30.54
CA ALA A 276 -20.80 -29.43 -30.95
C ALA A 276 -21.24 -30.44 -32.03
N ASN A 277 -20.31 -31.30 -32.49
CA ASN A 277 -20.58 -32.32 -33.49
C ASN A 277 -20.85 -31.74 -34.88
N ILE A 278 -20.55 -30.46 -35.11
CA ILE A 278 -20.75 -29.87 -36.42
C ILE A 278 -19.80 -30.53 -37.43
N ILE A 279 -18.55 -30.73 -37.02
CA ILE A 279 -17.57 -31.45 -37.84
C ILE A 279 -16.95 -32.53 -36.96
N GLU A 280 -16.79 -33.74 -37.51
CA GLU A 280 -16.22 -34.83 -36.74
C GLU A 280 -14.71 -34.62 -36.58
N ASP A 281 -13.99 -34.64 -37.71
CA ASP A 281 -12.53 -34.57 -37.69
C ASP A 281 -12.08 -33.11 -37.74
N PRO A 282 -11.30 -32.61 -36.75
CA PRO A 282 -10.68 -31.30 -36.88
C PRO A 282 -9.34 -31.37 -37.63
N SER A 283 -9.40 -31.79 -38.89
CA SER A 283 -8.21 -31.93 -39.71
C SER A 283 -7.63 -30.55 -40.04
N ASP A 284 -6.50 -30.55 -40.74
CA ASP A 284 -5.83 -29.30 -41.08
C ASP A 284 -6.71 -28.41 -41.97
N TRP A 285 -7.41 -29.03 -42.93
CA TRP A 285 -8.22 -28.25 -43.86
C TRP A 285 -9.30 -27.46 -43.14
N THR A 286 -9.83 -28.01 -42.05
CA THR A 286 -10.80 -27.29 -41.24
C THR A 286 -10.17 -26.02 -40.66
N ILE A 287 -8.91 -26.13 -40.20
CA ILE A 287 -8.24 -24.96 -39.63
C ILE A 287 -7.97 -23.93 -40.73
N VAL A 288 -7.59 -24.39 -41.92
CA VAL A 288 -7.38 -23.46 -43.03
C VAL A 288 -8.68 -22.73 -43.37
N GLY A 289 -9.80 -23.47 -43.37
CA GLY A 289 -11.10 -22.84 -43.62
C GLY A 289 -11.44 -21.81 -42.55
N ILE A 290 -11.18 -22.16 -41.29
CA ILE A 290 -11.48 -21.26 -40.18
C ILE A 290 -10.68 -19.97 -40.34
N VAL A 291 -9.39 -20.09 -40.66
CA VAL A 291 -8.55 -18.92 -40.81
C VAL A 291 -8.99 -18.11 -42.03
N SER A 292 -9.40 -18.78 -43.11
CA SER A 292 -9.86 -18.09 -44.31
C SER A 292 -11.09 -17.23 -44.01
N VAL A 293 -12.05 -17.80 -43.27
CA VAL A 293 -13.23 -17.05 -42.90
C VAL A 293 -12.84 -15.89 -41.97
N LEU A 294 -11.99 -16.18 -40.98
CA LEU A 294 -11.59 -15.17 -40.01
C LEU A 294 -10.83 -14.03 -40.68
N THR A 295 -10.23 -14.26 -41.85
CA THR A 295 -9.51 -13.22 -42.57
C THR A 295 -10.41 -12.46 -43.53
N LEU A 296 -11.24 -13.18 -44.29
CA LEU A 296 -12.24 -12.53 -45.13
C LEU A 296 -13.05 -11.53 -44.29
N ALA A 297 -13.40 -11.93 -43.07
CA ALA A 297 -13.95 -10.96 -42.15
C ALA A 297 -12.71 -10.27 -41.63
N PHE A 298 -12.79 -8.99 -41.32
CA PHE A 298 -11.63 -8.26 -40.82
C PHE A 298 -10.80 -7.78 -42.00
N ILE A 299 -11.22 -8.14 -43.21
CA ILE A 299 -10.63 -7.58 -44.39
C ILE A 299 -11.78 -6.89 -45.09
N PHE A 300 -12.96 -7.52 -45.13
CA PHE A 300 -14.13 -6.79 -45.63
C PHE A 300 -14.46 -5.65 -44.66
N SER A 301 -14.15 -5.84 -43.37
CA SER A 301 -14.49 -4.87 -42.34
C SER A 301 -13.81 -3.52 -42.58
N ALA A 302 -12.50 -3.51 -42.87
CA ALA A 302 -11.76 -2.26 -43.09
C ALA A 302 -11.56 -1.97 -44.59
N ILE A 303 -12.44 -2.52 -45.44
CA ILE A 303 -12.39 -2.34 -46.88
C ILE A 303 -13.73 -1.83 -47.41
N SER A 304 -14.76 -2.69 -47.52
CA SER A 304 -16.05 -2.23 -48.01
C SER A 304 -16.35 -0.82 -47.50
N GLY A 305 -16.08 -0.59 -46.21
CA GLY A 305 -16.38 0.68 -45.58
C GLY A 305 -17.87 1.01 -45.68
N VAL A 306 -18.71 -0.04 -45.55
CA VAL A 306 -20.15 0.13 -45.66
C VAL A 306 -20.73 0.93 -44.48
N GLY A 307 -20.02 0.98 -43.36
CA GLY A 307 -20.49 1.78 -42.23
C GLY A 307 -19.49 1.74 -41.08
N LYS A 308 -19.99 2.06 -39.89
CA LYS A 308 -19.18 1.98 -38.67
C LYS A 308 -19.11 0.53 -38.20
N GLY A 309 -18.41 -0.29 -38.99
CA GLY A 309 -18.15 -1.68 -38.65
C GLY A 309 -17.45 -1.81 -37.30
N ILE A 310 -16.50 -0.91 -37.03
CA ILE A 310 -15.69 -1.01 -35.82
C ILE A 310 -16.57 -0.83 -34.59
N GLN A 311 -17.39 0.22 -34.56
CA GLN A 311 -18.21 0.50 -33.39
C GLN A 311 -19.32 -0.53 -33.26
N TYR A 312 -19.92 -0.93 -34.38
CA TYR A 312 -20.99 -1.91 -34.33
C TYR A 312 -20.47 -3.25 -33.79
N LEU A 313 -19.29 -3.67 -34.25
CA LEU A 313 -18.73 -4.92 -33.79
C LEU A 313 -18.21 -4.81 -32.36
N SER A 314 -17.75 -3.64 -31.94
CA SER A 314 -17.39 -3.45 -30.53
C SER A 314 -18.62 -3.64 -29.64
N ASN A 315 -19.74 -3.03 -30.03
CA ASN A 315 -20.96 -3.16 -29.27
C ASN A 315 -21.45 -4.62 -29.26
N ALA A 316 -21.35 -5.29 -30.41
CA ALA A 316 -21.74 -6.69 -30.49
C ALA A 316 -20.86 -7.54 -29.57
N ASN A 317 -19.56 -7.26 -29.55
CA ASN A 317 -18.64 -7.96 -28.67
C ASN A 317 -19.08 -7.81 -27.22
N MET A 318 -19.31 -6.57 -26.79
CA MET A 318 -19.66 -6.34 -25.41
C MET A 318 -20.97 -7.06 -25.07
N VAL A 319 -21.95 -6.98 -25.97
CA VAL A 319 -23.25 -7.59 -25.71
C VAL A 319 -23.14 -9.10 -25.59
N LEU A 320 -22.42 -9.74 -26.51
CA LEU A 320 -22.30 -11.20 -26.46
C LEU A 320 -21.50 -11.65 -25.25
N ALA A 321 -20.43 -10.91 -24.90
CA ALA A 321 -19.66 -11.23 -23.72
C ALA A 321 -20.53 -11.14 -22.47
N ALA A 322 -21.32 -10.07 -22.36
CA ALA A 322 -22.21 -9.91 -21.22
C ALA A 322 -23.23 -11.05 -21.18
N LEU A 323 -23.74 -11.44 -22.34
CA LEU A 323 -24.74 -12.51 -22.38
C LEU A 323 -24.16 -13.82 -21.86
N LEU A 324 -22.97 -14.19 -22.32
CA LEU A 324 -22.38 -15.45 -21.90
C LEU A 324 -21.99 -15.41 -20.42
N ALA A 325 -21.43 -14.28 -19.98
CA ALA A 325 -21.07 -14.15 -18.57
C ALA A 325 -22.31 -14.26 -17.69
N ILE A 326 -23.40 -13.61 -18.09
CA ILE A 326 -24.62 -13.64 -17.32
C ILE A 326 -25.21 -15.06 -17.29
N PHE A 327 -25.14 -15.77 -18.41
CA PHE A 327 -25.62 -17.13 -18.44
C PHE A 327 -24.87 -17.98 -17.42
N VAL A 328 -23.55 -17.93 -17.45
CA VAL A 328 -22.78 -18.76 -16.55
C VAL A 328 -23.01 -18.33 -15.10
N PHE A 329 -23.14 -17.03 -14.85
CA PHE A 329 -23.37 -16.52 -13.51
C PHE A 329 -24.69 -17.02 -12.96
N VAL A 330 -25.76 -16.95 -13.76
CA VAL A 330 -27.07 -17.36 -13.30
C VAL A 330 -27.15 -18.88 -13.11
N VAL A 331 -26.64 -19.63 -14.08
CA VAL A 331 -26.80 -21.07 -14.04
C VAL A 331 -25.70 -21.75 -13.22
N GLY A 332 -24.58 -21.08 -13.00
CA GLY A 332 -23.49 -21.65 -12.21
C GLY A 332 -23.71 -21.37 -10.73
N PRO A 333 -22.71 -21.66 -9.89
CA PRO A 333 -22.83 -21.37 -8.47
C PRO A 333 -22.74 -19.89 -8.15
N THR A 334 -23.86 -19.18 -8.23
CA THR A 334 -23.86 -17.73 -8.12
C THR A 334 -23.22 -17.27 -6.80
N VAL A 335 -23.60 -17.89 -5.70
CA VAL A 335 -23.13 -17.44 -4.41
C VAL A 335 -21.62 -17.66 -4.28
N SER A 336 -21.12 -18.76 -4.83
CA SER A 336 -19.70 -19.04 -4.78
C SER A 336 -18.92 -18.01 -5.61
N ILE A 337 -19.46 -17.63 -6.77
CA ILE A 337 -18.83 -16.61 -7.59
C ILE A 337 -18.76 -15.30 -6.81
N LEU A 338 -19.87 -14.92 -6.20
CA LEU A 338 -19.92 -13.65 -5.48
C LEU A 338 -19.02 -13.68 -4.25
N ASN A 339 -18.82 -14.86 -3.65
CA ASN A 339 -17.84 -14.99 -2.58
C ASN A 339 -16.42 -14.82 -3.12
N LEU A 340 -16.14 -15.40 -4.29
CA LEU A 340 -14.83 -15.30 -4.90
C LEU A 340 -14.45 -13.84 -5.17
N LEU A 341 -15.41 -13.02 -5.53
CA LEU A 341 -15.09 -11.69 -5.99
C LEU A 341 -14.26 -10.91 -4.96
N PRO A 342 -14.78 -10.63 -3.73
CA PRO A 342 -13.95 -9.94 -2.75
C PRO A 342 -12.70 -10.71 -2.38
N GLY A 343 -12.79 -12.03 -2.32
CA GLY A 343 -11.62 -12.85 -2.05
C GLY A 343 -10.54 -12.69 -3.13
N SER A 344 -10.96 -12.66 -4.38
CA SER A 344 -10.04 -12.48 -5.50
C SER A 344 -9.33 -11.15 -5.39
N ILE A 345 -10.07 -10.06 -5.19
CA ILE A 345 -9.46 -8.75 -5.10
C ILE A 345 -8.56 -8.63 -3.88
N GLY A 346 -8.93 -9.16 -2.73
CA GLY A 346 -8.12 -9.00 -1.54
C GLY A 346 -6.79 -9.71 -1.70
N ASN A 347 -6.81 -10.99 -2.03
CA ASN A 347 -5.61 -11.77 -2.22
C ASN A 347 -4.71 -11.20 -3.35
N TYR A 348 -5.27 -10.57 -4.39
CA TYR A 348 -4.50 -9.88 -5.39
C TYR A 348 -3.64 -8.80 -4.77
N LEU A 349 -4.27 -7.81 -4.13
CA LEU A 349 -3.60 -6.66 -3.54
C LEU A 349 -2.76 -7.05 -2.31
N SER A 350 -3.00 -8.21 -1.73
CA SER A 350 -2.15 -8.76 -0.70
C SER A 350 -0.84 -9.25 -1.28
N ASN A 351 -0.88 -10.11 -2.32
CA ASN A 351 0.28 -10.70 -2.94
C ASN A 351 0.75 -9.98 -4.21
N PHE A 352 0.34 -8.73 -4.47
CA PHE A 352 0.68 -8.01 -5.66
C PHE A 352 2.17 -7.81 -5.86
N PHE A 353 2.97 -7.67 -4.79
CA PHE A 353 4.37 -7.27 -4.88
C PHE A 353 5.25 -8.47 -4.54
N GLN A 354 4.61 -9.56 -4.19
CA GLN A 354 5.27 -10.82 -3.97
C GLN A 354 5.18 -11.61 -5.25
N MET A 355 4.12 -11.40 -6.06
CA MET A 355 4.10 -11.96 -7.40
C MET A 355 4.93 -11.11 -8.36
N ALA A 356 4.98 -9.80 -8.15
CA ALA A 356 5.81 -8.94 -8.99
C ALA A 356 7.29 -9.25 -8.82
N GLY A 357 7.67 -9.90 -7.71
CA GLY A 357 9.05 -10.23 -7.44
C GLY A 357 9.39 -11.67 -7.79
N ARG A 358 8.41 -12.48 -8.16
CA ARG A 358 8.69 -13.85 -8.53
C ARG A 358 9.54 -13.88 -9.80
N THR A 359 10.61 -14.67 -9.76
CA THR A 359 11.56 -14.73 -10.87
C THR A 359 12.13 -16.14 -10.94
N ALA A 360 13.21 -16.31 -11.69
CA ALA A 360 13.81 -17.62 -11.87
C ALA A 360 14.59 -18.06 -10.64
N MET A 361 14.82 -17.17 -9.67
CA MET A 361 15.50 -17.52 -8.44
C MET A 361 14.53 -17.88 -7.32
N SER A 362 13.22 -17.90 -7.59
CA SER A 362 12.20 -18.18 -6.60
C SER A 362 11.89 -19.67 -6.57
N ALA A 363 11.35 -20.13 -5.44
CA ALA A 363 11.13 -21.54 -5.17
C ALA A 363 12.45 -22.31 -5.20
N ASP A 364 13.50 -21.72 -4.58
CA ASP A 364 14.84 -22.29 -4.61
C ASP A 364 15.32 -22.51 -6.04
N GLY A 365 15.05 -21.53 -6.90
CA GLY A 365 15.55 -21.51 -8.26
C GLY A 365 15.01 -22.65 -9.13
N THR A 366 13.68 -22.87 -9.11
CA THR A 366 13.09 -23.88 -9.98
C THR A 366 11.80 -23.38 -10.64
N ALA A 367 11.65 -22.05 -10.75
CA ALA A 367 10.45 -21.44 -11.29
C ALA A 367 10.62 -20.97 -12.74
N GLY A 368 11.74 -21.33 -13.39
CA GLY A 368 12.01 -20.87 -14.74
C GLY A 368 10.98 -21.37 -15.74
N GLU A 369 10.66 -22.65 -15.72
CA GLU A 369 9.76 -23.22 -16.70
C GLU A 369 8.35 -22.64 -16.53
N TRP A 370 7.90 -22.49 -15.29
CA TRP A 370 6.59 -21.94 -15.03
C TRP A 370 6.50 -20.52 -15.55
N LEU A 371 7.52 -19.69 -15.29
CA LEU A 371 7.51 -18.32 -15.78
C LEU A 371 7.52 -18.29 -17.30
N GLY A 372 8.32 -19.14 -17.93
CA GLY A 372 8.34 -19.20 -19.37
C GLY A 372 6.98 -19.56 -19.96
N SER A 373 6.24 -20.44 -19.29
CA SER A 373 4.95 -20.89 -19.78
C SER A 373 3.84 -19.86 -19.51
N TRP A 374 3.93 -19.15 -18.38
CA TRP A 374 2.83 -18.32 -17.92
C TRP A 374 3.17 -16.83 -17.93
N THR A 375 4.13 -16.39 -17.14
CA THR A 375 4.27 -14.95 -16.92
C THR A 375 5.03 -14.28 -18.06
N ILE A 376 6.17 -14.83 -18.45
CA ILE A 376 6.96 -14.21 -19.49
C ILE A 376 6.24 -14.30 -20.84
N PHE A 377 5.51 -15.37 -21.08
CA PHE A 377 4.72 -15.45 -22.29
C PHE A 377 3.68 -14.35 -22.33
N TYR A 378 2.97 -14.13 -21.22
CA TYR A 378 1.97 -13.08 -21.19
C TYR A 378 2.60 -11.72 -21.38
N TRP A 379 3.69 -11.44 -20.69
CA TRP A 379 4.33 -10.14 -20.75
C TRP A 379 4.85 -9.88 -22.14
N ALA A 380 5.36 -10.88 -22.86
CA ALA A 380 5.76 -10.72 -24.25
C ALA A 380 4.56 -10.53 -25.17
N TRP A 381 3.48 -11.26 -24.93
CA TRP A 381 2.29 -11.17 -25.76
C TRP A 381 1.69 -9.77 -25.71
N TRP A 382 1.52 -9.23 -24.51
CA TRP A 382 0.95 -7.91 -24.35
C TRP A 382 1.89 -6.82 -24.88
N ILE A 383 3.21 -7.01 -24.73
CA ILE A 383 4.17 -6.08 -25.32
C ILE A 383 4.04 -6.08 -26.84
N SER A 384 3.88 -7.27 -27.44
CA SER A 384 3.78 -7.37 -28.89
C SER A 384 2.47 -6.76 -29.40
N TRP A 385 1.42 -6.80 -28.59
CA TRP A 385 0.18 -6.13 -28.96
C TRP A 385 0.20 -4.63 -28.67
N SER A 386 1.16 -4.15 -27.88
CA SER A 386 1.23 -2.74 -27.49
C SER A 386 1.23 -1.77 -28.67
N PRO A 387 1.98 -1.97 -29.78
CA PRO A 387 2.06 -0.95 -30.82
C PRO A 387 0.69 -0.54 -31.38
N PHE A 388 -0.06 -1.51 -31.92
CA PHE A 388 -1.29 -1.15 -32.61
C PHE A 388 -2.41 -0.83 -31.62
N VAL A 389 -2.42 -1.47 -30.46
CA VAL A 389 -3.40 -1.10 -29.46
C VAL A 389 -3.16 0.32 -28.97
N GLY A 390 -1.90 0.69 -28.76
CA GLY A 390 -1.58 2.03 -28.32
C GLY A 390 -1.93 3.08 -29.38
N MET A 391 -1.66 2.77 -30.64
CA MET A 391 -2.00 3.69 -31.71
C MET A 391 -3.51 3.88 -31.78
N PHE A 392 -4.28 2.81 -31.62
CA PHE A 392 -5.73 2.94 -31.62
C PHE A 392 -6.21 3.74 -30.41
N LEU A 393 -5.65 3.47 -29.23
CA LEU A 393 -6.05 4.19 -28.03
C LEU A 393 -5.80 5.69 -28.21
N ALA A 394 -4.65 6.04 -28.80
CA ALA A 394 -4.36 7.43 -29.11
C ALA A 394 -5.40 7.98 -30.09
N ARG A 395 -5.81 7.17 -31.06
CA ARG A 395 -6.73 7.63 -32.08
C ARG A 395 -8.07 8.08 -31.49
N ILE A 396 -8.60 7.31 -30.53
CA ILE A 396 -9.95 7.56 -30.04
C ILE A 396 -9.92 8.29 -28.70
N SER A 397 -8.82 8.97 -28.37
CA SER A 397 -8.68 9.66 -27.10
C SER A 397 -8.18 11.08 -27.32
N ARG A 398 -8.77 11.78 -28.28
CA ARG A 398 -8.48 13.19 -28.46
C ARG A 398 -9.31 14.00 -27.47
N GLY A 399 -8.68 14.97 -26.81
CA GLY A 399 -9.36 15.83 -25.87
C GLY A 399 -9.80 15.10 -24.61
N ARG A 400 -8.93 14.25 -24.07
CA ARG A 400 -9.16 13.58 -22.81
C ARG A 400 -7.92 13.84 -21.97
N SER A 401 -8.09 14.19 -20.71
CA SER A 401 -6.97 14.53 -19.86
C SER A 401 -5.96 13.36 -19.76
N ILE A 402 -4.68 13.62 -19.48
CA ILE A 402 -3.69 12.57 -19.33
C ILE A 402 -4.01 11.63 -18.16
N ARG A 403 -5.03 11.92 -17.32
CA ARG A 403 -5.43 11.12 -16.17
C ARG A 403 -6.74 10.39 -16.41
N GLU A 404 -7.69 11.03 -17.08
CA GLU A 404 -8.90 10.32 -17.50
C GLU A 404 -8.50 9.14 -18.39
N PHE A 405 -7.59 9.35 -19.35
CA PHE A 405 -7.04 8.27 -20.16
C PHE A 405 -6.34 7.22 -19.31
N ILE A 406 -5.38 7.62 -18.45
CA ILE A 406 -4.59 6.67 -17.68
C ILE A 406 -5.41 6.00 -16.58
N LEU A 407 -6.71 6.28 -16.47
CA LEU A 407 -7.52 5.71 -15.40
C LEU A 407 -8.74 5.06 -16.01
N GLY A 408 -8.96 5.27 -17.30
CA GLY A 408 -10.07 4.65 -17.99
C GLY A 408 -9.49 3.48 -18.73
N VAL A 409 -8.18 3.51 -18.92
CA VAL A 409 -7.50 2.38 -19.54
C VAL A 409 -7.08 1.37 -18.48
N LEU A 410 -6.59 1.84 -17.33
CA LEU A 410 -6.13 0.93 -16.29
C LEU A 410 -7.29 0.22 -15.57
N LEU A 411 -8.36 0.94 -15.25
CA LEU A 411 -9.34 0.46 -14.27
C LEU A 411 -10.53 -0.24 -14.90
N VAL A 412 -11.10 0.29 -15.98
CA VAL A 412 -12.29 -0.34 -16.52
C VAL A 412 -11.97 -1.76 -17.00
N PRO A 413 -10.93 -1.97 -17.87
CA PRO A 413 -10.63 -3.30 -18.33
C PRO A 413 -10.19 -4.24 -17.21
N ALA A 414 -9.50 -3.71 -16.21
CA ALA A 414 -9.13 -4.53 -15.05
C ALA A 414 -10.38 -5.03 -14.31
N GLY A 415 -11.39 -4.18 -14.16
CA GLY A 415 -12.61 -4.63 -13.53
C GLY A 415 -13.37 -5.65 -14.37
N VAL A 416 -13.44 -5.43 -15.67
CA VAL A 416 -14.11 -6.39 -16.53
C VAL A 416 -13.40 -7.73 -16.46
N SER A 417 -12.07 -7.73 -16.50
CA SER A 417 -11.29 -8.95 -16.40
C SER A 417 -11.54 -9.63 -15.07
N THR A 418 -11.58 -8.86 -13.99
CA THR A 418 -11.85 -9.41 -12.66
C THR A 418 -13.17 -10.18 -12.66
N VAL A 419 -14.23 -9.55 -13.19
CA VAL A 419 -15.53 -10.17 -13.22
C VAL A 419 -15.52 -11.43 -14.09
N TRP A 420 -14.89 -11.36 -15.27
CA TRP A 420 -14.84 -12.47 -16.18
C TRP A 420 -14.18 -13.67 -15.53
N PHE A 421 -13.00 -13.45 -14.95
CA PHE A 421 -12.26 -14.56 -14.36
C PHE A 421 -12.97 -15.08 -13.13
N SER A 422 -13.55 -14.20 -12.32
CA SER A 422 -14.34 -14.63 -11.17
C SER A 422 -15.42 -15.60 -11.61
N ILE A 423 -16.23 -15.20 -12.58
CA ILE A 423 -17.31 -16.06 -13.04
C ILE A 423 -16.78 -17.40 -13.54
N PHE A 424 -15.92 -17.38 -14.54
CA PHE A 424 -15.54 -18.63 -15.22
C PHE A 424 -14.59 -19.48 -14.40
N GLY A 425 -13.57 -18.88 -13.82
CA GLY A 425 -12.64 -19.61 -12.98
C GLY A 425 -13.31 -20.14 -11.71
N GLY A 426 -14.25 -19.36 -11.15
CA GLY A 426 -14.98 -19.80 -9.99
C GLY A 426 -15.87 -20.99 -10.31
N THR A 427 -16.56 -20.93 -11.45
CA THR A 427 -17.39 -22.06 -11.84
C THR A 427 -16.54 -23.31 -12.00
N ALA A 428 -15.39 -23.17 -12.67
CA ALA A 428 -14.51 -24.31 -12.90
C ALA A 428 -13.99 -24.86 -11.58
N ILE A 429 -13.56 -23.99 -10.67
CA ILE A 429 -13.00 -24.42 -9.40
C ILE A 429 -14.07 -25.06 -8.53
N VAL A 430 -15.28 -24.53 -8.55
CA VAL A 430 -16.35 -25.12 -7.77
C VAL A 430 -16.70 -26.51 -8.31
N PHE A 431 -16.75 -26.66 -9.63
CA PHE A 431 -16.97 -27.97 -10.21
C PHE A 431 -15.85 -28.94 -9.85
N GLU A 432 -14.61 -28.46 -9.82
CA GLU A 432 -13.49 -29.29 -9.41
C GLU A 432 -13.65 -29.74 -7.97
N GLN A 433 -14.05 -28.81 -7.09
CA GLN A 433 -14.21 -29.15 -5.68
C GLN A 433 -15.35 -30.14 -5.46
N ASN A 434 -16.45 -29.98 -6.20
CA ASN A 434 -17.65 -30.79 -6.00
C ASN A 434 -17.57 -32.14 -6.71
N GLY A 435 -16.49 -32.41 -7.46
CA GLY A 435 -16.29 -33.70 -8.08
C GLY A 435 -16.73 -33.77 -9.55
N GLU A 436 -17.46 -32.76 -10.04
CA GLU A 436 -17.85 -32.73 -11.43
C GLU A 436 -16.77 -32.06 -12.30
N SER A 437 -15.53 -32.56 -12.19
CA SER A 437 -14.40 -31.92 -12.84
C SER A 437 -14.59 -31.91 -14.36
N ILE A 438 -13.99 -30.91 -15.00
CA ILE A 438 -14.08 -30.72 -16.45
C ILE A 438 -12.70 -30.67 -17.09
N TRP A 439 -11.66 -31.11 -16.37
CA TRP A 439 -10.31 -31.09 -16.91
C TRP A 439 -10.22 -31.97 -18.15
N GLY A 440 -10.81 -33.17 -18.10
CA GLY A 440 -10.78 -34.05 -19.25
C GLY A 440 -9.33 -34.44 -19.58
N ASP A 441 -8.95 -34.27 -20.86
CA ASP A 441 -7.62 -34.65 -21.30
C ASP A 441 -6.60 -33.53 -21.13
N GLY A 442 -7.01 -32.38 -20.56
CA GLY A 442 -6.09 -31.29 -20.30
C GLY A 442 -5.91 -30.31 -21.46
N ALA A 443 -6.68 -30.48 -22.54
CA ALA A 443 -6.59 -29.57 -23.67
C ALA A 443 -7.17 -28.21 -23.27
N ALA A 444 -6.34 -27.16 -23.37
CA ALA A 444 -6.76 -25.82 -22.96
C ALA A 444 -7.91 -25.29 -23.81
N GLU A 445 -8.04 -25.79 -25.04
CA GLU A 445 -9.11 -25.35 -25.93
C GLU A 445 -10.40 -26.11 -25.67
N GLU A 446 -10.36 -27.22 -24.93
CA GLU A 446 -11.55 -28.02 -24.66
C GLU A 446 -12.08 -27.82 -23.24
N GLN A 447 -11.62 -26.78 -22.54
CA GLN A 447 -12.11 -26.52 -21.20
C GLN A 447 -13.45 -25.81 -21.26
N LEU A 448 -13.50 -24.66 -21.92
CA LEU A 448 -14.68 -23.79 -21.86
C LEU A 448 -15.92 -24.56 -22.30
N PHE A 449 -15.85 -25.22 -23.44
CA PHE A 449 -17.01 -25.97 -23.92
C PHE A 449 -17.34 -27.12 -22.97
N GLY A 450 -16.31 -27.77 -22.45
CA GLY A 450 -16.50 -28.76 -21.40
C GLY A 450 -17.26 -28.17 -20.20
N LEU A 451 -16.94 -26.94 -19.84
CA LEU A 451 -17.69 -26.25 -18.80
C LEU A 451 -19.10 -25.96 -19.28
N LEU A 452 -19.24 -25.43 -20.49
CA LEU A 452 -20.54 -24.98 -20.95
C LEU A 452 -21.51 -26.14 -21.04
N HIS A 453 -21.05 -27.30 -21.53
CA HIS A 453 -21.89 -28.47 -21.64
C HIS A 453 -22.24 -29.08 -20.27
N ALA A 454 -21.59 -28.62 -19.20
CA ALA A 454 -21.91 -29.08 -17.85
C ALA A 454 -23.03 -28.27 -17.19
N LEU A 455 -23.63 -27.32 -17.92
CA LEU A 455 -24.73 -26.52 -17.41
C LEU A 455 -25.97 -26.73 -18.28
N PRO A 456 -27.18 -26.72 -17.70
CA PRO A 456 -28.38 -26.85 -18.52
C PRO A 456 -28.55 -25.65 -19.45
N GLY A 457 -28.91 -25.95 -20.72
CA GLY A 457 -29.02 -24.93 -21.74
C GLY A 457 -27.67 -24.49 -22.31
N GLY A 458 -26.58 -25.19 -21.97
CA GLY A 458 -25.26 -24.86 -22.49
C GLY A 458 -24.98 -25.43 -23.87
N GLN A 459 -25.82 -26.35 -24.36
CA GLN A 459 -25.63 -26.91 -25.69
C GLN A 459 -25.83 -25.87 -26.79
N ILE A 460 -26.56 -24.79 -26.50
CA ILE A 460 -26.77 -23.73 -27.48
C ILE A 460 -25.91 -22.50 -27.19
N MET A 461 -25.05 -22.56 -26.17
CA MET A 461 -24.12 -21.48 -25.87
C MET A 461 -22.75 -21.70 -26.50
N GLY A 462 -22.49 -22.90 -27.03
CA GLY A 462 -21.29 -23.12 -27.83
C GLY A 462 -21.28 -22.21 -29.05
N ILE A 463 -22.42 -22.08 -29.71
CA ILE A 463 -22.54 -21.24 -30.89
C ILE A 463 -22.25 -19.78 -30.52
N ILE A 464 -22.80 -19.34 -29.39
CA ILE A 464 -22.57 -17.97 -28.95
C ILE A 464 -21.09 -17.78 -28.60
N ALA A 465 -20.46 -18.79 -28.01
CA ALA A 465 -19.05 -18.71 -27.70
C ALA A 465 -18.22 -18.55 -28.99
N MET A 466 -18.57 -19.31 -30.03
CA MET A 466 -17.84 -19.21 -31.28
C MET A 466 -18.05 -17.84 -31.93
N ILE A 467 -19.29 -17.42 -32.02
CA ILE A 467 -19.57 -16.10 -32.54
C ILE A 467 -18.71 -15.12 -31.75
N LEU A 468 -18.67 -15.24 -30.42
CA LEU A 468 -17.92 -14.32 -29.58
C LEU A 468 -16.42 -14.49 -29.83
N LEU A 469 -15.90 -15.73 -29.92
CA LEU A 469 -14.49 -15.96 -30.25
C LEU A 469 -14.12 -15.15 -31.50
N GLY A 470 -14.84 -15.41 -32.61
CA GLY A 470 -14.67 -14.67 -33.84
C GLY A 470 -14.70 -13.16 -33.59
N THR A 471 -15.83 -12.60 -33.16
CA THR A 471 -15.97 -11.15 -33.05
C THR A 471 -14.78 -10.55 -32.32
N PHE A 472 -14.31 -11.18 -31.24
CA PHE A 472 -13.21 -10.63 -30.46
C PHE A 472 -12.02 -10.41 -31.41
N PHE A 473 -11.66 -11.50 -32.10
CA PHE A 473 -10.57 -11.45 -33.06
C PHE A 473 -10.86 -10.42 -34.15
N ILE A 474 -12.01 -10.50 -34.82
CA ILE A 474 -12.23 -9.61 -35.96
C ILE A 474 -11.97 -8.18 -35.48
N THR A 475 -12.60 -7.77 -34.38
CA THR A 475 -12.53 -6.40 -33.91
C THR A 475 -11.08 -6.00 -33.70
N SER A 476 -10.26 -6.79 -32.98
CA SER A 476 -8.89 -6.35 -32.71
C SER A 476 -7.99 -6.45 -33.93
N ALA A 477 -8.15 -7.48 -34.77
CA ALA A 477 -7.28 -7.67 -35.91
C ALA A 477 -7.72 -6.76 -37.03
N ASP A 478 -8.76 -5.98 -36.84
CA ASP A 478 -9.14 -4.95 -37.78
C ASP A 478 -8.57 -3.67 -37.21
N SER A 479 -8.41 -3.58 -35.88
CA SER A 479 -7.70 -2.41 -35.41
C SER A 479 -6.20 -2.48 -35.79
N ALA A 480 -5.64 -3.70 -35.91
CA ALA A 480 -4.23 -3.94 -36.13
C ALA A 480 -3.85 -3.64 -37.57
N SER A 481 -4.63 -4.15 -38.54
CA SER A 481 -4.30 -3.97 -39.94
C SER A 481 -4.41 -2.50 -40.35
N THR A 482 -5.42 -1.80 -39.84
CA THR A 482 -5.54 -0.37 -40.08
C THR A 482 -4.27 0.37 -39.60
N VAL A 483 -3.82 0.05 -38.39
CA VAL A 483 -2.68 0.75 -37.84
C VAL A 483 -1.40 0.38 -38.59
N MET A 484 -1.29 -0.87 -39.05
CA MET A 484 -0.11 -1.27 -39.82
C MET A 484 -0.06 -0.49 -41.12
N GLY A 485 -1.19 -0.33 -41.80
CA GLY A 485 -1.24 0.51 -42.99
C GLY A 485 -0.84 1.95 -42.68
N THR A 486 -1.31 2.46 -41.53
CA THR A 486 -0.95 3.81 -41.13
C THR A 486 0.56 3.94 -40.94
N MET A 487 1.18 2.97 -40.28
CA MET A 487 2.63 3.02 -40.07
C MET A 487 3.36 2.95 -41.41
N SER A 488 2.84 2.15 -42.35
CA SER A 488 3.49 1.97 -43.64
C SER A 488 3.22 3.14 -44.60
N GLN A 489 2.34 4.09 -44.23
CA GLN A 489 2.08 5.25 -45.06
C GLN A 489 2.41 6.55 -44.30
N HIS A 490 3.53 6.55 -43.56
CA HIS A 490 4.03 7.76 -42.91
C HIS A 490 3.01 8.39 -41.96
N GLY A 491 2.09 7.59 -41.42
CA GLY A 491 1.11 8.10 -40.47
C GLY A 491 -0.20 8.56 -41.11
N GLN A 492 -0.53 8.04 -42.30
CA GLN A 492 -1.82 8.35 -42.90
C GLN A 492 -2.94 7.75 -42.06
N LEU A 493 -3.89 8.59 -41.64
CA LEU A 493 -5.03 8.11 -40.85
C LEU A 493 -5.84 7.08 -41.63
N GLU A 494 -6.12 7.38 -42.90
CA GLU A 494 -6.89 6.48 -43.75
C GLU A 494 -5.91 5.68 -44.60
N ALA A 495 -5.60 4.47 -44.15
CA ALA A 495 -4.60 3.63 -44.79
C ALA A 495 -5.08 3.19 -46.18
N ASN A 496 -4.12 2.71 -46.97
CA ASN A 496 -4.42 2.16 -48.27
C ASN A 496 -5.12 0.81 -48.11
N LYS A 497 -6.07 0.53 -48.99
CA LYS A 497 -6.81 -0.72 -48.96
C LYS A 497 -5.86 -1.91 -49.21
N TRP A 498 -4.97 -1.76 -50.20
CA TRP A 498 -4.12 -2.87 -50.59
C TRP A 498 -3.09 -3.17 -49.51
N VAL A 499 -2.55 -2.13 -48.87
CA VAL A 499 -1.60 -2.35 -47.79
C VAL A 499 -2.28 -3.06 -46.62
N THR A 500 -3.52 -2.65 -46.31
CA THR A 500 -4.29 -3.29 -45.25
C THR A 500 -4.50 -4.77 -45.56
N ALA A 501 -4.90 -5.07 -46.79
CA ALA A 501 -5.14 -6.45 -47.18
C ALA A 501 -3.85 -7.25 -47.12
N ALA A 502 -2.73 -6.66 -47.55
CA ALA A 502 -1.45 -7.35 -47.53
C ALA A 502 -1.06 -7.70 -46.10
N TRP A 503 -1.24 -6.76 -45.17
CA TRP A 503 -0.87 -7.02 -43.79
C TRP A 503 -1.79 -8.08 -43.16
N GLY A 504 -3.08 -8.03 -43.50
CA GLY A 504 -3.99 -9.06 -43.03
C GLY A 504 -3.58 -10.45 -43.52
N VAL A 505 -3.24 -10.55 -44.81
CA VAL A 505 -2.84 -11.82 -45.36
C VAL A 505 -1.53 -12.30 -44.73
N ALA A 506 -0.61 -11.38 -44.48
CA ALA A 506 0.65 -11.75 -43.84
C ALA A 506 0.41 -12.31 -42.44
N THR A 507 -0.47 -11.64 -41.68
CA THR A 507 -0.81 -12.11 -40.35
C THR A 507 -1.40 -13.52 -40.41
N ALA A 508 -2.34 -13.72 -41.34
CA ALA A 508 -2.98 -15.02 -41.49
C ALA A 508 -1.95 -16.10 -41.81
N ALA A 509 -1.05 -15.78 -42.74
CA ALA A 509 -0.02 -16.70 -43.14
C ALA A 509 0.83 -17.11 -41.94
N ILE A 510 1.32 -16.12 -41.20
CA ILE A 510 2.21 -16.41 -40.09
C ILE A 510 1.49 -17.25 -39.03
N GLY A 511 0.23 -16.92 -38.75
CA GLY A 511 -0.56 -17.73 -37.82
C GLY A 511 -0.66 -19.18 -38.27
N LEU A 512 -0.95 -19.38 -39.57
CA LEU A 512 -1.09 -20.73 -40.09
C LEU A 512 0.22 -21.50 -39.98
N THR A 513 1.34 -20.86 -40.31
CA THR A 513 2.64 -21.52 -40.24
C THR A 513 2.97 -21.90 -38.80
N LEU A 514 2.73 -20.99 -37.86
CA LEU A 514 3.02 -21.28 -36.46
C LEU A 514 2.17 -22.43 -35.95
N LEU A 515 0.90 -22.49 -36.40
CA LEU A 515 0.00 -23.55 -35.94
C LEU A 515 0.40 -24.89 -36.54
N LEU A 516 0.67 -24.91 -37.86
CA LEU A 516 0.94 -26.17 -38.54
C LEU A 516 2.24 -26.81 -38.02
N SER A 517 3.29 -26.01 -37.88
CA SER A 517 4.56 -26.51 -37.39
C SER A 517 4.39 -27.02 -35.96
N GLY A 518 5.02 -28.17 -35.66
CA GLY A 518 4.91 -28.76 -34.34
C GLY A 518 3.45 -29.07 -33.98
N GLY A 519 2.75 -29.75 -34.90
CA GLY A 519 1.35 -30.07 -34.73
C GLY A 519 1.04 -30.87 -33.45
N ASP A 520 2.04 -31.59 -32.94
CA ASP A 520 1.86 -32.38 -31.72
C ASP A 520 1.51 -31.46 -30.55
N ASN A 521 2.24 -30.34 -30.42
CA ASN A 521 1.97 -29.34 -29.40
C ASN A 521 1.08 -28.23 -29.96
N ALA A 522 1.59 -27.50 -30.97
CA ALA A 522 0.87 -26.42 -31.63
C ALA A 522 0.62 -25.22 -30.73
N LEU A 523 1.07 -25.25 -29.47
CA LEU A 523 0.84 -24.16 -28.53
C LEU A 523 2.16 -23.62 -27.99
N SER A 524 3.12 -24.51 -27.68
CA SER A 524 4.44 -24.06 -27.25
C SER A 524 5.13 -23.26 -28.34
N ASN A 525 4.92 -23.61 -29.60
CA ASN A 525 5.54 -22.91 -30.71
C ASN A 525 5.09 -21.45 -30.74
N LEU A 526 3.78 -21.22 -30.55
CA LEU A 526 3.26 -19.87 -30.53
C LEU A 526 3.92 -19.04 -29.42
N GLN A 527 4.03 -19.63 -28.24
CA GLN A 527 4.59 -18.92 -27.11
C GLN A 527 6.07 -18.59 -27.33
N ASN A 528 6.83 -19.57 -27.84
CA ASN A 528 8.23 -19.35 -28.12
C ASN A 528 8.41 -18.21 -29.13
N VAL A 529 7.65 -18.27 -30.23
CA VAL A 529 7.83 -17.31 -31.29
C VAL A 529 7.42 -15.92 -30.82
N THR A 530 6.33 -15.81 -30.05
CA THR A 530 5.91 -14.48 -29.64
C THR A 530 6.91 -13.89 -28.64
N ILE A 531 7.48 -14.70 -27.76
CA ILE A 531 8.47 -14.18 -26.84
C ILE A 531 9.70 -13.67 -27.60
N VAL A 532 10.15 -14.46 -28.57
CA VAL A 532 11.31 -14.07 -29.36
C VAL A 532 11.01 -12.79 -30.15
N ALA A 533 9.83 -12.69 -30.73
CA ALA A 533 9.51 -11.55 -31.57
C ALA A 533 9.31 -10.28 -30.74
N ALA A 534 8.80 -10.43 -29.51
CA ALA A 534 8.50 -9.28 -28.68
C ALA A 534 9.67 -8.88 -27.78
N THR A 535 10.77 -9.62 -27.78
CA THR A 535 11.93 -9.22 -26.99
C THR A 535 12.43 -7.84 -27.41
N PRO A 536 12.68 -7.54 -28.70
CA PRO A 536 13.16 -6.21 -29.08
C PRO A 536 12.27 -5.03 -28.66
N PHE A 537 10.94 -5.20 -28.64
CA PHE A 537 10.04 -4.09 -28.40
C PHE A 537 9.95 -3.70 -26.91
N LEU A 538 10.45 -4.54 -26.01
CA LEU A 538 10.48 -4.17 -24.61
C LEU A 538 11.33 -2.91 -24.40
N PHE A 539 12.47 -2.86 -25.09
CA PHE A 539 13.36 -1.70 -24.97
C PHE A 539 12.77 -0.48 -25.65
N VAL A 540 12.00 -0.69 -26.72
CA VAL A 540 11.28 0.42 -27.34
C VAL A 540 10.27 1.02 -26.36
N VAL A 541 9.59 0.18 -25.60
CA VAL A 541 8.63 0.67 -24.63
C VAL A 541 9.34 1.42 -23.50
N ILE A 542 10.51 0.92 -23.06
CA ILE A 542 11.25 1.61 -22.01
C ILE A 542 11.72 2.98 -22.50
N GLY A 543 12.25 3.03 -23.72
CA GLY A 543 12.61 4.30 -24.32
C GLY A 543 11.41 5.23 -24.45
N LEU A 544 10.24 4.66 -24.70
CA LEU A 544 9.02 5.45 -24.72
C LEU A 544 8.75 6.08 -23.37
N MET A 545 9.02 5.35 -22.29
CA MET A 545 8.87 5.94 -20.96
C MET A 545 9.73 7.19 -20.82
N PHE A 546 11.03 7.08 -21.15
CA PHE A 546 11.91 8.25 -21.02
C PHE A 546 11.48 9.39 -21.94
N ALA A 547 11.11 9.06 -23.19
CA ALA A 547 10.70 10.07 -24.13
C ALA A 547 9.45 10.79 -23.62
N LEU A 548 8.50 10.05 -23.08
CA LEU A 548 7.27 10.65 -22.58
C LEU A 548 7.56 11.57 -21.40
N VAL A 549 8.45 11.15 -20.50
CA VAL A 549 8.80 12.01 -19.37
C VAL A 549 9.40 13.32 -19.87
N LYS A 550 10.33 13.23 -20.84
CA LYS A 550 10.95 14.43 -21.39
C LYS A 550 9.91 15.34 -22.03
N ASP A 551 8.99 14.78 -22.81
CA ASP A 551 8.03 15.59 -23.52
C ASP A 551 7.02 16.22 -22.60
N LEU A 552 6.64 15.53 -21.53
CA LEU A 552 5.75 16.15 -20.56
C LEU A 552 6.49 17.25 -19.79
N SER A 553 7.76 17.02 -19.45
CA SER A 553 8.54 18.02 -18.74
C SER A 553 8.81 19.26 -19.59
N ASN A 554 8.77 19.13 -20.93
CA ASN A 554 9.05 20.25 -21.83
C ASN A 554 7.76 20.77 -22.45
N ASP A 555 6.70 20.86 -21.65
CA ASP A 555 5.46 21.45 -22.12
C ASP A 555 5.58 22.97 -22.14
N VAL A 556 4.76 23.62 -22.96
CA VAL A 556 4.82 25.07 -23.11
C VAL A 556 4.45 25.74 -21.78
N ILE A 557 3.43 25.21 -21.10
CA ILE A 557 2.96 25.82 -19.87
C ILE A 557 4.05 25.72 -18.78
N TYR A 558 4.76 24.60 -18.74
CA TYR A 558 5.87 24.47 -17.81
C TYR A 558 7.10 25.20 -18.33
N LEU A 559 7.28 25.29 -19.65
CA LEU A 559 8.42 25.97 -20.22
C LEU A 559 8.43 27.45 -19.81
N GLU A 560 7.26 28.10 -19.96
CA GLU A 560 7.17 29.53 -19.73
C GLU A 560 7.55 29.92 -18.30
N TYR A 561 7.43 28.96 -17.36
CA TYR A 561 7.75 29.22 -15.96
C TYR A 561 9.12 28.66 -15.54
N ARG A 562 9.61 27.62 -16.21
CA ARG A 562 10.86 27.00 -15.83
C ARG A 562 12.06 27.60 -16.58
N GLU A 563 11.83 28.32 -17.68
CA GLU A 563 12.92 28.97 -18.39
C GLU A 563 13.65 29.98 -17.51
N GLN A 564 12.89 30.69 -16.66
CA GLN A 564 13.46 31.68 -15.76
C GLN A 564 14.48 31.05 -14.82
N GLN A 565 14.21 29.84 -14.34
CA GLN A 565 15.13 29.15 -13.44
C GLN A 565 16.49 28.94 -14.10
N ARG A 566 16.49 28.43 -15.33
CA ARG A 566 17.73 28.21 -16.06
C ARG A 566 18.43 29.54 -16.33
N PHE A 567 17.64 30.56 -16.70
CA PHE A 567 18.22 31.86 -17.02
C PHE A 567 18.93 32.47 -15.81
N ASN A 568 18.31 32.34 -14.64
CA ASN A 568 18.82 32.98 -13.42
C ASN A 568 19.86 32.10 -12.71
N ALA A 569 19.98 30.83 -13.07
CA ALA A 569 20.95 29.96 -12.41
C ALA A 569 22.38 30.48 -12.62
N ARG A 570 22.71 30.86 -13.85
CA ARG A 570 24.05 31.36 -14.13
C ARG A 570 24.28 32.69 -13.41
N LEU A 571 23.27 33.56 -13.40
CA LEU A 571 23.42 34.86 -12.76
C LEU A 571 23.62 34.71 -11.26
N ALA A 572 22.94 33.74 -10.65
CA ALA A 572 23.04 33.52 -9.20
C ALA A 572 24.44 33.08 -8.78
N ARG A 573 25.22 32.50 -9.70
CA ARG A 573 26.55 32.01 -9.37
C ARG A 573 27.46 33.18 -8.92
N SER B 65 -45.54 18.87 15.19
CA SER B 65 -45.69 18.45 13.77
C SER B 65 -45.09 17.06 13.58
N LEU B 66 -45.60 16.09 14.34
CA LEU B 66 -45.11 14.72 14.26
C LEU B 66 -45.41 14.14 12.87
N ASN B 67 -44.59 13.17 12.46
CA ASN B 67 -44.78 12.58 11.15
C ASN B 67 -46.05 11.76 11.14
N TRP B 68 -46.09 10.73 11.99
CA TRP B 68 -47.26 9.86 12.11
C TRP B 68 -47.33 8.84 10.99
N SER B 69 -46.44 8.93 10.00
CA SER B 69 -46.38 7.96 8.91
C SER B 69 -45.06 7.18 8.92
N VAL B 70 -43.99 7.79 9.48
CA VAL B 70 -42.76 7.07 9.72
C VAL B 70 -42.79 6.42 11.10
N ILE B 71 -43.56 6.98 12.04
CA ILE B 71 -43.63 6.44 13.38
C ILE B 71 -44.37 5.11 13.41
N VAL B 72 -45.50 5.02 12.72
CA VAL B 72 -46.38 3.87 12.89
C VAL B 72 -45.71 2.59 12.39
N PRO B 73 -45.09 2.55 11.19
CA PRO B 73 -44.44 1.33 10.76
C PRO B 73 -43.36 0.83 11.71
N ALA B 74 -42.50 1.75 12.17
CA ALA B 74 -41.47 1.38 13.13
C ALA B 74 -42.08 0.86 14.44
N LEU B 75 -43.17 1.48 14.87
CA LEU B 75 -43.81 1.09 16.12
C LEU B 75 -44.38 -0.33 16.00
N VAL B 76 -45.03 -0.64 14.87
CA VAL B 76 -45.62 -1.96 14.77
C VAL B 76 -44.52 -3.01 14.64
N ILE B 77 -43.43 -2.72 13.91
CA ILE B 77 -42.36 -3.72 13.87
C ILE B 77 -41.78 -3.94 15.27
N VAL B 78 -41.56 -2.87 16.02
CA VAL B 78 -40.99 -3.01 17.36
C VAL B 78 -41.93 -3.80 18.27
N LEU B 79 -43.22 -3.48 18.25
CA LEU B 79 -44.17 -4.17 19.10
C LEU B 79 -44.30 -5.63 18.70
N ALA B 80 -44.31 -5.91 17.39
CA ALA B 80 -44.38 -7.28 16.93
C ALA B 80 -43.16 -8.06 17.44
N THR B 81 -41.98 -7.44 17.34
CA THR B 81 -40.76 -8.11 17.81
C THR B 81 -40.86 -8.39 19.31
N VAL B 82 -41.34 -7.41 20.09
CA VAL B 82 -41.42 -7.58 21.52
C VAL B 82 -42.38 -8.72 21.88
N VAL B 83 -43.56 -8.72 21.26
CA VAL B 83 -44.55 -9.75 21.57
C VAL B 83 -44.02 -11.13 21.17
N TRP B 84 -43.41 -11.22 19.98
CA TRP B 84 -42.90 -12.50 19.51
C TRP B 84 -41.80 -13.01 20.43
N GLY B 85 -40.90 -12.12 20.84
CA GLY B 85 -39.79 -12.53 21.69
C GLY B 85 -40.26 -12.99 23.07
N ILE B 86 -41.22 -12.26 23.64
CA ILE B 86 -41.62 -12.54 25.02
C ILE B 86 -42.52 -13.77 25.06
N GLY B 87 -43.65 -13.71 24.35
CA GLY B 87 -44.69 -14.74 24.47
C GLY B 87 -44.26 -16.08 23.87
N PHE B 88 -43.38 -16.04 22.85
CA PHE B 88 -42.87 -17.24 22.20
C PHE B 88 -41.34 -17.18 22.18
N LYS B 89 -40.69 -17.87 23.13
CA LYS B 89 -39.23 -17.82 23.27
C LYS B 89 -38.55 -18.99 22.52
N ASP B 90 -39.32 -19.79 21.77
CA ASP B 90 -38.79 -20.90 20.98
C ASP B 90 -38.90 -20.57 19.49
N SER B 91 -40.07 -20.07 19.08
CA SER B 91 -40.32 -19.68 17.70
C SER B 91 -39.41 -18.52 17.30
N PHE B 92 -39.27 -17.54 18.19
CA PHE B 92 -38.42 -16.40 17.92
C PHE B 92 -36.97 -16.83 17.73
N THR B 93 -36.48 -17.73 18.60
CA THR B 93 -35.11 -18.20 18.50
C THR B 93 -34.89 -18.94 17.17
N ASN B 94 -35.83 -19.82 16.82
CA ASN B 94 -35.71 -20.59 15.59
C ASN B 94 -35.69 -19.65 14.37
N PHE B 95 -36.59 -18.67 14.36
CA PHE B 95 -36.65 -17.75 13.24
C PHE B 95 -35.37 -16.93 13.15
N ALA B 96 -34.85 -16.48 14.29
CA ALA B 96 -33.62 -15.69 14.29
C ALA B 96 -32.46 -16.51 13.74
N SER B 97 -32.35 -17.77 14.16
CA SER B 97 -31.27 -18.64 13.68
C SER B 97 -31.38 -18.87 12.18
N SER B 98 -32.60 -19.18 11.71
CA SER B 98 -32.80 -19.43 10.29
C SER B 98 -32.47 -18.20 9.45
N ALA B 99 -32.96 -17.04 9.89
CA ALA B 99 -32.73 -15.80 9.17
C ALA B 99 -31.24 -15.46 9.16
N LEU B 100 -30.55 -15.69 10.28
CA LEU B 100 -29.12 -15.43 10.34
C LEU B 100 -28.39 -16.30 9.31
N SER B 101 -28.74 -17.59 9.27
CA SER B 101 -28.08 -18.50 8.34
C SER B 101 -28.30 -18.04 6.89
N ALA B 102 -29.57 -17.73 6.55
CA ALA B 102 -29.89 -17.31 5.19
C ALA B 102 -29.15 -16.03 4.81
N VAL B 103 -29.20 -15.04 5.72
CA VAL B 103 -28.60 -13.75 5.44
C VAL B 103 -27.10 -13.90 5.26
N VAL B 104 -26.45 -14.65 6.15
CA VAL B 104 -25.01 -14.82 6.03
C VAL B 104 -24.70 -15.48 4.70
N ASP B 105 -25.35 -16.61 4.42
CA ASP B 105 -25.04 -17.38 3.22
C ASP B 105 -25.22 -16.58 1.94
N ASN B 106 -26.21 -15.69 1.89
CA ASN B 106 -26.52 -14.99 0.66
C ASN B 106 -25.96 -13.56 0.59
N LEU B 107 -25.44 -12.99 1.69
CA LEU B 107 -24.97 -11.61 1.64
C LEU B 107 -23.67 -11.37 2.41
N GLY B 108 -22.97 -12.42 2.83
CA GLY B 108 -21.67 -12.21 3.41
C GLY B 108 -20.73 -11.52 2.43
N TRP B 109 -20.83 -11.87 1.15
CA TRP B 109 -20.02 -11.23 0.14
C TRP B 109 -20.32 -9.74 0.11
N ALA B 110 -21.59 -9.36 0.23
CA ALA B 110 -21.97 -7.94 0.17
C ALA B 110 -21.36 -7.19 1.34
N PHE B 111 -21.54 -7.73 2.54
CA PHE B 111 -20.96 -7.12 3.73
C PHE B 111 -19.45 -6.95 3.57
N ILE B 112 -18.77 -8.03 3.20
CA ILE B 112 -17.32 -8.05 3.16
C ILE B 112 -16.79 -7.14 2.06
N LEU B 113 -17.38 -7.16 0.87
CA LEU B 113 -16.89 -6.36 -0.24
C LEU B 113 -17.09 -4.87 0.04
N PHE B 114 -18.28 -4.51 0.49
CA PHE B 114 -18.56 -3.09 0.66
C PHE B 114 -17.90 -2.54 1.92
N GLY B 115 -17.53 -3.40 2.87
CA GLY B 115 -16.75 -2.95 4.00
C GLY B 115 -15.45 -2.27 3.55
N THR B 116 -14.78 -2.87 2.57
CA THR B 116 -13.54 -2.30 2.07
C THR B 116 -13.78 -1.21 1.03
N VAL B 117 -14.86 -1.34 0.28
CA VAL B 117 -15.20 -0.27 -0.67
C VAL B 117 -15.44 1.03 0.09
N PHE B 118 -16.03 0.96 1.29
CA PHE B 118 -16.27 2.17 2.06
C PHE B 118 -14.96 2.84 2.45
N VAL B 119 -13.97 2.07 2.87
CA VAL B 119 -12.70 2.63 3.27
C VAL B 119 -12.02 3.30 2.07
N PHE B 120 -12.00 2.60 0.93
CA PHE B 120 -11.39 3.17 -0.25
C PHE B 120 -12.13 4.45 -0.67
N PHE B 121 -13.46 4.42 -0.65
CA PHE B 121 -14.25 5.55 -1.10
C PHE B 121 -13.98 6.77 -0.24
N ILE B 122 -13.98 6.60 1.08
CA ILE B 122 -13.82 7.75 1.95
C ILE B 122 -12.40 8.29 1.84
N VAL B 123 -11.41 7.41 1.70
CA VAL B 123 -10.04 7.89 1.53
C VAL B 123 -9.91 8.69 0.24
N VAL B 124 -10.50 8.21 -0.85
CA VAL B 124 -10.44 8.91 -2.12
C VAL B 124 -11.13 10.27 -2.00
N ILE B 125 -12.30 10.31 -1.37
CA ILE B 125 -13.03 11.56 -1.24
C ILE B 125 -12.23 12.57 -0.43
N ALA B 126 -11.55 12.12 0.63
CA ALA B 126 -10.72 13.02 1.41
C ALA B 126 -9.52 13.50 0.60
N ALA B 127 -8.95 12.62 -0.23
CA ALA B 127 -7.77 12.98 -1.01
C ALA B 127 -8.11 13.85 -2.22
N SER B 128 -9.29 13.65 -2.81
CA SER B 128 -9.62 14.32 -4.06
C SER B 128 -9.86 15.81 -3.83
N LYS B 129 -10.23 16.49 -4.92
CA LYS B 129 -10.47 17.92 -4.88
C LYS B 129 -11.70 18.30 -4.05
N PHE B 130 -12.55 17.32 -3.71
CA PHE B 130 -13.70 17.59 -2.86
C PHE B 130 -13.29 17.82 -1.41
N GLY B 131 -12.06 17.43 -1.04
CA GLY B 131 -11.64 17.58 0.34
C GLY B 131 -11.64 19.03 0.81
N THR B 132 -11.47 19.97 -0.12
CA THR B 132 -11.35 21.37 0.25
C THR B 132 -12.69 22.00 0.60
N ILE B 133 -13.81 21.40 0.17
CA ILE B 133 -15.10 22.01 0.42
C ILE B 133 -15.27 22.20 1.92
N ARG B 134 -16.07 23.18 2.38
CA ARG B 134 -16.35 23.34 3.80
C ARG B 134 -17.79 22.90 4.01
N LEU B 135 -18.09 22.27 5.16
CA LEU B 135 -19.41 21.72 5.40
C LEU B 135 -20.20 22.82 6.06
N GLY B 136 -20.18 23.99 5.47
CA GLY B 136 -21.04 25.06 5.93
C GLY B 136 -21.08 26.13 4.87
N ARG B 137 -21.53 27.33 5.26
CA ARG B 137 -21.47 28.48 4.37
C ARG B 137 -20.03 28.71 3.94
N ILE B 138 -19.81 29.23 2.74
CA ILE B 138 -18.43 29.34 2.28
C ILE B 138 -17.70 30.15 3.34
N ASP B 139 -16.38 29.96 3.42
CA ASP B 139 -15.58 30.76 4.36
C ASP B 139 -16.24 30.77 5.74
N GLU B 140 -16.85 29.66 6.13
CA GLU B 140 -17.37 29.50 7.48
C GLU B 140 -16.29 28.84 8.31
N ALA B 141 -16.34 29.01 9.63
CA ALA B 141 -15.35 28.43 10.52
C ALA B 141 -16.01 27.45 11.49
N PRO B 142 -15.26 26.47 12.02
CA PRO B 142 -15.85 25.48 12.90
C PRO B 142 -16.43 26.11 14.16
N GLU B 143 -17.53 25.52 14.64
CA GLU B 143 -18.29 26.07 15.77
C GLU B 143 -17.87 25.45 17.10
N PHE B 144 -17.20 24.28 17.07
CA PHE B 144 -16.81 23.57 18.28
C PHE B 144 -15.29 23.49 18.34
N ARG B 145 -14.76 23.52 19.57
CA ARG B 145 -13.34 23.31 19.78
C ARG B 145 -12.96 21.90 19.32
N THR B 146 -11.76 21.76 18.75
CA THR B 146 -11.37 20.50 18.15
C THR B 146 -11.37 19.38 19.19
N VAL B 147 -10.84 19.65 20.39
CA VAL B 147 -10.75 18.62 21.41
C VAL B 147 -12.16 18.20 21.83
N SER B 148 -13.04 19.16 22.10
CA SER B 148 -14.41 18.84 22.47
C SER B 148 -15.12 18.12 21.32
N TRP B 149 -14.87 18.57 20.09
CA TRP B 149 -15.49 17.96 18.93
C TRP B 149 -15.12 16.47 18.85
N ILE B 150 -13.84 16.16 18.90
CA ILE B 150 -13.39 14.78 18.81
C ILE B 150 -13.85 13.96 20.01
N SER B 151 -13.86 14.57 21.19
CA SER B 151 -14.37 13.89 22.37
C SER B 151 -15.82 13.45 22.16
N MET B 152 -16.64 14.35 21.60
CA MET B 152 -18.04 14.02 21.36
C MET B 152 -18.16 12.95 20.29
N MET B 153 -17.35 13.05 19.22
CA MET B 153 -17.41 12.04 18.17
C MET B 153 -17.13 10.65 18.74
N PHE B 154 -16.07 10.53 19.56
CA PHE B 154 -15.73 9.21 20.09
C PHE B 154 -16.75 8.75 21.10
N ALA B 155 -17.22 9.66 21.96
CA ALA B 155 -18.10 9.25 23.04
C ALA B 155 -19.48 8.82 22.52
N ALA B 156 -19.96 9.45 21.44
CA ALA B 156 -21.24 9.06 20.86
C ALA B 156 -21.09 7.91 19.86
N GLY B 157 -19.93 7.80 19.23
CA GLY B 157 -19.74 6.80 18.19
C GLY B 157 -19.79 5.38 18.72
N MET B 158 -19.28 5.18 19.93
CA MET B 158 -19.18 3.84 20.48
C MET B 158 -19.57 3.81 21.94
N GLY B 159 -20.19 2.71 22.35
CA GLY B 159 -20.55 2.50 23.74
C GLY B 159 -19.82 1.30 24.37
N ILE B 160 -20.58 0.24 24.65
CA ILE B 160 -20.04 -0.92 25.33
C ILE B 160 -19.51 -1.96 24.35
N GLY B 161 -18.45 -1.68 23.64
CA GLY B 161 -17.90 -2.64 22.72
C GLY B 161 -16.44 -2.79 23.04
N LEU B 162 -15.85 -1.75 23.58
CA LEU B 162 -14.48 -1.77 23.97
C LEU B 162 -14.39 -2.37 25.37
N MET B 163 -15.40 -2.17 26.21
CA MET B 163 -15.48 -2.78 27.51
C MET B 163 -15.83 -4.26 27.42
N PHE B 164 -16.57 -4.67 26.40
CA PHE B 164 -16.97 -6.06 26.27
C PHE B 164 -15.90 -6.88 25.57
N TYR B 165 -15.43 -6.42 24.41
CA TYR B 165 -14.50 -7.16 23.59
C TYR B 165 -13.07 -6.67 23.74
N GLY B 166 -12.78 -5.85 24.75
CA GLY B 166 -11.42 -5.37 24.96
C GLY B 166 -10.48 -6.52 25.28
N THR B 167 -10.94 -7.44 26.14
CA THR B 167 -10.14 -8.57 26.58
C THR B 167 -10.53 -9.85 25.85
N THR B 168 -11.84 -10.04 25.59
CA THR B 168 -12.33 -11.29 25.06
C THR B 168 -11.78 -11.57 23.67
N GLU B 169 -11.73 -10.56 22.81
CA GLU B 169 -11.51 -10.78 21.40
C GLU B 169 -10.06 -11.17 21.11
N PRO B 170 -9.05 -10.34 21.49
CA PRO B 170 -7.67 -10.74 21.25
C PRO B 170 -7.29 -12.03 21.95
N LEU B 171 -7.78 -12.25 23.16
CA LEU B 171 -7.50 -13.49 23.86
C LEU B 171 -8.07 -14.68 23.12
N THR B 172 -9.31 -14.55 22.64
CA THR B 172 -9.94 -15.64 21.90
C THR B 172 -9.14 -15.96 20.62
N PHE B 173 -8.70 -14.93 19.91
CA PHE B 173 -7.97 -15.18 18.68
C PHE B 173 -6.59 -15.76 18.98
N TYR B 174 -5.96 -15.35 20.08
CA TYR B 174 -4.68 -15.94 20.46
C TYR B 174 -4.84 -17.41 20.82
N ARG B 175 -5.90 -17.75 21.56
CA ARG B 175 -6.11 -19.12 21.95
C ARG B 175 -6.49 -20.00 20.76
N ASN B 176 -7.59 -19.68 20.09
CA ASN B 176 -8.18 -20.55 19.08
C ASN B 176 -7.65 -20.27 17.68
N GLY B 177 -7.13 -19.09 17.42
CA GLY B 177 -6.69 -18.74 16.09
C GLY B 177 -7.83 -18.21 15.22
N VAL B 178 -7.49 -17.88 13.98
CA VAL B 178 -8.47 -17.39 13.03
C VAL B 178 -8.34 -18.19 11.73
N PRO B 179 -9.39 -18.24 10.89
CA PRO B 179 -9.30 -18.98 9.64
C PRO B 179 -8.10 -18.58 8.78
N GLY B 180 -7.38 -19.61 8.30
CA GLY B 180 -6.21 -19.40 7.47
C GLY B 180 -4.93 -19.16 8.26
N HIS B 181 -4.98 -19.26 9.60
CA HIS B 181 -3.80 -19.00 10.42
C HIS B 181 -3.78 -19.98 11.59
N ASP B 182 -2.56 -20.21 12.08
CA ASP B 182 -2.31 -21.13 13.18
C ASP B 182 -2.57 -20.42 14.52
N GLU B 183 -2.92 -21.21 15.53
CA GLU B 183 -3.25 -20.62 16.82
C GLU B 183 -2.00 -20.14 17.53
N HIS B 184 -2.19 -19.46 18.67
CA HIS B 184 -1.11 -18.94 19.48
C HIS B 184 -0.18 -18.05 18.65
N ASN B 185 -0.76 -17.18 17.84
CA ASN B 185 -0.04 -16.18 17.08
C ASN B 185 -0.48 -14.79 17.56
N VAL B 186 0.42 -14.06 18.22
CA VAL B 186 0.07 -12.77 18.79
C VAL B 186 -0.17 -11.73 17.71
N GLY B 187 0.67 -11.73 16.68
CA GLY B 187 0.51 -10.77 15.62
C GLY B 187 -0.85 -10.89 14.94
N VAL B 188 -1.28 -12.11 14.67
CA VAL B 188 -2.55 -12.32 14.02
C VAL B 188 -3.70 -11.86 14.90
N ALA B 189 -3.65 -12.21 16.18
CA ALA B 189 -4.71 -11.84 17.10
C ALA B 189 -4.87 -10.32 17.16
N MET B 190 -3.76 -9.62 17.34
CA MET B 190 -3.83 -8.18 17.42
C MET B 190 -4.26 -7.56 16.11
N SER B 191 -3.74 -8.08 15.00
CA SER B 191 -4.04 -7.50 13.69
C SER B 191 -5.52 -7.63 13.37
N THR B 192 -6.13 -8.78 13.69
CA THR B 192 -7.53 -8.94 13.36
C THR B 192 -8.43 -8.16 14.32
N THR B 193 -8.04 -8.01 15.57
CA THR B 193 -8.78 -7.12 16.46
C THR B 193 -8.77 -5.69 15.90
N MET B 194 -7.59 -5.19 15.57
CA MET B 194 -7.44 -3.90 14.98
C MET B 194 -8.34 -3.82 13.77
N PHE B 195 -8.33 -4.81 12.86
CA PHE B 195 -9.15 -4.81 11.66
C PHE B 195 -10.62 -4.61 11.98
N HIS B 196 -11.09 -5.28 13.03
CA HIS B 196 -12.49 -5.20 13.40
C HIS B 196 -12.86 -3.87 14.02
N TRP B 197 -11.88 -3.13 14.58
CA TRP B 197 -12.20 -1.98 15.42
C TRP B 197 -11.59 -0.66 14.99
N THR B 198 -10.91 -0.56 13.83
CA THR B 198 -10.17 0.65 13.50
C THR B 198 -10.70 1.40 12.28
N LEU B 199 -10.64 0.84 11.08
CA LEU B 199 -10.78 1.65 9.86
C LEU B 199 -12.12 1.45 9.14
N HIS B 200 -12.54 0.19 8.98
CA HIS B 200 -13.78 -0.09 8.31
C HIS B 200 -14.98 0.54 9.02
N PRO B 201 -15.12 0.36 10.35
CA PRO B 201 -16.28 0.91 11.04
C PRO B 201 -16.40 2.43 11.01
N TRP B 202 -15.32 3.11 11.36
CA TRP B 202 -15.35 4.56 11.34
C TRP B 202 -15.45 5.09 9.92
N ALA B 203 -15.07 4.27 8.92
CA ALA B 203 -15.32 4.65 7.54
C ALA B 203 -16.81 4.68 7.26
N ILE B 204 -17.55 3.69 7.76
CA ILE B 204 -19.00 3.69 7.60
C ILE B 204 -19.58 4.96 8.22
N TYR B 205 -19.16 5.27 9.44
CA TYR B 205 -19.65 6.45 10.14
C TYR B 205 -19.33 7.73 9.35
N ALA B 206 -18.10 7.81 8.82
CA ALA B 206 -17.69 8.98 8.08
C ALA B 206 -18.55 9.17 6.84
N ILE B 207 -18.83 8.09 6.12
CA ILE B 207 -19.62 8.20 4.91
C ILE B 207 -21.01 8.75 5.23
N VAL B 208 -21.67 8.17 6.21
CA VAL B 208 -23.04 8.57 6.51
C VAL B 208 -23.07 10.00 7.06
N GLY B 209 -22.15 10.32 7.95
CA GLY B 209 -22.11 11.66 8.52
C GLY B 209 -21.81 12.72 7.48
N LEU B 210 -20.90 12.42 6.56
CA LEU B 210 -20.56 13.36 5.51
C LEU B 210 -21.75 13.58 4.60
N ALA B 211 -22.46 12.51 4.23
CA ALA B 211 -23.64 12.66 3.40
C ALA B 211 -24.66 13.58 4.06
N ILE B 212 -24.96 13.34 5.32
CA ILE B 212 -25.96 14.13 6.00
C ILE B 212 -25.50 15.58 6.17
N ALA B 213 -24.22 15.78 6.48
CA ALA B 213 -23.69 17.12 6.70
C ALA B 213 -23.76 17.93 5.41
N TYR B 214 -23.33 17.33 4.29
CA TYR B 214 -23.37 18.03 3.02
C TYR B 214 -24.80 18.34 2.61
N SER B 215 -25.72 17.39 2.80
CA SER B 215 -27.11 17.64 2.45
C SER B 215 -27.68 18.78 3.28
N THR B 216 -27.34 18.84 4.58
CA THR B 216 -27.97 19.79 5.48
C THR B 216 -27.36 21.19 5.35
N PHE B 217 -26.06 21.32 5.62
CA PHE B 217 -25.47 22.65 5.75
C PHE B 217 -25.12 23.26 4.39
N ARG B 218 -24.45 22.51 3.54
CA ARG B 218 -24.01 23.04 2.26
C ARG B 218 -25.21 23.41 1.39
N VAL B 219 -26.25 22.57 1.38
CA VAL B 219 -27.40 22.77 0.49
C VAL B 219 -28.63 23.24 1.24
N GLY B 220 -28.56 23.37 2.57
CA GLY B 220 -29.68 23.88 3.35
C GLY B 220 -30.90 22.94 3.38
N ARG B 221 -30.70 21.68 2.98
CA ARG B 221 -31.81 20.73 2.94
C ARG B 221 -32.21 20.35 4.36
N LYS B 222 -33.31 19.60 4.48
CA LYS B 222 -33.78 19.16 5.78
C LYS B 222 -32.81 18.12 6.37
N GLN B 223 -32.74 18.11 7.71
CA GLN B 223 -31.86 17.18 8.41
C GLN B 223 -32.52 15.80 8.51
N LEU B 224 -32.45 15.05 7.41
CA LEU B 224 -33.00 13.71 7.36
C LEU B 224 -32.10 12.84 6.48
N LEU B 225 -32.28 11.51 6.59
CA LEU B 225 -31.54 10.60 5.76
C LEU B 225 -32.13 10.52 4.36
N SER B 226 -33.44 10.74 4.25
CA SER B 226 -34.11 10.75 2.96
C SER B 226 -33.62 11.94 2.13
N SER B 227 -33.37 13.08 2.77
CA SER B 227 -32.92 14.27 2.07
C SER B 227 -31.60 14.07 1.35
N ALA B 228 -30.68 13.32 1.94
CA ALA B 228 -29.40 13.06 1.30
C ALA B 228 -29.55 12.28 -0.01
N PHE B 229 -30.71 11.65 -0.22
CA PHE B 229 -30.97 10.91 -1.45
C PHE B 229 -31.67 11.76 -2.52
N VAL B 230 -31.88 13.05 -2.26
CA VAL B 230 -32.56 13.91 -3.20
C VAL B 230 -31.85 13.90 -4.56
N PRO B 231 -30.51 13.91 -4.62
CA PRO B 231 -29.83 13.83 -5.90
C PRO B 231 -30.25 12.66 -6.79
N LEU B 232 -30.60 11.51 -6.20
CA LEU B 232 -30.92 10.32 -6.97
C LEU B 232 -32.42 10.15 -7.19
N ILE B 233 -33.26 10.66 -6.29
CA ILE B 233 -34.69 10.39 -6.35
C ILE B 233 -35.53 11.67 -6.43
N GLY B 234 -34.94 12.84 -6.19
CA GLY B 234 -35.66 14.09 -6.36
C GLY B 234 -36.58 14.39 -5.18
N GLU B 235 -37.02 15.65 -5.07
CA GLU B 235 -37.81 16.08 -3.93
C GLU B 235 -39.11 15.28 -3.82
N LYS B 236 -39.80 15.08 -4.94
CA LYS B 236 -41.02 14.30 -4.92
C LYS B 236 -40.75 12.87 -4.44
N GLY B 237 -39.56 12.35 -4.74
CA GLY B 237 -39.16 11.07 -4.20
C GLY B 237 -38.83 11.13 -2.71
N ALA B 238 -38.25 12.26 -2.26
CA ALA B 238 -37.85 12.40 -0.87
C ALA B 238 -39.06 12.41 0.05
N GLU B 239 -40.18 12.98 -0.41
CA GLU B 239 -41.42 12.95 0.33
C GLU B 239 -42.32 11.78 -0.10
N GLY B 240 -41.88 10.97 -1.05
CA GLY B 240 -42.67 9.87 -1.57
C GLY B 240 -42.56 8.64 -0.69
N TRP B 241 -42.89 7.48 -1.27
CA TRP B 241 -42.82 6.24 -0.52
C TRP B 241 -41.38 5.86 -0.21
N LEU B 242 -40.44 6.21 -1.10
CA LEU B 242 -39.05 5.83 -0.92
C LEU B 242 -38.42 6.58 0.27
N GLY B 243 -38.73 7.87 0.40
CA GLY B 243 -38.24 8.61 1.54
C GLY B 243 -38.77 8.06 2.86
N LYS B 244 -40.06 7.72 2.89
CA LYS B 244 -40.64 7.14 4.08
C LYS B 244 -39.98 5.80 4.40
N LEU B 245 -39.73 4.98 3.38
CA LEU B 245 -39.10 3.69 3.61
C LEU B 245 -37.70 3.89 4.18
N ILE B 246 -36.95 4.86 3.64
CA ILE B 246 -35.60 5.06 4.11
C ILE B 246 -35.61 5.53 5.56
N ASP B 247 -36.52 6.45 5.90
CA ASP B 247 -36.60 6.92 7.28
C ASP B 247 -36.99 5.78 8.23
N ILE B 248 -37.92 4.94 7.81
CA ILE B 248 -38.34 3.82 8.64
C ILE B 248 -37.18 2.85 8.85
N LEU B 249 -36.43 2.56 7.80
CA LEU B 249 -35.28 1.68 7.92
C LEU B 249 -34.24 2.27 8.85
N ALA B 250 -34.02 3.58 8.77
CA ALA B 250 -33.08 4.24 9.66
C ALA B 250 -33.48 4.08 11.13
N ILE B 251 -34.76 4.33 11.42
CA ILE B 251 -35.23 4.21 12.78
C ILE B 251 -35.14 2.76 13.27
N ILE B 252 -35.53 1.81 12.43
CA ILE B 252 -35.50 0.42 12.83
C ILE B 252 -34.08 -0.04 13.11
N ALA B 253 -33.14 0.33 12.24
CA ALA B 253 -31.75 -0.03 12.43
C ALA B 253 -31.22 0.59 13.71
N THR B 254 -31.56 1.85 13.98
CA THR B 254 -31.11 2.53 15.18
C THR B 254 -31.61 1.79 16.42
N VAL B 255 -32.90 1.46 16.45
CA VAL B 255 -33.46 0.80 17.61
C VAL B 255 -32.79 -0.56 17.84
N PHE B 256 -32.67 -1.35 16.78
CA PHE B 256 -32.16 -2.70 16.92
C PHE B 256 -30.65 -2.75 17.09
N GLY B 257 -29.93 -1.67 16.80
CA GLY B 257 -28.51 -1.61 17.04
C GLY B 257 -28.22 -1.10 18.43
N THR B 258 -29.06 -0.22 18.96
CA THR B 258 -28.91 0.27 20.32
C THR B 258 -29.36 -0.79 21.33
N ALA B 259 -30.37 -1.58 20.99
CA ALA B 259 -30.79 -2.67 21.87
C ALA B 259 -29.68 -3.69 22.07
N CYS B 260 -28.88 -3.94 21.04
CA CYS B 260 -27.77 -4.86 21.15
C CYS B 260 -26.75 -4.38 22.19
N SER B 261 -26.39 -3.10 22.12
CA SER B 261 -25.49 -2.52 23.09
C SER B 261 -26.09 -2.55 24.49
N LEU B 262 -27.38 -2.24 24.61
CA LEU B 262 -28.02 -2.27 25.92
C LEU B 262 -27.94 -3.68 26.50
N GLY B 263 -28.24 -4.69 25.69
CA GLY B 263 -28.20 -6.06 26.18
C GLY B 263 -26.80 -6.47 26.63
N LEU B 264 -25.79 -6.16 25.82
CA LEU B 264 -24.43 -6.52 26.15
C LEU B 264 -23.99 -5.79 27.44
N GLY B 265 -24.32 -4.52 27.57
CA GLY B 265 -23.96 -3.75 28.74
C GLY B 265 -24.61 -4.31 30.01
N ALA B 266 -25.91 -4.65 29.91
CA ALA B 266 -26.60 -5.21 31.06
C ALA B 266 -25.99 -6.56 31.45
N LEU B 267 -25.67 -7.40 30.46
CA LEU B 267 -25.05 -8.67 30.74
C LEU B 267 -23.73 -8.47 31.49
N GLN B 268 -22.91 -7.54 31.00
CA GLN B 268 -21.59 -7.34 31.60
C GLN B 268 -21.72 -6.78 33.01
N ILE B 269 -22.67 -5.87 33.25
CA ILE B 269 -22.85 -5.35 34.59
C ILE B 269 -23.31 -6.45 35.54
N GLY B 270 -24.20 -7.32 35.09
CA GLY B 270 -24.62 -8.45 35.90
C GLY B 270 -23.44 -9.37 36.25
N ALA B 271 -22.61 -9.68 35.25
CA ALA B 271 -21.44 -10.52 35.49
C ALA B 271 -20.49 -9.86 36.48
N GLY B 272 -20.29 -8.55 36.33
CA GLY B 272 -19.41 -7.83 37.23
C GLY B 272 -19.92 -7.85 38.67
N LEU B 273 -21.24 -7.67 38.85
CA LEU B 273 -21.82 -7.72 40.19
C LEU B 273 -21.66 -9.11 40.79
N SER B 274 -21.83 -10.15 39.96
CA SER B 274 -21.58 -11.51 40.41
C SER B 274 -20.13 -11.67 40.87
N ALA B 275 -19.19 -11.11 40.10
CA ALA B 275 -17.77 -11.20 40.43
C ALA B 275 -17.46 -10.50 41.75
N ALA B 276 -18.05 -9.31 41.96
CA ALA B 276 -17.81 -8.55 43.18
C ALA B 276 -18.49 -9.18 44.41
N ASN B 277 -19.37 -10.18 44.19
CA ASN B 277 -20.09 -10.86 45.26
C ASN B 277 -21.06 -9.93 45.98
N ILE B 278 -21.52 -8.87 45.30
CA ILE B 278 -22.57 -8.03 45.85
C ILE B 278 -23.87 -8.82 45.94
N ILE B 279 -24.15 -9.65 44.92
CA ILE B 279 -25.35 -10.47 44.87
C ILE B 279 -24.93 -11.93 44.96
N GLU B 280 -25.71 -12.71 45.72
CA GLU B 280 -25.44 -14.13 45.89
C GLU B 280 -25.49 -14.86 44.55
N ASP B 281 -26.49 -14.55 43.73
CA ASP B 281 -26.65 -15.21 42.44
C ASP B 281 -27.46 -14.31 41.52
N PRO B 282 -27.02 -14.07 40.26
CA PRO B 282 -27.79 -13.21 39.37
C PRO B 282 -29.13 -13.82 38.98
N SER B 283 -30.12 -12.95 38.76
CA SER B 283 -31.44 -13.36 38.33
C SER B 283 -31.93 -12.39 37.26
N ASP B 284 -33.03 -12.76 36.59
CA ASP B 284 -33.62 -11.89 35.58
C ASP B 284 -34.08 -10.57 36.19
N TRP B 285 -34.45 -10.58 37.48
CA TRP B 285 -34.86 -9.36 38.14
C TRP B 285 -33.72 -8.36 38.21
N THR B 286 -32.50 -8.84 38.44
CA THR B 286 -31.34 -7.95 38.47
C THR B 286 -31.14 -7.30 37.10
N ILE B 287 -31.29 -8.10 36.04
CA ILE B 287 -31.14 -7.58 34.68
C ILE B 287 -32.21 -6.52 34.41
N VAL B 288 -33.46 -6.80 34.82
CA VAL B 288 -34.53 -5.84 34.60
C VAL B 288 -34.26 -4.55 35.37
N GLY B 289 -33.75 -4.67 36.60
CA GLY B 289 -33.39 -3.49 37.37
C GLY B 289 -32.30 -2.67 36.68
N ILE B 290 -31.29 -3.35 36.17
CA ILE B 290 -30.19 -2.66 35.51
C ILE B 290 -30.71 -1.93 34.27
N VAL B 291 -31.55 -2.61 33.49
CA VAL B 291 -32.07 -2.01 32.27
C VAL B 291 -32.96 -0.80 32.60
N SER B 292 -33.79 -0.94 33.63
CA SER B 292 -34.65 0.17 34.03
C SER B 292 -33.82 1.38 34.48
N VAL B 293 -32.75 1.12 35.23
CA VAL B 293 -31.89 2.21 35.67
C VAL B 293 -31.23 2.89 34.46
N LEU B 294 -30.71 2.08 33.55
CA LEU B 294 -30.04 2.61 32.38
C LEU B 294 -31.00 3.29 31.43
N THR B 295 -32.31 3.04 31.56
CA THR B 295 -33.31 3.74 30.74
C THR B 295 -33.70 5.06 31.40
N LEU B 296 -33.99 5.05 32.70
CA LEU B 296 -34.20 6.29 33.43
C LEU B 296 -33.07 7.28 33.17
N ALA B 297 -31.83 6.81 33.24
CA ALA B 297 -30.76 7.67 32.79
C ALA B 297 -30.89 7.58 31.29
N PHE B 298 -30.58 8.62 30.55
CA PHE B 298 -30.64 8.61 29.09
C PHE B 298 -32.06 8.93 28.66
N ILE B 299 -32.99 9.00 29.60
CA ILE B 299 -34.30 9.52 29.31
C ILE B 299 -34.44 10.73 30.25
N PHE B 300 -33.81 10.68 31.43
CA PHE B 300 -33.72 11.87 32.26
C PHE B 300 -32.65 12.84 31.78
N SER B 301 -31.76 12.41 30.88
CA SER B 301 -30.66 13.24 30.43
C SER B 301 -30.99 13.99 29.13
N ALA B 302 -31.84 13.40 28.28
CA ALA B 302 -32.30 14.07 27.07
C ALA B 302 -33.51 14.99 27.30
N ILE B 303 -34.13 14.90 28.48
CA ILE B 303 -35.28 15.74 28.79
C ILE B 303 -34.86 17.21 28.83
N SER B 304 -33.75 17.51 29.52
CA SER B 304 -33.33 18.88 29.71
C SER B 304 -32.83 19.49 28.40
N GLY B 305 -31.72 18.94 27.88
CA GLY B 305 -31.14 19.39 26.63
C GLY B 305 -30.71 20.86 26.65
N VAL B 306 -30.53 21.45 27.84
CA VAL B 306 -30.13 22.84 27.95
C VAL B 306 -28.93 23.02 28.89
N GLY B 307 -28.72 22.08 29.82
CA GLY B 307 -27.60 22.17 30.76
C GLY B 307 -26.28 21.67 30.18
N LYS B 308 -26.26 21.30 28.89
CA LYS B 308 -25.05 20.82 28.23
C LYS B 308 -24.55 19.54 28.92
N GLY B 309 -25.49 18.70 29.34
CA GLY B 309 -25.17 17.44 29.98
C GLY B 309 -24.38 16.50 29.07
N ILE B 310 -24.63 16.56 27.75
CA ILE B 310 -24.02 15.63 26.83
C ILE B 310 -22.51 15.86 26.75
N GLN B 311 -22.07 17.12 26.68
CA GLN B 311 -20.65 17.40 26.60
C GLN B 311 -19.94 17.02 27.90
N TYR B 312 -20.56 17.33 29.04
CA TYR B 312 -19.97 17.00 30.32
C TYR B 312 -19.86 15.48 30.48
N LEU B 313 -20.91 14.75 30.08
CA LEU B 313 -20.88 13.30 30.20
C LEU B 313 -19.89 12.67 29.21
N SER B 314 -19.72 13.27 28.03
CA SER B 314 -18.71 12.79 27.11
C SER B 314 -17.30 12.97 27.70
N ASN B 315 -17.06 14.12 28.32
CA ASN B 315 -15.78 14.36 28.95
C ASN B 315 -15.55 13.38 30.11
N ALA B 316 -16.59 13.13 30.90
CA ALA B 316 -16.49 12.16 31.98
C ALA B 316 -16.18 10.75 31.43
N ASN B 317 -16.79 10.41 30.29
CA ASN B 317 -16.53 9.13 29.66
C ASN B 317 -15.06 9.03 29.34
N MET B 318 -14.54 10.02 28.62
CA MET B 318 -13.15 9.97 28.20
C MET B 318 -12.23 9.88 29.42
N VAL B 319 -12.56 10.64 30.48
CA VAL B 319 -11.71 10.65 31.66
C VAL B 319 -11.67 9.29 32.34
N LEU B 320 -12.83 8.67 32.53
CA LEU B 320 -12.87 7.38 33.20
C LEU B 320 -12.21 6.29 32.35
N ALA B 321 -12.40 6.34 31.02
CA ALA B 321 -11.73 5.40 30.15
C ALA B 321 -10.22 5.55 30.26
N ALA B 322 -9.72 6.78 30.25
CA ALA B 322 -8.30 7.02 30.38
C ALA B 322 -7.80 6.51 31.73
N LEU B 323 -8.57 6.72 32.79
CA LEU B 323 -8.14 6.28 34.11
C LEU B 323 -7.98 4.76 34.16
N LEU B 324 -8.97 4.03 33.64
CA LEU B 324 -8.90 2.58 33.66
C LEU B 324 -7.74 2.07 32.78
N ALA B 325 -7.58 2.67 31.60
CA ALA B 325 -6.51 2.26 30.71
C ALA B 325 -5.16 2.49 31.36
N ILE B 326 -4.99 3.64 32.01
CA ILE B 326 -3.73 3.97 32.65
C ILE B 326 -3.45 3.02 33.81
N PHE B 327 -4.48 2.67 34.57
CA PHE B 327 -4.27 1.74 35.66
C PHE B 327 -3.75 0.41 35.13
N VAL B 328 -4.41 -0.14 34.12
CA VAL B 328 -4.00 -1.44 33.60
C VAL B 328 -2.60 -1.34 32.97
N PHE B 329 -2.31 -0.22 32.31
CA PHE B 329 -1.01 -0.03 31.69
C PHE B 329 0.10 -0.01 32.74
N VAL B 330 -0.11 0.74 33.83
CA VAL B 330 0.91 0.89 34.84
C VAL B 330 1.10 -0.41 35.63
N VAL B 331 0.01 -1.07 36.01
CA VAL B 331 0.11 -2.21 36.90
C VAL B 331 0.31 -3.51 36.12
N GLY B 332 -0.08 -3.56 34.83
CA GLY B 332 0.10 -4.77 34.04
C GLY B 332 1.49 -4.79 33.42
N PRO B 333 1.75 -5.68 32.46
CA PRO B 333 3.05 -5.75 31.82
C PRO B 333 3.32 -4.58 30.88
N THR B 334 3.81 -3.47 31.44
CA THR B 334 3.93 -2.25 30.66
C THR B 334 4.80 -2.46 29.43
N VAL B 335 5.95 -3.10 29.60
CA VAL B 335 6.89 -3.23 28.50
C VAL B 335 6.30 -4.12 27.40
N SER B 336 5.56 -5.17 27.78
CA SER B 336 4.95 -6.03 26.79
C SER B 336 3.87 -5.30 26.02
N ILE B 337 3.08 -4.46 26.70
CA ILE B 337 2.08 -3.64 26.04
C ILE B 337 2.76 -2.75 24.99
N LEU B 338 3.84 -2.08 25.41
CA LEU B 338 4.52 -1.16 24.53
C LEU B 338 5.17 -1.90 23.36
N ASN B 339 5.61 -3.15 23.59
CA ASN B 339 6.14 -3.97 22.51
C ASN B 339 5.03 -4.30 21.51
N LEU B 340 3.84 -4.61 22.01
CA LEU B 340 2.74 -5.01 21.14
C LEU B 340 2.33 -3.85 20.25
N LEU B 341 2.33 -2.63 20.78
CA LEU B 341 1.77 -1.50 20.06
C LEU B 341 2.29 -1.39 18.63
N PRO B 342 3.61 -1.16 18.39
CA PRO B 342 4.09 -1.12 17.01
C PRO B 342 3.88 -2.43 16.27
N GLY B 343 3.99 -3.56 16.97
CA GLY B 343 3.70 -4.85 16.35
C GLY B 343 2.24 -4.95 15.87
N SER B 344 1.30 -4.41 16.62
CA SER B 344 -0.10 -4.39 16.24
C SER B 344 -0.30 -3.64 14.93
N ILE B 345 0.17 -2.39 14.84
CA ILE B 345 -0.01 -1.55 13.67
C ILE B 345 0.68 -2.16 12.45
N GLY B 346 1.90 -2.68 12.60
CA GLY B 346 2.58 -3.31 11.50
C GLY B 346 1.79 -4.50 10.95
N ASN B 347 1.38 -5.42 11.80
CA ASN B 347 0.67 -6.61 11.36
C ASN B 347 -0.72 -6.25 10.78
N TYR B 348 -1.39 -5.22 11.30
CA TYR B 348 -2.60 -4.72 10.72
C TYR B 348 -2.31 -4.35 9.28
N LEU B 349 -1.36 -3.44 9.05
CA LEU B 349 -1.06 -2.91 7.74
C LEU B 349 -0.47 -3.97 6.79
N SER B 350 0.10 -5.06 7.31
CA SER B 350 0.56 -6.15 6.48
C SER B 350 -0.62 -6.96 5.98
N ASN B 351 -1.47 -7.47 6.89
CA ASN B 351 -2.58 -8.36 6.56
C ASN B 351 -3.91 -7.65 6.36
N PHE B 352 -3.89 -6.36 5.99
CA PHE B 352 -5.07 -5.54 5.84
C PHE B 352 -5.95 -5.99 4.69
N PHE B 353 -5.38 -6.59 3.66
CA PHE B 353 -6.14 -6.94 2.47
C PHE B 353 -6.24 -8.44 2.45
N GLN B 354 -5.41 -9.13 3.20
CA GLN B 354 -5.60 -10.55 3.39
C GLN B 354 -6.87 -10.77 4.21
N MET B 355 -7.14 -9.89 5.19
CA MET B 355 -8.36 -9.99 5.98
C MET B 355 -9.55 -9.42 5.24
N ALA B 356 -9.34 -8.39 4.43
CA ALA B 356 -10.43 -7.82 3.65
C ALA B 356 -10.96 -8.81 2.60
N GLY B 357 -10.15 -9.77 2.21
CA GLY B 357 -10.57 -10.75 1.23
C GLY B 357 -10.93 -12.09 1.87
N ARG B 358 -11.20 -12.10 3.17
CA ARG B 358 -11.63 -13.32 3.85
C ARG B 358 -13.14 -13.37 3.76
N THR B 359 -13.64 -14.48 3.21
CA THR B 359 -15.07 -14.66 2.98
C THR B 359 -15.44 -16.08 3.37
N ALA B 360 -16.70 -16.44 3.08
CA ALA B 360 -17.28 -17.66 3.62
C ALA B 360 -16.65 -18.92 3.03
N MET B 361 -15.83 -18.77 1.96
CA MET B 361 -15.24 -19.91 1.29
C MET B 361 -13.71 -19.90 1.36
N SER B 362 -13.15 -19.23 2.37
CA SER B 362 -11.72 -19.28 2.64
C SER B 362 -11.43 -20.42 3.61
N ALA B 363 -10.18 -20.92 3.57
CA ALA B 363 -9.70 -21.92 4.52
C ALA B 363 -10.55 -23.19 4.45
N ASP B 364 -10.52 -23.83 3.27
CA ASP B 364 -11.24 -25.08 3.04
C ASP B 364 -12.75 -24.92 3.26
N GLY B 365 -13.26 -23.69 3.09
CA GLY B 365 -14.68 -23.41 3.20
C GLY B 365 -15.28 -23.75 4.57
N THR B 366 -14.63 -23.30 5.66
CA THR B 366 -15.17 -23.47 6.99
C THR B 366 -15.13 -22.16 7.78
N ALA B 367 -14.92 -21.02 7.11
CA ALA B 367 -14.86 -19.72 7.75
C ALA B 367 -16.23 -19.09 7.96
N GLY B 368 -17.31 -19.76 7.49
CA GLY B 368 -18.64 -19.21 7.60
C GLY B 368 -19.06 -18.96 9.04
N GLU B 369 -18.84 -19.94 9.92
CA GLU B 369 -19.26 -19.80 11.31
C GLU B 369 -18.48 -18.69 12.00
N TRP B 370 -17.16 -18.68 11.79
CA TRP B 370 -16.30 -17.68 12.39
C TRP B 370 -16.68 -16.29 11.87
N LEU B 371 -16.89 -16.15 10.58
CA LEU B 371 -17.25 -14.86 10.02
C LEU B 371 -18.57 -14.36 10.60
N GLY B 372 -19.57 -15.24 10.63
CA GLY B 372 -20.86 -14.86 11.17
C GLY B 372 -20.77 -14.47 12.62
N SER B 373 -19.85 -15.08 13.38
CA SER B 373 -19.71 -14.79 14.80
C SER B 373 -18.97 -13.48 15.04
N TRP B 374 -18.01 -13.16 14.18
CA TRP B 374 -17.12 -12.02 14.40
C TRP B 374 -17.31 -10.90 13.38
N THR B 375 -16.98 -11.13 12.11
CA THR B 375 -16.79 -10.01 11.20
C THR B 375 -18.12 -9.48 10.64
N ILE B 376 -18.98 -10.40 10.19
CA ILE B 376 -20.27 -10.00 9.70
C ILE B 376 -21.13 -9.42 10.82
N PHE B 377 -21.00 -9.96 12.03
CA PHE B 377 -21.71 -9.40 13.16
C PHE B 377 -21.24 -7.98 13.42
N TYR B 378 -19.94 -7.75 13.42
CA TYR B 378 -19.43 -6.42 13.64
C TYR B 378 -19.89 -5.46 12.56
N TRP B 379 -19.81 -5.88 11.32
CA TRP B 379 -20.17 -5.06 10.20
C TRP B 379 -21.62 -4.64 10.34
N ALA B 380 -22.50 -5.60 10.62
CA ALA B 380 -23.91 -5.32 10.80
C ALA B 380 -24.17 -4.41 11.98
N TRP B 381 -23.43 -4.59 13.07
CA TRP B 381 -23.58 -3.77 14.25
C TRP B 381 -23.26 -2.31 13.96
N TRP B 382 -22.13 -2.07 13.32
CA TRP B 382 -21.74 -0.72 13.00
C TRP B 382 -22.65 -0.09 11.95
N ILE B 383 -23.14 -0.88 11.00
CA ILE B 383 -24.10 -0.40 10.02
C ILE B 383 -25.39 0.01 10.72
N SER B 384 -25.82 -0.75 11.72
CA SER B 384 -27.04 -0.44 12.45
C SER B 384 -26.87 0.82 13.28
N TRP B 385 -25.67 1.07 13.81
CA TRP B 385 -25.40 2.31 14.52
C TRP B 385 -25.17 3.50 13.61
N SER B 386 -24.94 3.27 12.31
CA SER B 386 -24.61 4.33 11.37
C SER B 386 -25.62 5.46 11.30
N PRO B 387 -26.96 5.25 11.28
CA PRO B 387 -27.88 6.36 11.12
C PRO B 387 -27.72 7.45 12.18
N PHE B 388 -27.85 7.08 13.45
CA PHE B 388 -27.87 8.06 14.51
C PHE B 388 -26.47 8.59 14.78
N VAL B 389 -25.44 7.79 14.62
CA VAL B 389 -24.10 8.31 14.79
C VAL B 389 -23.76 9.27 13.67
N GLY B 390 -24.15 8.97 12.43
CA GLY B 390 -23.89 9.85 11.32
C GLY B 390 -24.64 11.17 11.46
N MET B 391 -25.89 11.12 11.90
CA MET B 391 -26.63 12.34 12.11
C MET B 391 -25.99 13.20 13.20
N PHE B 392 -25.54 12.58 14.28
CA PHE B 392 -24.89 13.33 15.34
C PHE B 392 -23.55 13.92 14.86
N LEU B 393 -22.77 13.14 14.12
CA LEU B 393 -21.51 13.65 13.59
C LEU B 393 -21.76 14.83 12.66
N ALA B 394 -22.82 14.75 11.85
CA ALA B 394 -23.20 15.88 11.01
C ALA B 394 -23.55 17.08 11.89
N ARG B 395 -24.23 16.83 13.01
CA ARG B 395 -24.70 17.91 13.86
C ARG B 395 -23.54 18.76 14.39
N ILE B 396 -22.43 18.12 14.78
CA ILE B 396 -21.36 18.81 15.48
C ILE B 396 -20.15 19.02 14.57
N SER B 397 -20.38 19.11 13.26
CA SER B 397 -19.29 19.25 12.31
C SER B 397 -19.59 20.37 11.31
N ARG B 398 -20.18 21.47 11.79
CA ARG B 398 -20.49 22.60 10.93
C ARG B 398 -19.24 23.40 10.67
N GLY B 399 -19.05 23.78 9.40
CA GLY B 399 -17.95 24.65 9.01
C GLY B 399 -16.59 23.97 9.16
N ARG B 400 -16.48 22.72 8.72
CA ARG B 400 -15.20 22.03 8.69
C ARG B 400 -14.99 21.48 7.28
N SER B 401 -13.75 21.42 6.85
CA SER B 401 -13.43 20.85 5.56
C SER B 401 -13.91 19.40 5.50
N ILE B 402 -14.15 18.90 4.29
CA ILE B 402 -14.47 17.49 4.14
C ILE B 402 -13.25 16.65 4.53
N ARG B 403 -12.06 17.07 4.13
CA ARG B 403 -10.85 16.34 4.49
C ARG B 403 -10.64 16.35 6.01
N GLU B 404 -10.95 17.44 6.67
CA GLU B 404 -10.69 17.55 8.09
C GLU B 404 -11.67 16.76 8.91
N PHE B 405 -12.87 16.54 8.39
CA PHE B 405 -13.87 15.75 9.09
C PHE B 405 -13.62 14.27 8.84
N ILE B 406 -13.17 13.92 7.66
CA ILE B 406 -12.95 12.54 7.32
C ILE B 406 -11.69 12.05 7.99
N LEU B 407 -10.69 12.89 8.17
CA LEU B 407 -9.51 12.48 8.91
C LEU B 407 -9.80 12.42 10.42
N GLY B 408 -10.49 13.43 10.94
CA GLY B 408 -10.85 13.44 12.33
C GLY B 408 -11.70 12.23 12.71
N VAL B 409 -12.66 11.86 11.87
CA VAL B 409 -13.52 10.73 12.16
C VAL B 409 -12.76 9.42 12.04
N LEU B 410 -11.88 9.30 11.05
CA LEU B 410 -11.24 8.02 10.78
C LEU B 410 -10.07 7.72 11.70
N LEU B 411 -9.22 8.70 12.00
CA LEU B 411 -7.91 8.41 12.58
C LEU B 411 -7.90 8.48 14.11
N VAL B 412 -8.50 9.47 14.73
CA VAL B 412 -8.40 9.59 16.16
C VAL B 412 -9.08 8.42 16.86
N PRO B 413 -10.35 8.05 16.52
CA PRO B 413 -10.96 6.87 17.12
C PRO B 413 -10.20 5.58 16.82
N ALA B 414 -9.62 5.47 15.63
CA ALA B 414 -8.80 4.32 15.31
C ALA B 414 -7.58 4.21 16.24
N GLY B 415 -6.93 5.34 16.52
CA GLY B 415 -5.81 5.32 17.43
C GLY B 415 -6.21 4.99 18.87
N VAL B 416 -7.32 5.57 19.32
CA VAL B 416 -7.79 5.27 20.66
C VAL B 416 -8.12 3.79 20.79
N SER B 417 -8.79 3.22 19.78
CA SER B 417 -9.10 1.80 19.79
C SER B 417 -7.83 0.97 19.78
N THR B 418 -6.83 1.36 19.00
CA THR B 418 -5.58 0.62 18.95
C THR B 418 -4.95 0.57 20.35
N VAL B 419 -4.88 1.72 21.02
CA VAL B 419 -4.27 1.78 22.34
C VAL B 419 -5.07 0.95 23.35
N TRP B 420 -6.40 1.04 23.29
CA TRP B 420 -7.23 0.29 24.22
C TRP B 420 -6.99 -1.20 24.06
N PHE B 421 -7.06 -1.68 22.83
CA PHE B 421 -6.93 -3.11 22.58
C PHE B 421 -5.52 -3.59 22.90
N SER B 422 -4.50 -2.77 22.61
CA SER B 422 -3.16 -3.08 23.07
C SER B 422 -3.14 -3.31 24.57
N ILE B 423 -3.59 -2.33 25.33
CA ILE B 423 -3.44 -2.38 26.78
C ILE B 423 -4.17 -3.59 27.36
N PHE B 424 -5.35 -3.93 26.85
CA PHE B 424 -6.17 -4.96 27.47
C PHE B 424 -5.91 -6.34 26.88
N GLY B 425 -5.92 -6.46 25.55
CA GLY B 425 -5.58 -7.71 24.90
C GLY B 425 -4.16 -8.17 25.19
N GLY B 426 -3.23 -7.23 25.26
CA GLY B 426 -1.85 -7.55 25.59
C GLY B 426 -1.72 -8.11 26.99
N THR B 427 -2.40 -7.52 27.94
CA THR B 427 -2.38 -8.03 29.30
C THR B 427 -2.96 -9.44 29.33
N ALA B 428 -4.09 -9.64 28.66
CA ALA B 428 -4.71 -10.96 28.64
C ALA B 428 -3.79 -12.00 28.02
N ILE B 429 -3.15 -11.65 26.90
CA ILE B 429 -2.27 -12.56 26.20
C ILE B 429 -1.03 -12.86 27.03
N VAL B 430 -0.49 -11.87 27.71
CA VAL B 430 0.67 -12.09 28.56
C VAL B 430 0.31 -13.02 29.72
N PHE B 431 -0.85 -12.81 30.33
CA PHE B 431 -1.30 -13.71 31.38
C PHE B 431 -1.47 -15.12 30.84
N GLU B 432 -2.01 -15.26 29.64
CA GLU B 432 -2.17 -16.58 29.03
C GLU B 432 -0.81 -17.24 28.84
N GLN B 433 0.17 -16.48 28.36
CA GLN B 433 1.50 -17.03 28.15
C GLN B 433 2.17 -17.45 29.46
N ASN B 434 1.98 -16.66 30.52
CA ASN B 434 2.60 -16.96 31.80
C ASN B 434 1.92 -18.13 32.51
N GLY B 435 0.70 -18.50 32.11
CA GLY B 435 -0.05 -19.55 32.79
C GLY B 435 -1.10 -19.02 33.77
N GLU B 436 -1.19 -17.69 33.97
CA GLU B 436 -2.25 -17.13 34.79
C GLU B 436 -3.47 -16.80 33.94
N SER B 437 -4.00 -17.81 33.25
CA SER B 437 -5.11 -17.60 32.32
C SER B 437 -6.31 -16.98 33.04
N ILE B 438 -6.97 -16.03 32.36
CA ILE B 438 -8.20 -15.44 32.87
C ILE B 438 -9.44 -16.00 32.15
N TRP B 439 -9.26 -17.05 31.34
CA TRP B 439 -10.36 -17.57 30.55
C TRP B 439 -11.48 -18.08 31.45
N GLY B 440 -11.14 -18.79 32.52
CA GLY B 440 -12.15 -19.29 33.43
C GLY B 440 -13.13 -20.20 32.71
N ASP B 441 -14.42 -19.97 32.94
CA ASP B 441 -15.46 -20.75 32.28
C ASP B 441 -15.56 -20.42 30.79
N GLY B 442 -15.01 -19.26 30.37
CA GLY B 442 -15.06 -18.86 28.98
C GLY B 442 -16.14 -17.83 28.66
N ALA B 443 -16.94 -17.42 29.65
CA ALA B 443 -17.97 -16.42 29.44
C ALA B 443 -17.32 -15.07 29.12
N ALA B 444 -17.75 -14.47 28.02
CA ALA B 444 -17.17 -13.24 27.53
C ALA B 444 -17.51 -12.04 28.41
N GLU B 445 -18.49 -12.16 29.30
CA GLU B 445 -18.97 -11.01 30.06
C GLU B 445 -18.21 -10.82 31.39
N GLU B 446 -17.27 -11.71 31.71
CA GLU B 446 -16.53 -11.60 32.96
C GLU B 446 -15.03 -11.75 32.78
N GLN B 447 -14.54 -11.72 31.53
CA GLN B 447 -13.10 -11.75 31.31
C GLN B 447 -12.44 -10.48 31.87
N LEU B 448 -13.08 -9.33 31.69
CA LEU B 448 -12.52 -8.07 32.14
C LEU B 448 -12.38 -8.07 33.66
N PHE B 449 -13.40 -8.54 34.36
CA PHE B 449 -13.37 -8.47 35.82
C PHE B 449 -12.37 -9.48 36.37
N GLY B 450 -12.25 -10.65 35.74
CA GLY B 450 -11.20 -11.59 36.09
C GLY B 450 -9.81 -10.95 35.92
N LEU B 451 -9.61 -10.26 34.79
CA LEU B 451 -8.35 -9.60 34.52
C LEU B 451 -8.05 -8.55 35.60
N LEU B 452 -9.04 -7.72 35.92
CA LEU B 452 -8.83 -6.67 36.90
C LEU B 452 -8.54 -7.28 38.27
N HIS B 453 -9.27 -8.32 38.64
CA HIS B 453 -9.03 -8.99 39.91
C HIS B 453 -7.71 -9.75 39.94
N ALA B 454 -7.09 -9.96 38.78
CA ALA B 454 -5.75 -10.55 38.73
C ALA B 454 -4.64 -9.52 39.00
N LEU B 455 -4.99 -8.23 39.12
CA LEU B 455 -4.02 -7.17 39.36
C LEU B 455 -4.18 -6.63 40.78
N PRO B 456 -3.09 -6.12 41.41
CA PRO B 456 -3.22 -5.45 42.69
C PRO B 456 -4.17 -4.25 42.65
N GLY B 457 -4.99 -4.12 43.70
CA GLY B 457 -5.91 -3.00 43.82
C GLY B 457 -6.96 -3.00 42.71
N GLY B 458 -7.41 -4.19 42.30
CA GLY B 458 -8.36 -4.32 41.21
C GLY B 458 -9.80 -4.46 41.69
N GLN B 459 -10.07 -4.11 42.95
CA GLN B 459 -11.41 -4.20 43.49
C GLN B 459 -12.17 -2.89 43.28
N ILE B 460 -11.49 -1.74 43.48
CA ILE B 460 -12.12 -0.47 43.17
C ILE B 460 -12.32 -0.33 41.66
N MET B 461 -11.39 -0.89 40.88
CA MET B 461 -11.47 -0.81 39.44
C MET B 461 -12.68 -1.57 38.90
N GLY B 462 -13.21 -2.54 39.66
CA GLY B 462 -14.48 -3.15 39.30
C GLY B 462 -15.60 -2.09 39.24
N ILE B 463 -15.67 -1.30 40.31
CA ILE B 463 -16.70 -0.29 40.39
C ILE B 463 -16.47 0.77 39.32
N ILE B 464 -15.21 1.10 39.06
CA ILE B 464 -14.91 2.09 38.03
C ILE B 464 -15.34 1.57 36.66
N ALA B 465 -15.12 0.28 36.40
CA ALA B 465 -15.53 -0.32 35.14
C ALA B 465 -17.05 -0.29 35.01
N MET B 466 -17.76 -0.54 36.11
CA MET B 466 -19.21 -0.48 36.09
C MET B 466 -19.70 0.93 35.73
N ILE B 467 -19.14 1.94 36.40
CA ILE B 467 -19.57 3.30 36.10
C ILE B 467 -19.21 3.66 34.66
N LEU B 468 -18.08 3.16 34.17
CA LEU B 468 -17.67 3.44 32.81
C LEU B 468 -18.64 2.80 31.81
N LEU B 469 -19.08 1.57 32.08
CA LEU B 469 -20.10 0.94 31.25
C LEU B 469 -21.35 1.81 31.20
N GLY B 470 -21.83 2.21 32.38
CA GLY B 470 -23.02 3.01 32.46
C GLY B 470 -22.90 4.29 31.62
N THR B 471 -21.81 5.03 31.82
CA THR B 471 -21.66 6.30 31.13
C THR B 471 -21.49 6.09 29.63
N PHE B 472 -20.78 5.02 29.27
CA PHE B 472 -20.59 4.65 27.88
C PHE B 472 -21.94 4.53 27.20
N PHE B 473 -22.81 3.71 27.79
CA PHE B 473 -24.12 3.50 27.19
C PHE B 473 -24.94 4.80 27.18
N ILE B 474 -24.94 5.55 28.28
CA ILE B 474 -25.77 6.74 28.37
C ILE B 474 -25.40 7.74 27.29
N THR B 475 -24.11 7.97 27.07
CA THR B 475 -23.72 9.00 26.13
C THR B 475 -24.19 8.71 24.71
N SER B 476 -24.23 7.43 24.29
CA SER B 476 -24.73 7.08 22.97
C SER B 476 -26.25 6.94 22.95
N ALA B 477 -26.86 6.46 24.03
CA ALA B 477 -28.32 6.30 24.05
C ALA B 477 -29.01 7.65 23.98
N ASP B 478 -28.46 8.66 24.66
CA ASP B 478 -29.04 9.99 24.58
C ASP B 478 -29.08 10.46 23.14
N SER B 479 -27.94 10.35 22.46
CA SER B 479 -27.84 10.81 21.09
C SER B 479 -28.76 10.01 20.18
N ALA B 480 -28.86 8.69 20.39
CA ALA B 480 -29.74 7.86 19.57
C ALA B 480 -31.20 8.30 19.72
N SER B 481 -31.63 8.52 20.96
CA SER B 481 -33.00 8.94 21.21
C SER B 481 -33.28 10.31 20.59
N THR B 482 -32.35 11.24 20.74
CA THR B 482 -32.54 12.57 20.18
C THR B 482 -32.64 12.50 18.65
N VAL B 483 -31.79 11.69 18.02
CA VAL B 483 -31.82 11.59 16.58
C VAL B 483 -33.11 10.90 16.11
N MET B 484 -33.58 9.91 16.85
CA MET B 484 -34.86 9.30 16.51
C MET B 484 -35.99 10.33 16.59
N GLY B 485 -35.93 11.21 17.60
CA GLY B 485 -36.89 12.29 17.67
C GLY B 485 -36.85 13.21 16.46
N THR B 486 -35.64 13.60 16.04
CA THR B 486 -35.52 14.47 14.88
C THR B 486 -36.05 13.76 13.63
N MET B 487 -35.75 12.46 13.49
CA MET B 487 -36.27 11.70 12.37
C MET B 487 -37.81 11.68 12.36
N SER B 488 -38.41 11.56 13.54
CA SER B 488 -39.85 11.47 13.65
C SER B 488 -40.54 12.84 13.60
N GLN B 489 -39.78 13.95 13.62
CA GLN B 489 -40.37 15.28 13.57
C GLN B 489 -39.80 16.08 12.38
N HIS B 490 -39.67 15.41 11.23
CA HIS B 490 -39.26 16.08 9.99
C HIS B 490 -37.95 16.85 10.14
N GLY B 491 -37.01 16.25 10.89
CA GLY B 491 -35.68 16.83 11.00
C GLY B 491 -35.61 18.05 11.91
N GLN B 492 -36.60 18.25 12.77
CA GLN B 492 -36.51 19.32 13.76
C GLN B 492 -35.41 19.02 14.76
N LEU B 493 -34.59 20.03 15.06
CA LEU B 493 -33.47 19.84 15.97
C LEU B 493 -33.96 19.48 17.37
N GLU B 494 -34.97 20.23 17.87
CA GLU B 494 -35.49 20.02 19.21
C GLU B 494 -36.74 19.16 19.09
N ALA B 495 -36.58 17.87 19.39
CA ALA B 495 -37.71 16.94 19.30
C ALA B 495 -38.59 17.06 20.54
N ASN B 496 -39.80 16.52 20.42
CA ASN B 496 -40.72 16.44 21.53
C ASN B 496 -40.16 15.50 22.59
N LYS B 497 -40.38 15.85 23.86
CA LYS B 497 -39.86 15.06 24.96
C LYS B 497 -40.48 13.66 24.97
N TRP B 498 -41.79 13.58 24.69
CA TRP B 498 -42.48 12.30 24.74
C TRP B 498 -41.97 11.35 23.66
N VAL B 499 -41.65 11.87 22.48
CA VAL B 499 -41.10 11.02 21.44
C VAL B 499 -39.76 10.43 21.87
N THR B 500 -38.90 11.27 22.47
CA THR B 500 -37.61 10.80 22.96
C THR B 500 -37.81 9.71 24.02
N ALA B 501 -38.72 9.95 24.97
CA ALA B 501 -38.94 8.97 26.02
C ALA B 501 -39.49 7.67 25.44
N ALA B 502 -40.40 7.78 24.48
CA ALA B 502 -41.01 6.58 23.87
C ALA B 502 -39.95 5.76 23.15
N TRP B 503 -39.05 6.42 22.43
CA TRP B 503 -38.03 5.68 21.71
C TRP B 503 -37.02 5.04 22.66
N GLY B 504 -36.69 5.73 23.75
CA GLY B 504 -35.86 5.11 24.77
C GLY B 504 -36.51 3.87 25.37
N VAL B 505 -37.80 3.95 25.65
CA VAL B 505 -38.52 2.82 26.20
C VAL B 505 -38.56 1.67 25.18
N ALA B 506 -38.73 2.00 23.91
CA ALA B 506 -38.75 0.97 22.86
C ALA B 506 -37.40 0.25 22.79
N THR B 507 -36.30 1.02 22.84
CA THR B 507 -34.98 0.43 22.83
C THR B 507 -34.80 -0.50 24.04
N ALA B 508 -35.21 -0.04 25.22
CA ALA B 508 -35.08 -0.84 26.43
C ALA B 508 -35.87 -2.14 26.31
N ALA B 509 -37.10 -2.04 25.79
CA ALA B 509 -37.95 -3.21 25.66
C ALA B 509 -37.33 -4.22 24.70
N ILE B 510 -36.81 -3.74 23.56
CA ILE B 510 -36.22 -4.66 22.60
C ILE B 510 -35.00 -5.35 23.21
N GLY B 511 -34.16 -4.59 23.90
CA GLY B 511 -33.00 -5.18 24.57
C GLY B 511 -33.43 -6.26 25.57
N LEU B 512 -34.48 -6.00 26.34
CA LEU B 512 -34.94 -6.95 27.34
C LEU B 512 -35.44 -8.23 26.67
N THR B 513 -36.26 -8.11 25.63
CA THR B 513 -36.80 -9.31 24.99
C THR B 513 -35.67 -10.11 24.33
N LEU B 514 -34.69 -9.43 23.74
CA LEU B 514 -33.57 -10.13 23.15
C LEU B 514 -32.77 -10.87 24.22
N LEU B 515 -32.61 -10.28 25.40
CA LEU B 515 -31.79 -10.89 26.45
C LEU B 515 -32.53 -12.08 27.08
N LEU B 516 -33.82 -11.92 27.38
CA LEU B 516 -34.58 -13.01 28.00
C LEU B 516 -34.65 -14.24 27.08
N SER B 517 -34.94 -14.02 25.80
CA SER B 517 -34.98 -15.11 24.84
C SER B 517 -33.58 -15.72 24.70
N GLY B 518 -33.52 -17.03 24.57
CA GLY B 518 -32.24 -17.72 24.49
C GLY B 518 -31.43 -17.51 25.76
N GLY B 519 -32.08 -17.71 26.91
CA GLY B 519 -31.49 -17.42 28.20
C GLY B 519 -30.19 -18.19 28.47
N ASP B 520 -30.04 -19.36 27.86
CA ASP B 520 -28.85 -20.16 28.10
C ASP B 520 -27.60 -19.43 27.64
N ASN B 521 -27.68 -18.78 26.46
CA ASN B 521 -26.57 -18.02 25.92
C ASN B 521 -26.88 -16.52 25.93
N ALA B 522 -27.97 -16.15 25.25
CA ALA B 522 -28.50 -14.79 25.20
C ALA B 522 -27.64 -13.87 24.33
N LEU B 523 -26.49 -14.33 23.83
CA LEU B 523 -25.60 -13.51 23.03
C LEU B 523 -25.75 -13.82 21.54
N SER B 524 -25.87 -15.10 21.19
CA SER B 524 -26.10 -15.48 19.81
C SER B 524 -27.41 -14.88 19.30
N ASN B 525 -28.43 -14.83 20.16
CA ASN B 525 -29.71 -14.24 19.77
C ASN B 525 -29.53 -12.75 19.42
N LEU B 526 -28.77 -12.04 20.26
CA LEU B 526 -28.48 -10.64 20.00
C LEU B 526 -27.79 -10.47 18.65
N GLN B 527 -26.79 -11.31 18.37
CA GLN B 527 -26.04 -11.19 17.13
C GLN B 527 -26.92 -11.48 15.91
N ASN B 528 -27.73 -12.52 15.99
CA ASN B 528 -28.63 -12.86 14.91
C ASN B 528 -29.58 -11.72 14.60
N VAL B 529 -30.21 -11.18 15.65
CA VAL B 529 -31.19 -10.14 15.45
C VAL B 529 -30.54 -8.88 14.89
N THR B 530 -29.33 -8.55 15.37
CA THR B 530 -28.64 -7.37 14.87
C THR B 530 -28.33 -7.51 13.38
N ILE B 531 -27.84 -8.68 12.96
CA ILE B 531 -27.52 -8.87 11.55
C ILE B 531 -28.77 -8.76 10.70
N VAL B 532 -29.85 -9.40 11.15
CA VAL B 532 -31.09 -9.38 10.38
C VAL B 532 -31.61 -7.95 10.25
N ALA B 533 -31.61 -7.19 11.35
CA ALA B 533 -32.15 -5.84 11.33
C ALA B 533 -31.27 -4.89 10.52
N ALA B 534 -29.96 -5.12 10.51
CA ALA B 534 -29.04 -4.20 9.83
C ALA B 534 -28.83 -4.56 8.37
N THR B 535 -29.34 -5.70 7.89
CA THR B 535 -29.14 -6.06 6.49
C THR B 535 -29.74 -5.00 5.56
N PRO B 536 -31.02 -4.57 5.70
CA PRO B 536 -31.57 -3.60 4.76
C PRO B 536 -30.82 -2.28 4.65
N PHE B 537 -30.22 -1.80 5.74
CA PHE B 537 -29.52 -0.52 5.74
C PHE B 537 -28.15 -0.58 5.05
N LEU B 538 -27.61 -1.76 4.82
CA LEU B 538 -26.37 -1.86 4.06
C LEU B 538 -26.56 -1.26 2.66
N PHE B 539 -27.70 -1.54 2.04
CA PHE B 539 -27.98 -1.02 0.72
C PHE B 539 -28.25 0.48 0.77
N VAL B 540 -28.82 0.98 1.88
CA VAL B 540 -29.00 2.42 2.04
C VAL B 540 -27.65 3.11 2.07
N VAL B 541 -26.68 2.54 2.77
CA VAL B 541 -25.36 3.14 2.80
C VAL B 541 -24.68 3.06 1.43
N ILE B 542 -24.87 1.94 0.74
CA ILE B 542 -24.28 1.79 -0.59
C ILE B 542 -24.86 2.84 -1.54
N GLY B 543 -26.16 3.08 -1.46
CA GLY B 543 -26.78 4.13 -2.25
C GLY B 543 -26.34 5.51 -1.81
N LEU B 544 -26.06 5.69 -0.53
CA LEU B 544 -25.55 6.96 -0.03
C LEU B 544 -24.22 7.31 -0.68
N MET B 545 -23.39 6.30 -0.98
CA MET B 545 -22.15 6.58 -1.68
C MET B 545 -22.40 7.30 -3.01
N PHE B 546 -23.29 6.73 -3.84
CA PHE B 546 -23.60 7.32 -5.13
C PHE B 546 -24.26 8.68 -4.96
N ALA B 547 -25.19 8.80 -4.01
CA ALA B 547 -25.86 10.05 -3.77
C ALA B 547 -24.84 11.13 -3.41
N LEU B 548 -23.88 10.78 -2.55
CA LEU B 548 -22.88 11.76 -2.12
C LEU B 548 -22.00 12.17 -3.29
N VAL B 549 -21.59 11.23 -4.14
CA VAL B 549 -20.76 11.61 -5.28
C VAL B 549 -21.53 12.55 -6.21
N LYS B 550 -22.79 12.23 -6.48
CA LYS B 550 -23.63 13.09 -7.31
C LYS B 550 -23.77 14.48 -6.69
N ASP B 551 -23.94 14.58 -5.39
CA ASP B 551 -24.17 15.85 -4.76
C ASP B 551 -22.88 16.65 -4.67
N LEU B 552 -21.74 15.99 -4.56
CA LEU B 552 -20.48 16.72 -4.52
C LEU B 552 -20.12 17.24 -5.91
N SER B 553 -20.29 16.41 -6.94
CA SER B 553 -19.93 16.81 -8.30
C SER B 553 -20.75 18.04 -8.73
N ASN B 554 -22.04 18.05 -8.39
CA ASN B 554 -22.92 19.14 -8.79
C ASN B 554 -22.90 20.26 -7.74
N ASP B 555 -21.70 20.73 -7.42
CA ASP B 555 -21.54 21.81 -6.47
C ASP B 555 -21.50 23.15 -7.20
N VAL B 556 -21.80 24.23 -6.48
CA VAL B 556 -21.84 25.55 -7.08
C VAL B 556 -20.46 25.95 -7.61
N ILE B 557 -19.41 25.61 -6.88
CA ILE B 557 -18.07 26.01 -7.28
C ILE B 557 -17.68 25.32 -8.58
N TYR B 558 -18.11 24.07 -8.78
CA TYR B 558 -17.78 23.34 -10.00
C TYR B 558 -18.85 23.49 -11.08
N LEU B 559 -20.11 23.76 -10.70
CA LEU B 559 -21.18 23.83 -11.68
C LEU B 559 -20.94 24.92 -12.73
N GLU B 560 -20.17 25.95 -12.39
CA GLU B 560 -19.96 27.09 -13.27
C GLU B 560 -18.87 26.84 -14.31
N TYR B 561 -18.16 25.71 -14.23
CA TYR B 561 -17.07 25.40 -15.14
C TYR B 561 -17.32 24.11 -15.92
N ARG B 562 -17.89 23.08 -15.30
CA ARG B 562 -18.15 21.84 -16.01
C ARG B 562 -19.20 22.04 -17.10
N GLU B 563 -20.01 23.10 -17.01
CA GLU B 563 -20.94 23.42 -18.08
C GLU B 563 -20.20 23.74 -19.37
N GLN B 564 -19.07 24.44 -19.27
CA GLN B 564 -18.27 24.77 -20.46
C GLN B 564 -17.79 23.49 -21.14
N GLN B 565 -17.30 22.54 -20.32
CA GLN B 565 -16.74 21.29 -20.79
C GLN B 565 -17.81 20.36 -21.38
N ARG B 566 -19.04 20.45 -20.84
CA ARG B 566 -20.15 19.67 -21.36
C ARG B 566 -20.63 20.26 -22.69
N PHE B 567 -20.69 21.59 -22.79
CA PHE B 567 -21.13 22.23 -24.02
C PHE B 567 -20.10 22.03 -25.13
N ASN B 568 -18.82 22.06 -24.79
CA ASN B 568 -17.77 21.88 -25.79
C ASN B 568 -17.74 20.44 -26.32
N ALA B 569 -18.07 19.48 -25.46
CA ALA B 569 -18.09 18.08 -25.88
C ALA B 569 -19.15 17.86 -26.96
N ARG B 570 -20.32 18.48 -26.81
CA ARG B 570 -21.41 18.23 -27.73
C ARG B 570 -21.07 18.73 -29.15
N LEU B 571 -20.29 19.82 -29.24
CA LEU B 571 -19.87 20.37 -30.52
C LEU B 571 -18.48 19.88 -30.93
N ALA B 572 -18.13 18.64 -30.56
CA ALA B 572 -16.82 18.08 -30.87
C ALA B 572 -16.82 17.57 -32.31
N ARG B 573 -16.67 18.49 -33.26
CA ARG B 573 -16.54 18.14 -34.66
C ARG B 573 -15.63 19.15 -35.39
N ALA C 64 29.34 38.27 24.51
CA ALA C 64 28.87 36.93 24.09
C ALA C 64 29.93 35.89 24.44
N SER C 65 29.65 35.10 25.47
CA SER C 65 30.56 34.06 25.92
C SER C 65 30.70 32.98 24.84
N LEU C 66 31.91 32.44 24.73
CA LEU C 66 32.17 31.32 23.82
C LEU C 66 31.47 30.07 24.35
N ASN C 67 31.18 29.15 23.42
CA ASN C 67 30.41 27.95 23.73
C ASN C 67 31.36 26.86 24.25
N TRP C 68 31.77 27.03 25.51
CA TRP C 68 32.56 26.02 26.21
C TRP C 68 31.69 25.11 27.07
N SER C 69 30.45 25.53 27.36
CA SER C 69 29.52 24.69 28.12
C SER C 69 29.15 23.43 27.34
N VAL C 70 29.35 23.42 26.02
CA VAL C 70 29.13 22.22 25.22
C VAL C 70 30.43 21.45 25.00
N ILE C 71 31.59 22.09 25.22
CA ILE C 71 32.88 21.45 24.99
C ILE C 71 33.34 20.67 26.22
N VAL C 72 33.28 21.31 27.40
CA VAL C 72 33.84 20.69 28.59
C VAL C 72 33.11 19.40 28.94
N PRO C 73 31.76 19.37 29.00
CA PRO C 73 31.08 18.14 29.36
C PRO C 73 31.37 16.98 28.42
N ALA C 74 31.38 17.24 27.11
CA ALA C 74 31.62 16.17 26.16
C ALA C 74 33.05 15.63 26.30
N LEU C 75 34.04 16.52 26.41
CA LEU C 75 35.42 16.10 26.60
C LEU C 75 35.57 15.26 27.88
N VAL C 76 35.00 15.73 29.00
CA VAL C 76 35.19 15.00 30.24
C VAL C 76 34.48 13.65 30.17
N ILE C 77 33.31 13.59 29.55
CA ILE C 77 32.58 12.34 29.43
C ILE C 77 33.39 11.33 28.59
N VAL C 78 33.94 11.80 27.46
CA VAL C 78 34.66 10.88 26.59
C VAL C 78 35.96 10.43 27.25
N LEU C 79 36.64 11.33 27.97
CA LEU C 79 37.85 10.95 28.69
C LEU C 79 37.54 9.92 29.77
N ALA C 80 36.43 10.13 30.49
CA ALA C 80 36.00 9.16 31.49
C ALA C 80 35.77 7.80 30.84
N THR C 81 35.09 7.79 29.69
CA THR C 81 34.84 6.54 28.98
C THR C 81 36.15 5.87 28.60
N VAL C 82 37.12 6.66 28.10
CA VAL C 82 38.40 6.10 27.68
C VAL C 82 39.11 5.43 28.85
N VAL C 83 39.22 6.15 29.97
CA VAL C 83 39.94 5.60 31.11
C VAL C 83 39.20 4.38 31.66
N TRP C 84 37.86 4.44 31.68
CA TRP C 84 37.06 3.33 32.16
C TRP C 84 37.29 2.08 31.30
N GLY C 85 37.29 2.26 29.98
CA GLY C 85 37.50 1.16 29.06
C GLY C 85 38.92 0.62 29.10
N ILE C 86 39.89 1.45 29.47
CA ILE C 86 41.27 1.02 29.54
C ILE C 86 41.50 0.22 30.83
N GLY C 87 41.29 0.86 31.98
CA GLY C 87 41.71 0.30 33.26
C GLY C 87 40.75 -0.74 33.84
N PHE C 88 39.51 -0.81 33.32
CA PHE C 88 38.48 -1.66 33.90
C PHE C 88 37.76 -2.43 32.79
N LYS C 89 38.54 -3.14 31.97
CA LYS C 89 38.00 -3.79 30.78
C LYS C 89 36.86 -4.75 31.14
N ASP C 90 37.07 -5.58 32.16
CA ASP C 90 36.04 -6.53 32.56
C ASP C 90 34.80 -5.81 33.07
N SER C 91 35.01 -4.85 33.98
CA SER C 91 33.90 -4.07 34.51
C SER C 91 33.23 -3.26 33.41
N PHE C 92 34.03 -2.70 32.50
CA PHE C 92 33.47 -1.93 31.39
C PHE C 92 32.58 -2.81 30.51
N THR C 93 33.06 -4.01 30.19
CA THR C 93 32.28 -4.93 29.36
C THR C 93 30.99 -5.33 30.07
N ASN C 94 31.07 -5.63 31.37
CA ASN C 94 29.88 -5.99 32.13
C ASN C 94 28.86 -4.84 32.13
N PHE C 95 29.34 -3.61 32.36
CA PHE C 95 28.46 -2.46 32.35
C PHE C 95 27.83 -2.25 30.97
N ALA C 96 28.62 -2.42 29.91
CA ALA C 96 28.10 -2.25 28.56
C ALA C 96 27.02 -3.28 28.27
N SER C 97 27.25 -4.54 28.67
CA SER C 97 26.26 -5.59 28.47
C SER C 97 24.98 -5.29 29.25
N SER C 98 25.11 -4.89 30.52
CA SER C 98 23.96 -4.59 31.35
C SER C 98 23.16 -3.42 30.77
N ALA C 99 23.86 -2.36 30.35
CA ALA C 99 23.19 -1.20 29.78
C ALA C 99 22.50 -1.57 28.48
N LEU C 100 23.15 -2.42 27.67
CA LEU C 100 22.53 -2.87 26.42
C LEU C 100 21.24 -3.63 26.73
N SER C 101 21.29 -4.54 27.70
CA SER C 101 20.12 -5.31 28.07
C SER C 101 18.97 -4.40 28.51
N ALA C 102 19.28 -3.45 29.41
CA ALA C 102 18.27 -2.55 29.92
C ALA C 102 17.67 -1.69 28.79
N VAL C 103 18.55 -1.11 27.97
CA VAL C 103 18.10 -0.22 26.91
C VAL C 103 17.24 -1.01 25.91
N VAL C 104 17.69 -2.19 25.50
CA VAL C 104 16.93 -2.97 24.54
C VAL C 104 15.57 -3.29 25.13
N ASP C 105 15.56 -3.85 26.35
CA ASP C 105 14.31 -4.31 26.94
C ASP C 105 13.29 -3.17 27.10
N ASN C 106 13.77 -1.97 27.45
CA ASN C 106 12.86 -0.89 27.79
C ASN C 106 12.63 0.10 26.65
N LEU C 107 13.41 0.06 25.55
CA LEU C 107 13.24 1.04 24.48
C LEU C 107 13.35 0.45 23.08
N GLY C 108 13.37 -0.87 22.94
CA GLY C 108 13.27 -1.44 21.61
C GLY C 108 11.96 -1.05 20.95
N TRP C 109 10.89 -0.96 21.73
CA TRP C 109 9.62 -0.54 21.19
C TRP C 109 9.76 0.88 20.62
N ALA C 110 10.46 1.77 21.31
CA ALA C 110 10.59 3.15 20.86
C ALA C 110 11.37 3.18 19.55
N PHE C 111 12.51 2.48 19.51
CA PHE C 111 13.31 2.43 18.29
C PHE C 111 12.48 1.90 17.12
N ILE C 112 11.79 0.78 17.33
CA ILE C 112 11.06 0.11 16.27
C ILE C 112 9.87 0.95 15.80
N LEU C 113 9.12 1.55 16.73
CA LEU C 113 7.97 2.35 16.34
C LEU C 113 8.40 3.58 15.57
N PHE C 114 9.39 4.30 16.10
CA PHE C 114 9.71 5.58 15.49
C PHE C 114 10.56 5.41 14.23
N GLY C 115 11.22 4.26 14.05
CA GLY C 115 11.89 3.99 12.79
C GLY C 115 10.92 4.09 11.61
N THR C 116 9.70 3.55 11.80
CA THR C 116 8.71 3.58 10.74
C THR C 116 7.93 4.89 10.75
N VAL C 117 7.72 5.48 11.92
CA VAL C 117 7.06 6.77 11.96
C VAL C 117 7.87 7.80 11.19
N PHE C 118 9.21 7.70 11.20
CA PHE C 118 10.03 8.63 10.44
C PHE C 118 9.74 8.54 8.95
N VAL C 119 9.63 7.32 8.42
CA VAL C 119 9.40 7.14 7.00
C VAL C 119 8.01 7.66 6.62
N PHE C 120 7.00 7.32 7.43
CA PHE C 120 5.66 7.82 7.16
C PHE C 120 5.64 9.35 7.21
N PHE C 121 6.30 9.93 8.21
CA PHE C 121 6.31 11.38 8.36
C PHE C 121 6.96 12.05 7.17
N ILE C 122 8.08 11.52 6.69
CA ILE C 122 8.77 12.13 5.57
C ILE C 122 7.93 12.04 4.29
N VAL C 123 7.34 10.88 3.99
CA VAL C 123 6.47 10.81 2.82
C VAL C 123 5.28 11.78 2.98
N VAL C 124 4.66 11.87 4.16
CA VAL C 124 3.54 12.79 4.33
C VAL C 124 3.98 14.23 4.09
N ILE C 125 5.15 14.61 4.60
CA ILE C 125 5.64 15.96 4.41
C ILE C 125 5.86 16.25 2.92
N ALA C 126 6.41 15.31 2.14
CA ALA C 126 6.66 15.63 0.74
C ALA C 126 5.39 15.53 -0.10
N ALA C 127 4.32 14.89 0.40
CA ALA C 127 3.05 14.77 -0.31
C ALA C 127 2.00 15.77 0.17
N SER C 128 2.39 16.70 1.03
CA SER C 128 1.49 17.70 1.55
C SER C 128 1.82 19.07 0.95
N LYS C 129 1.08 20.09 1.41
CA LYS C 129 1.26 21.45 0.94
C LYS C 129 2.65 22.00 1.25
N PHE C 130 3.35 21.40 2.22
CA PHE C 130 4.68 21.88 2.59
C PHE C 130 5.72 21.53 1.53
N GLY C 131 5.42 20.56 0.67
CA GLY C 131 6.42 20.09 -0.30
C GLY C 131 6.86 21.19 -1.25
N THR C 132 5.96 22.13 -1.55
CA THR C 132 6.29 23.11 -2.59
C THR C 132 7.31 24.12 -2.10
N ILE C 133 7.43 24.27 -0.78
CA ILE C 133 8.32 25.27 -0.20
C ILE C 133 9.72 25.01 -0.72
N ARG C 134 10.55 26.02 -0.65
CA ARG C 134 11.91 25.85 -1.08
C ARG C 134 12.79 26.32 0.05
N LEU C 135 14.01 25.80 0.08
CA LEU C 135 14.89 26.08 1.20
C LEU C 135 15.59 27.40 0.92
N GLY C 136 14.96 28.47 1.39
CA GLY C 136 15.46 29.82 1.21
C GLY C 136 14.33 30.74 0.78
N ARG C 137 14.70 31.89 0.22
CA ARG C 137 13.70 32.82 -0.28
C ARG C 137 12.92 32.18 -1.44
N ILE C 138 11.73 32.71 -1.69
CA ILE C 138 10.88 32.18 -2.75
C ILE C 138 11.59 32.32 -4.10
N ASP C 139 11.28 31.38 -5.00
CA ASP C 139 11.85 31.32 -6.35
C ASP C 139 13.38 31.43 -6.34
N GLU C 140 14.02 31.00 -5.25
CA GLU C 140 15.48 31.03 -5.17
C GLU C 140 16.07 29.82 -5.91
N ALA C 141 17.26 30.03 -6.48
CA ALA C 141 17.95 29.03 -7.26
C ALA C 141 18.99 28.31 -6.41
N PRO C 142 19.34 27.05 -6.76
CA PRO C 142 20.36 26.33 -6.03
C PRO C 142 21.78 26.77 -6.39
N GLU C 143 22.75 26.16 -5.73
CA GLU C 143 24.16 26.48 -5.95
C GLU C 143 25.00 25.27 -6.34
N PHE C 144 24.45 24.06 -6.21
CA PHE C 144 25.16 22.83 -6.56
C PHE C 144 24.42 22.12 -7.70
N ARG C 145 25.20 21.49 -8.58
CA ARG C 145 24.62 20.66 -9.61
C ARG C 145 23.96 19.43 -8.97
N THR C 146 22.97 18.87 -9.67
CA THR C 146 22.25 17.72 -9.15
C THR C 146 23.20 16.54 -8.95
N VAL C 147 24.05 16.27 -9.93
CA VAL C 147 24.93 15.12 -9.83
C VAL C 147 25.90 15.26 -8.65
N SER C 148 26.49 16.45 -8.50
CA SER C 148 27.34 16.71 -7.35
C SER C 148 26.56 16.61 -6.04
N TRP C 149 25.32 17.12 -6.05
CA TRP C 149 24.48 17.06 -4.87
C TRP C 149 24.28 15.63 -4.39
N ILE C 150 23.92 14.73 -5.29
CA ILE C 150 23.73 13.35 -4.87
C ILE C 150 25.05 12.69 -4.54
N SER C 151 26.09 12.97 -5.30
CA SER C 151 27.38 12.32 -5.05
C SER C 151 27.89 12.66 -3.66
N MET C 152 27.62 13.87 -3.18
CA MET C 152 28.01 14.27 -1.83
C MET C 152 26.94 13.94 -0.79
N MET C 153 25.73 13.56 -1.22
CA MET C 153 24.76 13.01 -0.30
C MET C 153 25.16 11.59 0.13
N PHE C 154 25.44 10.70 -0.83
CA PHE C 154 25.67 9.29 -0.51
C PHE C 154 26.99 9.09 0.20
N ALA C 155 28.02 9.84 -0.19
CA ALA C 155 29.37 9.63 0.33
C ALA C 155 29.60 10.35 1.65
N ALA C 156 28.65 11.17 2.13
CA ALA C 156 28.77 11.83 3.42
C ALA C 156 28.02 11.07 4.50
N GLY C 157 27.01 10.29 4.11
CA GLY C 157 26.17 9.56 5.04
C GLY C 157 26.45 8.06 5.06
N MET C 158 27.52 7.63 4.38
CA MET C 158 27.91 6.22 4.34
C MET C 158 29.31 6.04 4.91
N GLY C 159 29.64 4.84 5.38
CA GLY C 159 30.97 4.54 5.86
C GLY C 159 31.36 3.11 5.44
N ILE C 160 31.72 2.29 6.42
CA ILE C 160 32.10 0.91 6.17
C ILE C 160 30.89 -0.01 6.27
N GLY C 161 29.68 0.56 6.31
CA GLY C 161 28.49 -0.23 6.53
C GLY C 161 28.28 -1.18 5.37
N LEU C 162 28.43 -0.65 4.15
CA LEU C 162 28.21 -1.45 2.95
C LEU C 162 29.30 -2.50 2.78
N MET C 163 30.55 -2.14 3.08
CA MET C 163 31.64 -3.07 2.88
C MET C 163 31.64 -4.17 3.93
N PHE C 164 31.34 -3.83 5.18
CA PHE C 164 31.35 -4.82 6.24
C PHE C 164 30.18 -5.81 6.09
N TYR C 165 28.98 -5.27 5.90
CA TYR C 165 27.77 -6.07 5.89
C TYR C 165 27.26 -6.33 4.47
N GLY C 166 28.07 -6.03 3.45
CA GLY C 166 27.66 -6.32 2.07
C GLY C 166 27.46 -7.79 1.84
N THR C 167 28.39 -8.61 2.36
CA THR C 167 28.36 -10.05 2.17
C THR C 167 27.81 -10.77 3.42
N THR C 168 28.16 -10.30 4.61
CA THR C 168 27.86 -11.02 5.83
C THR C 168 26.35 -11.09 6.07
N GLU C 169 25.64 -9.99 5.80
CA GLU C 169 24.27 -9.86 6.25
C GLU C 169 23.32 -10.76 5.46
N PRO C 170 23.21 -10.64 4.12
CA PRO C 170 22.29 -11.50 3.39
C PRO C 170 22.67 -12.97 3.51
N LEU C 171 23.97 -13.27 3.51
CA LEU C 171 24.41 -14.64 3.65
C LEU C 171 23.98 -15.21 4.99
N THR C 172 24.16 -14.44 6.06
CA THR C 172 23.78 -14.89 7.39
C THR C 172 22.28 -15.12 7.49
N PHE C 173 21.49 -14.23 6.92
CA PHE C 173 20.04 -14.39 6.98
C PHE C 173 19.59 -15.57 6.13
N TYR C 174 20.28 -15.85 5.03
CA TYR C 174 19.97 -17.04 4.25
C TYR C 174 20.30 -18.31 5.03
N ARG C 175 21.47 -18.34 5.67
CA ARG C 175 21.90 -19.53 6.36
C ARG C 175 21.01 -19.82 7.57
N ASN C 176 20.80 -18.82 8.43
CA ASN C 176 20.20 -19.03 9.74
C ASN C 176 18.71 -18.67 9.76
N GLY C 177 18.29 -17.75 8.89
CA GLY C 177 16.90 -17.33 8.88
C GLY C 177 16.66 -16.16 9.83
N VAL C 178 15.41 -15.69 9.84
CA VAL C 178 15.02 -14.59 10.70
C VAL C 178 13.75 -14.99 11.46
N PRO C 179 13.47 -14.39 12.62
CA PRO C 179 12.24 -14.71 13.34
C PRO C 179 10.98 -14.57 12.51
N GLY C 180 10.10 -15.56 12.63
CA GLY C 180 8.86 -15.59 11.87
C GLY C 180 9.03 -16.23 10.49
N HIS C 181 10.23 -16.72 10.16
CA HIS C 181 10.48 -17.31 8.84
C HIS C 181 11.50 -18.43 9.00
N ASP C 182 11.48 -19.36 8.05
CA ASP C 182 12.35 -20.52 8.08
C ASP C 182 13.59 -20.27 7.23
N GLU C 183 14.67 -20.97 7.58
CA GLU C 183 15.95 -20.78 6.93
C GLU C 183 15.88 -21.13 5.44
N HIS C 184 16.92 -20.73 4.71
CA HIS C 184 17.04 -20.99 3.28
C HIS C 184 15.86 -20.39 2.54
N ASN C 185 15.76 -19.06 2.61
CA ASN C 185 14.75 -18.30 1.89
C ASN C 185 15.42 -17.05 1.35
N VAL C 186 15.76 -17.04 0.07
CA VAL C 186 16.51 -15.94 -0.51
C VAL C 186 15.70 -14.64 -0.48
N GLY C 187 14.42 -14.75 -0.76
CA GLY C 187 13.58 -13.56 -0.72
C GLY C 187 13.58 -12.89 0.64
N VAL C 188 13.49 -13.67 1.72
CA VAL C 188 13.48 -13.11 3.05
C VAL C 188 14.82 -12.47 3.38
N ALA C 189 15.92 -13.14 3.02
CA ALA C 189 17.24 -12.61 3.31
C ALA C 189 17.43 -11.24 2.63
N MET C 190 17.12 -11.18 1.35
CA MET C 190 17.35 -9.95 0.60
C MET C 190 16.39 -8.88 1.07
N SER C 191 15.13 -9.24 1.37
CA SER C 191 14.15 -8.26 1.80
C SER C 191 14.56 -7.63 3.13
N THR C 192 15.03 -8.43 4.07
CA THR C 192 15.40 -7.87 5.36
C THR C 192 16.69 -7.05 5.27
N THR C 193 17.62 -7.43 4.40
CA THR C 193 18.78 -6.60 4.16
C THR C 193 18.36 -5.23 3.62
N MET C 194 17.50 -5.23 2.61
CA MET C 194 17.00 -4.00 2.04
C MET C 194 16.29 -3.17 3.11
N PHE C 195 15.55 -3.82 3.99
CA PHE C 195 14.89 -3.14 5.09
C PHE C 195 15.90 -2.40 5.96
N HIS C 196 16.98 -3.08 6.30
CA HIS C 196 17.97 -2.50 7.18
C HIS C 196 18.78 -1.38 6.52
N TRP C 197 18.78 -1.29 5.19
CA TRP C 197 19.72 -0.42 4.50
C TRP C 197 19.12 0.55 3.50
N THR C 198 17.78 0.67 3.36
CA THR C 198 17.22 1.44 2.25
C THR C 198 16.46 2.69 2.66
N LEU C 199 15.30 2.58 3.33
CA LEU C 199 14.40 3.72 3.53
C LEU C 199 14.33 4.22 4.98
N HIS C 200 14.33 3.36 6.01
CA HIS C 200 14.41 3.85 7.37
C HIS C 200 15.69 4.65 7.61
N PRO C 201 16.87 4.10 7.29
CA PRO C 201 18.12 4.79 7.60
C PRO C 201 18.23 6.18 6.98
N TRP C 202 17.73 6.33 5.75
CA TRP C 202 17.83 7.60 5.07
C TRP C 202 16.67 8.53 5.40
N ALA C 203 15.53 7.99 5.83
CA ALA C 203 14.48 8.82 6.37
C ALA C 203 14.93 9.53 7.63
N ILE C 204 15.70 8.85 8.47
CA ILE C 204 16.26 9.49 9.65
C ILE C 204 17.13 10.67 9.26
N TYR C 205 17.96 10.51 8.25
CA TYR C 205 18.83 11.59 7.80
C TYR C 205 18.01 12.71 7.18
N ALA C 206 16.99 12.37 6.39
CA ALA C 206 16.19 13.36 5.70
C ALA C 206 15.47 14.25 6.71
N ILE C 207 14.92 13.68 7.78
CA ILE C 207 14.22 14.48 8.76
C ILE C 207 15.15 15.54 9.36
N VAL C 208 16.32 15.13 9.81
CA VAL C 208 17.22 16.06 10.47
C VAL C 208 17.76 17.08 9.49
N GLY C 209 18.14 16.63 8.30
CA GLY C 209 18.67 17.54 7.29
C GLY C 209 17.64 18.59 6.91
N LEU C 210 16.39 18.16 6.70
CA LEU C 210 15.32 19.07 6.35
C LEU C 210 15.07 20.07 7.48
N ALA C 211 15.07 19.61 8.72
CA ALA C 211 14.88 20.51 9.85
C ALA C 211 15.96 21.59 9.89
N ILE C 212 17.23 21.18 9.75
CA ILE C 212 18.30 22.15 9.82
C ILE C 212 18.26 23.12 8.63
N ALA C 213 17.95 22.59 7.43
CA ALA C 213 17.90 23.43 6.24
C ALA C 213 16.79 24.47 6.37
N TYR C 214 15.62 24.05 6.85
CA TYR C 214 14.52 24.99 7.04
C TYR C 214 14.89 26.04 8.09
N SER C 215 15.50 25.61 9.19
CA SER C 215 15.79 26.52 10.28
C SER C 215 16.84 27.56 9.87
N THR C 216 17.82 27.15 9.04
CA THR C 216 18.96 28.01 8.78
C THR C 216 18.73 28.93 7.58
N PHE C 217 18.03 28.48 6.53
CA PHE C 217 17.92 29.24 5.29
C PHE C 217 16.63 30.05 5.22
N ARG C 218 15.47 29.40 5.32
CA ARG C 218 14.21 30.13 5.23
C ARG C 218 14.09 31.15 6.36
N VAL C 219 14.45 30.75 7.60
CA VAL C 219 14.25 31.59 8.76
C VAL C 219 15.53 32.32 9.19
N GLY C 220 16.69 31.87 8.69
CA GLY C 220 17.93 32.60 8.93
C GLY C 220 18.55 32.38 10.30
N ARG C 221 18.09 31.37 11.06
CA ARG C 221 18.68 31.10 12.36
C ARG C 221 20.10 30.57 12.21
N LYS C 222 20.80 30.47 13.34
CA LYS C 222 22.17 29.95 13.33
C LYS C 222 22.13 28.46 13.00
N GLN C 223 23.20 27.99 12.33
CA GLN C 223 23.30 26.59 11.93
C GLN C 223 23.62 25.72 13.14
N LEU C 224 22.58 25.34 13.85
CA LEU C 224 22.71 24.52 15.04
C LEU C 224 21.49 23.62 15.17
N LEU C 225 21.62 22.55 15.95
CA LEU C 225 20.50 21.65 16.16
C LEU C 225 19.47 22.29 17.09
N SER C 226 19.94 23.02 18.11
CA SER C 226 19.03 23.65 19.06
C SER C 226 18.15 24.70 18.38
N SER C 227 18.63 25.30 17.29
CA SER C 227 17.87 26.34 16.59
C SER C 227 16.55 25.78 16.06
N ALA C 228 16.58 24.57 15.50
CA ALA C 228 15.39 23.99 14.93
C ALA C 228 14.30 23.75 15.98
N PHE C 229 14.67 23.77 17.27
CA PHE C 229 13.71 23.58 18.35
C PHE C 229 13.12 24.90 18.86
N VAL C 230 13.43 26.02 18.19
CA VAL C 230 12.98 27.31 18.68
C VAL C 230 11.47 27.36 18.84
N PRO C 231 10.65 26.88 17.88
CA PRO C 231 9.21 26.92 18.08
C PRO C 231 8.71 26.22 19.34
N LEU C 232 9.31 25.09 19.70
CA LEU C 232 8.84 24.35 20.86
C LEU C 232 9.28 25.00 22.18
N ILE C 233 10.52 25.52 22.21
CA ILE C 233 11.11 26.00 23.46
C ILE C 233 11.32 27.51 23.46
N GLY C 234 11.40 28.14 22.28
CA GLY C 234 11.63 29.58 22.22
C GLY C 234 13.10 29.93 22.21
N GLU C 235 13.40 31.16 21.81
CA GLU C 235 14.78 31.62 21.65
C GLU C 235 15.57 31.46 22.95
N LYS C 236 14.98 31.89 24.07
CA LYS C 236 15.63 31.71 25.36
C LYS C 236 15.93 30.23 25.60
N GLY C 237 14.93 29.37 25.31
CA GLY C 237 15.15 27.94 25.45
C GLY C 237 16.26 27.44 24.54
N ALA C 238 16.37 28.03 23.35
CA ALA C 238 17.44 27.66 22.43
C ALA C 238 18.81 28.04 23.01
N GLU C 239 18.86 29.15 23.77
CA GLU C 239 20.10 29.60 24.38
C GLU C 239 20.20 29.17 25.84
N GLY C 240 19.20 28.45 26.35
CA GLY C 240 19.19 28.04 27.75
C GLY C 240 19.96 26.75 27.97
N TRP C 241 19.63 26.07 29.07
CA TRP C 241 20.27 24.80 29.37
C TRP C 241 19.83 23.72 28.39
N LEU C 242 18.58 23.78 27.91
CA LEU C 242 18.06 22.75 27.03
C LEU C 242 18.81 22.72 25.69
N GLY C 243 19.08 23.90 25.13
CA GLY C 243 19.83 23.96 23.89
C GLY C 243 21.24 23.40 24.03
N LYS C 244 21.91 23.76 25.12
CA LYS C 244 23.25 23.24 25.36
C LYS C 244 23.21 21.72 25.58
N LEU C 245 22.19 21.22 26.26
CA LEU C 245 22.06 19.78 26.43
C LEU C 245 21.87 19.10 25.08
N ILE C 246 21.05 19.69 24.20
CA ILE C 246 20.84 19.11 22.89
C ILE C 246 22.15 19.08 22.10
N ASP C 247 22.91 20.16 22.15
CA ASP C 247 24.19 20.20 21.45
C ASP C 247 25.16 19.15 22.00
N ILE C 248 25.19 19.00 23.32
CA ILE C 248 26.08 18.01 23.92
C ILE C 248 25.66 16.60 23.51
N LEU C 249 24.36 16.32 23.50
CA LEU C 249 23.88 15.02 23.08
C LEU C 249 24.26 14.76 21.61
N ALA C 250 24.13 15.78 20.77
CA ALA C 250 24.49 15.65 19.37
C ALA C 250 25.98 15.30 19.23
N ILE C 251 26.83 16.00 19.96
CA ILE C 251 28.26 15.75 19.85
C ILE C 251 28.61 14.35 20.37
N ILE C 252 28.00 13.94 21.48
CA ILE C 252 28.27 12.63 22.04
C ILE C 252 27.87 11.54 21.04
N ALA C 253 26.67 11.69 20.45
CA ALA C 253 26.18 10.72 19.48
C ALA C 253 27.12 10.65 18.28
N THR C 254 27.56 11.82 17.77
CA THR C 254 28.47 11.85 16.64
C THR C 254 29.76 11.10 16.97
N VAL C 255 30.34 11.40 18.13
CA VAL C 255 31.61 10.79 18.49
C VAL C 255 31.47 9.28 18.56
N PHE C 256 30.42 8.79 19.22
CA PHE C 256 30.30 7.36 19.43
C PHE C 256 29.96 6.63 18.13
N GLY C 257 29.11 7.22 17.30
CA GLY C 257 28.81 6.61 16.01
C GLY C 257 30.07 6.49 15.13
N THR C 258 30.82 7.58 15.04
CA THR C 258 32.02 7.57 14.22
C THR C 258 33.07 6.63 14.80
N ALA C 259 33.14 6.50 16.12
CA ALA C 259 34.05 5.55 16.74
C ALA C 259 33.68 4.12 16.36
N CYS C 260 32.38 3.82 16.37
CA CYS C 260 31.92 2.49 15.97
C CYS C 260 32.31 2.19 14.52
N SER C 261 32.09 3.17 13.63
CA SER C 261 32.44 3.00 12.23
C SER C 261 33.95 2.78 12.08
N LEU C 262 34.75 3.58 12.77
CA LEU C 262 36.20 3.46 12.68
C LEU C 262 36.66 2.09 13.16
N GLY C 263 36.09 1.62 14.27
CA GLY C 263 36.47 0.32 14.79
C GLY C 263 36.16 -0.81 13.82
N LEU C 264 34.94 -0.80 13.26
CA LEU C 264 34.56 -1.86 12.32
C LEU C 264 35.45 -1.82 11.07
N GLY C 265 35.72 -0.62 10.56
CA GLY C 265 36.55 -0.47 9.38
C GLY C 265 37.98 -0.96 9.64
N ALA C 266 38.55 -0.62 10.80
CA ALA C 266 39.89 -1.06 11.13
C ALA C 266 39.94 -2.58 11.25
N LEU C 267 38.92 -3.18 11.88
CA LEU C 267 38.87 -4.63 11.97
C LEU C 267 38.87 -5.26 10.58
N GLN C 268 38.04 -4.72 9.68
CA GLN C 268 37.96 -5.27 8.33
C GLN C 268 39.29 -5.13 7.59
N ILE C 269 39.95 -3.97 7.72
CA ILE C 269 41.22 -3.76 7.04
C ILE C 269 42.27 -4.75 7.58
N GLY C 270 42.28 -4.95 8.90
CA GLY C 270 43.21 -5.89 9.49
C GLY C 270 42.98 -7.31 8.96
N ALA C 271 41.71 -7.73 8.91
CA ALA C 271 41.40 -9.06 8.39
C ALA C 271 41.82 -9.17 6.92
N GLY C 272 41.59 -8.11 6.14
CA GLY C 272 41.99 -8.12 4.74
C GLY C 272 43.50 -8.26 4.58
N LEU C 273 44.27 -7.53 5.40
CA LEU C 273 45.73 -7.61 5.32
C LEU C 273 46.19 -9.00 5.73
N SER C 274 45.53 -9.60 6.73
CA SER C 274 45.84 -10.97 7.12
C SER C 274 45.60 -11.93 5.95
N ALA C 275 44.48 -11.74 5.25
CA ALA C 275 44.15 -12.59 4.10
C ALA C 275 45.17 -12.40 2.96
N ALA C 276 45.62 -11.15 2.75
CA ALA C 276 46.56 -10.84 1.68
C ALA C 276 47.97 -11.37 1.94
N ASN C 277 48.22 -11.93 3.13
CA ASN C 277 49.49 -12.56 3.50
C ASN C 277 50.58 -11.54 3.78
N ILE C 278 50.25 -10.24 3.83
CA ILE C 278 51.22 -9.24 4.25
C ILE C 278 51.56 -9.44 5.74
N ILE C 279 50.54 -9.79 6.53
CA ILE C 279 50.71 -10.02 7.96
C ILE C 279 50.11 -11.36 8.32
N GLU C 280 50.78 -12.11 9.20
CA GLU C 280 50.32 -13.43 9.59
C GLU C 280 49.14 -13.32 10.55
N ASP C 281 49.23 -12.40 11.53
CA ASP C 281 48.17 -12.23 12.52
C ASP C 281 47.92 -10.74 12.72
N PRO C 282 46.66 -10.25 12.66
CA PRO C 282 46.41 -8.83 12.86
C PRO C 282 46.69 -8.38 14.30
N SER C 283 47.65 -7.46 14.44
CA SER C 283 48.05 -6.94 15.75
C SER C 283 47.37 -5.60 16.01
N ASP C 284 47.27 -5.26 17.29
CA ASP C 284 46.74 -3.96 17.69
C ASP C 284 47.65 -2.83 17.24
N TRP C 285 48.96 -3.09 17.19
CA TRP C 285 49.90 -2.10 16.71
C TRP C 285 49.58 -1.69 15.27
N THR C 286 49.13 -2.66 14.45
CA THR C 286 48.74 -2.36 13.09
C THR C 286 47.55 -1.40 13.09
N ILE C 287 46.57 -1.62 13.98
CA ILE C 287 45.41 -0.74 14.07
C ILE C 287 45.84 0.67 14.46
N VAL C 288 46.74 0.76 15.45
CA VAL C 288 47.20 2.06 15.88
C VAL C 288 47.93 2.77 14.76
N GLY C 289 48.75 2.03 14.00
CA GLY C 289 49.45 2.60 12.86
C GLY C 289 48.47 3.11 11.80
N ILE C 290 47.42 2.33 11.52
CA ILE C 290 46.43 2.75 10.54
C ILE C 290 45.77 4.05 10.99
N VAL C 291 45.40 4.12 12.27
CA VAL C 291 44.71 5.29 12.77
C VAL C 291 45.65 6.51 12.75
N SER C 292 46.92 6.29 13.07
CA SER C 292 47.90 7.39 13.01
C SER C 292 48.08 7.89 11.58
N VAL C 293 48.11 6.97 10.62
CA VAL C 293 48.21 7.35 9.22
C VAL C 293 47.00 8.19 8.82
N LEU C 294 45.80 7.77 9.23
CA LEU C 294 44.59 8.55 8.96
C LEU C 294 44.67 9.94 9.61
N THR C 295 45.20 9.99 10.84
CA THR C 295 45.34 11.26 11.55
C THR C 295 46.23 12.21 10.74
N LEU C 296 47.42 11.74 10.35
CA LEU C 296 48.33 12.56 9.58
C LEU C 296 47.66 12.98 8.26
N ALA C 297 46.93 12.06 7.64
CA ALA C 297 46.33 12.32 6.35
C ALA C 297 45.31 13.46 6.43
N PHE C 298 44.39 13.38 7.40
CA PHE C 298 43.35 14.39 7.51
C PHE C 298 43.94 15.69 8.00
N ILE C 299 44.98 15.61 8.81
CA ILE C 299 45.63 16.83 9.28
C ILE C 299 46.26 17.55 8.09
N PHE C 300 46.86 16.79 7.17
CA PHE C 300 47.39 17.38 5.96
C PHE C 300 46.26 17.97 5.11
N SER C 301 45.12 17.27 5.06
CA SER C 301 43.96 17.77 4.32
C SER C 301 43.48 19.10 4.88
N ALA C 302 43.40 19.19 6.22
CA ALA C 302 42.97 20.42 6.88
C ALA C 302 44.16 21.35 7.14
N ILE C 310 34.75 16.61 0.96
CA ILE C 310 35.40 17.13 -0.28
C ILE C 310 34.73 16.46 -1.48
N GLN C 311 34.58 17.22 -2.56
CA GLN C 311 33.89 16.72 -3.73
C GLN C 311 34.78 15.73 -4.49
N TYR C 312 36.09 16.03 -4.56
CA TYR C 312 37.01 15.15 -5.27
C TYR C 312 37.03 13.76 -4.63
N LEU C 313 37.09 13.71 -3.29
CA LEU C 313 37.12 12.42 -2.61
C LEU C 313 35.78 11.68 -2.73
N SER C 314 34.67 12.44 -2.74
CA SER C 314 33.38 11.83 -2.96
C SER C 314 33.31 11.16 -4.33
N ASN C 315 33.78 11.86 -5.36
CA ASN C 315 33.81 11.30 -6.70
C ASN C 315 34.72 10.08 -6.77
N ALA C 316 35.88 10.15 -6.10
CA ALA C 316 36.79 9.01 -6.06
C ALA C 316 36.12 7.80 -5.41
N ASN C 317 35.39 8.04 -4.30
CA ASN C 317 34.68 6.97 -3.63
C ASN C 317 33.66 6.33 -4.57
N MET C 318 32.87 7.16 -5.24
CA MET C 318 31.86 6.62 -6.14
C MET C 318 32.52 5.80 -7.25
N VAL C 319 33.63 6.30 -7.81
CA VAL C 319 34.30 5.61 -8.89
C VAL C 319 34.84 4.26 -8.43
N LEU C 320 35.50 4.23 -7.27
CA LEU C 320 36.08 2.97 -6.79
C LEU C 320 34.98 1.96 -6.44
N ALA C 321 33.90 2.43 -5.81
CA ALA C 321 32.79 1.55 -5.49
C ALA C 321 32.19 0.96 -6.76
N ALA C 322 31.99 1.83 -7.77
CA ALA C 322 31.45 1.37 -9.04
C ALA C 322 32.37 0.33 -9.66
N LEU C 323 33.68 0.56 -9.61
CA LEU C 323 34.62 -0.36 -10.21
C LEU C 323 34.53 -1.74 -9.55
N LEU C 324 34.54 -1.77 -8.21
CA LEU C 324 34.49 -3.05 -7.52
C LEU C 324 33.17 -3.78 -7.76
N ALA C 325 32.05 -3.03 -7.70
CA ALA C 325 30.75 -3.63 -7.94
C ALA C 325 30.66 -4.19 -9.35
N ILE C 326 31.15 -3.42 -10.33
CA ILE C 326 31.10 -3.86 -11.72
C ILE C 326 31.95 -5.11 -11.93
N PHE C 327 33.12 -5.15 -11.29
CA PHE C 327 33.96 -6.33 -11.41
C PHE C 327 33.23 -7.57 -10.90
N VAL C 328 32.68 -7.48 -9.68
CA VAL C 328 32.01 -8.65 -9.11
C VAL C 328 30.80 -9.04 -9.96
N PHE C 329 30.07 -8.04 -10.46
CA PHE C 329 28.88 -8.30 -11.26
C PHE C 329 29.25 -9.02 -12.55
N VAL C 330 30.28 -8.55 -13.24
CA VAL C 330 30.66 -9.13 -14.52
C VAL C 330 31.25 -10.52 -14.34
N VAL C 331 32.13 -10.70 -13.36
CA VAL C 331 32.84 -11.96 -13.22
C VAL C 331 32.04 -12.99 -12.41
N GLY C 332 31.04 -12.55 -11.65
CA GLY C 332 30.24 -13.47 -10.85
C GLY C 332 29.06 -14.00 -11.65
N PRO C 333 28.07 -14.63 -10.97
CA PRO C 333 26.87 -15.09 -11.65
C PRO C 333 25.96 -13.95 -12.08
N THR C 334 26.24 -13.36 -13.24
CA THR C 334 25.55 -12.15 -13.67
C THR C 334 24.04 -12.35 -13.69
N VAL C 335 23.58 -13.44 -14.30
CA VAL C 335 22.16 -13.63 -14.48
C VAL C 335 21.46 -13.81 -13.12
N SER C 336 22.13 -14.48 -12.17
CA SER C 336 21.56 -14.65 -10.85
C SER C 336 21.40 -13.29 -10.14
N ILE C 337 22.39 -12.42 -10.30
CA ILE C 337 22.33 -11.09 -9.71
C ILE C 337 21.14 -10.33 -10.30
N LEU C 338 21.00 -10.38 -11.62
CA LEU C 338 19.94 -9.64 -12.28
C LEU C 338 18.57 -10.24 -11.96
N ASN C 339 18.51 -11.54 -11.67
CA ASN C 339 17.29 -12.15 -11.19
C ASN C 339 16.96 -11.66 -9.79
N LEU C 340 17.96 -11.52 -8.93
CA LEU C 340 17.73 -11.10 -7.56
C LEU C 340 17.31 -9.64 -7.48
N LEU C 341 17.63 -8.81 -8.47
CA LEU C 341 17.21 -7.42 -8.41
C LEU C 341 15.69 -7.31 -8.23
N PRO C 342 14.86 -7.72 -9.21
CA PRO C 342 13.42 -7.56 -9.04
C PRO C 342 12.89 -8.36 -7.85
N GLY C 343 13.44 -9.55 -7.60
CA GLY C 343 13.02 -10.34 -6.46
C GLY C 343 13.28 -9.62 -5.15
N SER C 344 14.46 -9.00 -5.03
CA SER C 344 14.81 -8.24 -3.83
C SER C 344 13.82 -7.10 -3.61
N ILE C 345 13.58 -6.30 -4.66
CA ILE C 345 12.71 -5.15 -4.50
C ILE C 345 11.27 -5.61 -4.21
N GLY C 346 10.78 -6.61 -4.88
CA GLY C 346 9.42 -7.06 -4.66
C GLY C 346 9.24 -7.63 -3.28
N ASN C 347 10.13 -8.49 -2.81
CA ASN C 347 10.02 -9.02 -1.47
C ASN C 347 10.15 -7.93 -0.40
N TYR C 348 10.95 -6.91 -0.64
CA TYR C 348 11.07 -5.80 0.25
C TYR C 348 9.75 -5.10 0.50
N LEU C 349 8.87 -4.92 -0.48
CA LEU C 349 7.65 -4.16 -0.38
C LEU C 349 6.46 -5.06 -0.03
N SER C 350 6.60 -6.37 -0.22
CA SER C 350 5.67 -7.35 0.27
C SER C 350 5.77 -7.43 1.78
N ASN C 351 6.99 -7.53 2.31
CA ASN C 351 7.26 -7.71 3.73
C ASN C 351 7.71 -6.45 4.45
N PHE C 352 7.28 -5.24 4.08
CA PHE C 352 7.81 -3.99 4.62
C PHE C 352 7.24 -3.67 6.00
N PHE C 353 5.98 -4.06 6.28
CA PHE C 353 5.29 -3.68 7.50
C PHE C 353 5.19 -4.90 8.38
N GLN C 354 5.57 -6.05 7.85
CA GLN C 354 5.68 -7.24 8.64
C GLN C 354 7.04 -7.18 9.31
N MET C 355 8.03 -6.56 8.66
CA MET C 355 9.32 -6.36 9.30
C MET C 355 9.30 -5.13 10.20
N ALA C 356 8.54 -4.09 9.81
CA ALA C 356 8.43 -2.89 10.63
C ALA C 356 7.63 -3.15 11.90
N GLY C 357 6.80 -4.20 11.91
CA GLY C 357 6.01 -4.53 13.09
C GLY C 357 6.66 -5.65 13.90
N ARG C 358 7.96 -5.87 13.72
CA ARG C 358 8.65 -6.92 14.44
C ARG C 358 9.20 -6.33 15.74
N THR C 359 8.83 -6.96 16.86
CA THR C 359 9.23 -6.50 18.18
C THR C 359 9.72 -7.69 18.97
N ALA C 360 9.98 -7.47 20.26
CA ALA C 360 10.47 -8.54 21.11
C ALA C 360 9.39 -9.57 21.45
N MET C 361 8.13 -9.30 21.10
CA MET C 361 7.03 -10.21 21.37
C MET C 361 6.67 -11.08 20.17
N SER C 362 7.44 -11.02 19.08
CA SER C 362 7.24 -11.87 17.92
C SER C 362 7.89 -13.23 18.14
N ALA C 363 7.44 -14.23 17.38
CA ALA C 363 7.96 -15.60 17.47
C ALA C 363 7.80 -16.15 18.90
N ASP C 364 6.64 -15.88 19.51
CA ASP C 364 6.36 -16.31 20.89
C ASP C 364 7.38 -15.73 21.87
N GLY C 365 7.83 -14.50 21.61
CA GLY C 365 8.78 -13.84 22.50
C GLY C 365 10.17 -14.47 22.43
N THR C 366 10.75 -14.51 21.23
CA THR C 366 12.10 -15.03 21.06
C THR C 366 12.95 -14.16 20.14
N ALA C 367 12.43 -13.00 19.71
CA ALA C 367 13.13 -12.14 18.76
C ALA C 367 13.93 -11.04 19.45
N GLY C 368 14.01 -11.04 20.78
CA GLY C 368 14.69 -9.99 21.51
C GLY C 368 16.19 -9.93 21.16
N GLU C 369 16.86 -11.07 21.20
CA GLU C 369 18.30 -11.10 20.99
C GLU C 369 18.62 -10.73 19.53
N TRP C 370 17.83 -11.27 18.59
CA TRP C 370 18.05 -11.00 17.19
C TRP C 370 17.88 -9.51 16.91
N LEU C 371 16.83 -8.90 17.45
CA LEU C 371 16.59 -7.48 17.26
C LEU C 371 17.73 -6.67 17.87
N GLY C 372 18.16 -7.02 19.07
CA GLY C 372 19.24 -6.30 19.70
C GLY C 372 20.54 -6.40 18.91
N SER C 373 20.73 -7.50 18.18
CA SER C 373 21.96 -7.73 17.45
C SER C 373 21.92 -7.10 16.06
N TRP C 374 20.74 -7.08 15.42
CA TRP C 374 20.62 -6.64 14.03
C TRP C 374 19.85 -5.33 13.90
N THR C 375 18.57 -5.32 14.28
CA THR C 375 17.73 -4.19 13.90
C THR C 375 17.95 -2.99 14.81
N ILE C 376 17.92 -3.20 16.12
CA ILE C 376 18.07 -2.09 17.05
C ILE C 376 19.49 -1.53 16.96
N PHE C 377 20.48 -2.37 16.69
CA PHE C 377 21.83 -1.86 16.48
C PHE C 377 21.88 -0.91 15.31
N TYR C 378 21.27 -1.28 14.19
CA TYR C 378 21.25 -0.42 13.02
C TYR C 378 20.49 0.86 13.28
N TRP C 379 19.33 0.79 13.90
CA TRP C 379 18.51 1.96 14.15
C TRP C 379 19.24 2.91 15.06
N ALA C 380 19.94 2.41 16.08
CA ALA C 380 20.76 3.25 16.94
C ALA C 380 22.00 3.75 16.22
N TRP C 381 22.58 2.93 15.34
CA TRP C 381 23.77 3.32 14.60
C TRP C 381 23.47 4.50 13.70
N TRP C 382 22.38 4.43 12.95
CA TRP C 382 22.02 5.48 12.00
C TRP C 382 21.50 6.74 12.69
N ILE C 383 21.04 6.64 13.94
CA ILE C 383 20.68 7.81 14.70
C ILE C 383 21.92 8.49 15.26
N SER C 384 22.99 7.74 15.54
CA SER C 384 24.24 8.32 16.00
C SER C 384 24.85 9.25 14.93
N TRP C 385 24.72 8.88 13.66
CA TRP C 385 25.26 9.65 12.57
C TRP C 385 24.33 10.76 12.11
N SER C 386 23.08 10.79 12.58
CA SER C 386 22.12 11.77 12.10
C SER C 386 22.55 13.22 12.31
N PRO C 387 23.16 13.64 13.45
CA PRO C 387 23.55 15.02 13.62
C PRO C 387 24.42 15.56 12.48
N PHE C 388 25.56 14.91 12.26
CA PHE C 388 26.56 15.41 11.34
C PHE C 388 26.24 15.11 9.89
N VAL C 389 25.47 14.09 9.61
CA VAL C 389 24.99 13.88 8.26
C VAL C 389 23.90 14.89 7.93
N GLY C 390 22.97 15.12 8.85
CA GLY C 390 21.90 16.09 8.63
C GLY C 390 22.45 17.50 8.43
N MET C 391 23.48 17.87 9.20
CA MET C 391 24.07 19.18 9.04
C MET C 391 24.70 19.33 7.67
N PHE C 392 25.40 18.29 7.20
CA PHE C 392 26.02 18.34 5.89
C PHE C 392 24.96 18.44 4.80
N LEU C 393 23.90 17.62 4.90
CA LEU C 393 22.86 17.66 3.88
C LEU C 393 22.19 19.03 3.84
N ALA C 394 21.99 19.64 5.02
CA ALA C 394 21.47 21.00 5.05
C ALA C 394 22.41 21.96 4.35
N ARG C 395 23.72 21.78 4.53
CA ARG C 395 24.68 22.67 3.89
C ARG C 395 24.57 22.57 2.36
N ILE C 396 24.47 21.34 1.84
CA ILE C 396 24.58 21.11 0.41
C ILE C 396 23.21 21.08 -0.26
N SER C 397 22.18 21.58 0.42
CA SER C 397 20.83 21.59 -0.13
C SER C 397 20.21 22.97 0.00
N ARG C 398 20.97 24.00 -0.39
CA ARG C 398 20.43 25.35 -0.40
C ARG C 398 19.67 25.59 -1.70
N GLY C 399 18.42 26.08 -1.56
CA GLY C 399 17.62 26.45 -2.71
C GLY C 399 16.85 25.28 -3.35
N ARG C 400 16.93 24.07 -2.81
CA ARG C 400 16.17 22.96 -3.34
C ARG C 400 14.79 22.93 -2.69
N SER C 401 13.81 22.45 -3.45
CA SER C 401 12.48 22.27 -2.90
C SER C 401 12.50 21.17 -1.84
N ILE C 402 11.50 21.17 -0.96
CA ILE C 402 11.39 20.13 0.06
C ILE C 402 11.17 18.77 -0.61
N ARG C 403 10.28 18.72 -1.60
CA ARG C 403 9.99 17.47 -2.27
C ARG C 403 11.24 16.92 -2.95
N GLU C 404 12.08 17.79 -3.49
CA GLU C 404 13.30 17.35 -4.13
C GLU C 404 14.33 16.87 -3.13
N PHE C 405 14.51 17.55 -2.01
CA PHE C 405 15.42 17.06 -0.98
C PHE C 405 15.02 15.67 -0.50
N ILE C 406 13.84 15.55 0.10
CA ILE C 406 13.30 14.30 0.59
C ILE C 406 13.44 13.19 -0.43
N LEU C 407 13.12 13.41 -1.72
CA LEU C 407 13.09 12.34 -2.72
C LEU C 407 14.50 11.94 -3.17
N GLY C 408 15.35 12.92 -3.48
CA GLY C 408 16.74 12.60 -3.77
C GLY C 408 17.34 11.76 -2.64
N VAL C 409 17.23 12.28 -1.41
CA VAL C 409 17.88 11.64 -0.27
C VAL C 409 17.32 10.24 -0.01
N LEU C 410 16.01 10.07 -0.05
CA LEU C 410 15.45 8.78 0.31
C LEU C 410 15.64 7.74 -0.81
N LEU C 411 15.73 8.14 -2.10
CA LEU C 411 15.66 7.17 -3.20
C LEU C 411 16.96 6.92 -3.98
N VAL C 412 17.84 7.89 -4.10
CA VAL C 412 19.08 7.61 -4.79
C VAL C 412 19.93 6.66 -3.96
N PRO C 413 20.24 6.95 -2.67
CA PRO C 413 21.02 6.03 -1.85
C PRO C 413 20.34 4.69 -1.65
N ALA C 414 19.01 4.67 -1.60
CA ALA C 414 18.28 3.42 -1.53
C ALA C 414 18.54 2.55 -2.76
N GLY C 415 18.56 3.14 -3.95
CA GLY C 415 18.87 2.40 -5.15
C GLY C 415 20.32 1.89 -5.17
N VAL C 416 21.26 2.73 -4.74
CA VAL C 416 22.65 2.32 -4.69
C VAL C 416 22.80 1.13 -3.75
N SER C 417 22.18 1.20 -2.57
CA SER C 417 22.24 0.13 -1.59
C SER C 417 21.59 -1.13 -2.14
N THR C 418 20.46 -0.99 -2.83
CA THR C 418 19.80 -2.13 -3.42
C THR C 418 20.74 -2.87 -4.39
N VAL C 419 21.38 -2.12 -5.27
CA VAL C 419 22.27 -2.71 -6.26
C VAL C 419 23.46 -3.37 -5.57
N TRP C 420 24.05 -2.69 -4.58
CA TRP C 420 25.21 -3.21 -3.89
C TRP C 420 24.89 -4.55 -3.23
N PHE C 421 23.81 -4.57 -2.46
CA PHE C 421 23.45 -5.77 -1.72
C PHE C 421 23.05 -6.87 -2.69
N SER C 422 22.33 -6.54 -3.76
CA SER C 422 21.99 -7.51 -4.78
C SER C 422 23.25 -8.20 -5.28
N ILE C 423 24.23 -7.42 -5.74
CA ILE C 423 25.45 -8.00 -6.28
C ILE C 423 26.12 -8.91 -5.24
N PHE C 424 26.48 -8.36 -4.08
CA PHE C 424 27.34 -9.09 -3.15
C PHE C 424 26.60 -10.20 -2.40
N GLY C 425 25.40 -9.91 -1.90
CA GLY C 425 24.60 -10.93 -1.25
C GLY C 425 24.18 -12.03 -2.20
N GLY C 426 23.86 -11.67 -3.45
CA GLY C 426 23.50 -12.65 -4.44
C GLY C 426 24.66 -13.57 -4.76
N THR C 427 25.85 -12.99 -4.91
CA THR C 427 27.01 -13.82 -5.19
C THR C 427 27.24 -14.80 -4.04
N ALA C 428 27.16 -14.30 -2.80
CA ALA C 428 27.39 -15.15 -1.64
C ALA C 428 26.35 -16.27 -1.57
N ILE C 429 25.08 -15.94 -1.81
CA ILE C 429 24.03 -16.92 -1.71
C ILE C 429 24.14 -17.94 -2.84
N VAL C 430 24.52 -17.50 -4.04
CA VAL C 430 24.71 -18.42 -5.15
C VAL C 430 25.82 -19.42 -4.82
N PHE C 431 26.93 -18.92 -4.26
CA PHE C 431 28.01 -19.81 -3.85
C PHE C 431 27.48 -20.81 -2.82
N GLU C 432 26.79 -20.31 -1.80
CA GLU C 432 26.29 -21.19 -0.75
C GLU C 432 25.33 -22.24 -1.31
N GLN C 433 24.61 -21.90 -2.38
CA GLN C 433 23.72 -22.86 -3.02
C GLN C 433 24.48 -23.91 -3.80
N ASN C 434 25.52 -23.49 -4.55
CA ASN C 434 26.26 -24.41 -5.41
C ASN C 434 27.05 -25.47 -4.63
N GLY C 435 27.29 -25.24 -3.34
CA GLY C 435 28.10 -26.14 -2.54
C GLY C 435 29.38 -25.48 -2.04
N GLU C 436 29.96 -24.58 -2.84
CA GLU C 436 31.04 -23.75 -2.36
C GLU C 436 30.55 -22.87 -1.21
N SER C 437 31.42 -22.66 -0.22
CA SER C 437 31.07 -21.89 0.96
C SER C 437 32.17 -20.87 1.24
N ILE C 438 31.78 -19.64 1.56
CA ILE C 438 32.71 -18.63 2.04
C ILE C 438 32.46 -18.29 3.51
N TRP C 439 31.53 -19.00 4.17
CA TRP C 439 31.29 -18.75 5.58
C TRP C 439 32.55 -19.06 6.39
N GLY C 440 33.19 -20.20 6.09
CA GLY C 440 34.36 -20.62 6.82
C GLY C 440 34.07 -20.75 8.32
N ASP C 441 34.91 -20.14 9.14
CA ASP C 441 34.72 -20.15 10.58
C ASP C 441 33.55 -19.25 11.03
N GLY C 442 33.07 -18.39 10.12
CA GLY C 442 31.99 -17.47 10.47
C GLY C 442 32.46 -16.06 10.83
N ALA C 443 33.74 -15.75 10.58
CA ALA C 443 34.25 -14.41 10.88
C ALA C 443 33.63 -13.41 9.92
N ALA C 444 32.87 -12.45 10.45
CA ALA C 444 32.16 -11.49 9.61
C ALA C 444 33.13 -10.54 8.89
N GLU C 445 34.36 -10.42 9.37
CA GLU C 445 35.31 -9.47 8.80
C GLU C 445 36.08 -10.05 7.60
N GLU C 446 36.01 -11.37 7.39
CA GLU C 446 36.77 -12.00 6.32
C GLU C 446 35.87 -12.51 5.19
N GLN C 447 34.55 -12.30 5.27
CA GLN C 447 33.64 -12.84 4.29
C GLN C 447 33.85 -12.18 2.93
N LEU C 448 34.03 -10.87 2.91
CA LEU C 448 34.26 -10.14 1.66
C LEU C 448 35.49 -10.69 0.96
N PHE C 449 36.58 -10.85 1.71
CA PHE C 449 37.84 -11.25 1.11
C PHE C 449 37.78 -12.72 0.69
N GLY C 450 37.06 -13.56 1.45
CA GLY C 450 36.83 -14.93 1.02
C GLY C 450 36.08 -14.97 -0.32
N LEU C 451 35.04 -14.14 -0.44
CA LEU C 451 34.28 -14.07 -1.68
C LEU C 451 35.18 -13.62 -2.82
N LEU C 452 35.97 -12.57 -2.61
CA LEU C 452 36.84 -12.07 -3.65
C LEU C 452 37.86 -13.13 -4.07
N HIS C 453 38.45 -13.83 -3.09
CA HIS C 453 39.41 -14.88 -3.40
C HIS C 453 38.74 -16.11 -4.02
N ALA C 454 37.41 -16.18 -3.97
CA ALA C 454 36.68 -17.24 -4.68
C ALA C 454 36.42 -16.87 -6.15
N LEU C 455 36.89 -15.70 -6.60
CA LEU C 455 36.78 -15.29 -7.99
C LEU C 455 38.16 -14.95 -8.51
N PRO C 456 38.43 -15.12 -9.82
CA PRO C 456 39.70 -14.67 -10.38
C PRO C 456 39.86 -13.16 -10.29
N GLY C 457 41.10 -12.71 -10.05
CA GLY C 457 41.38 -11.30 -9.91
C GLY C 457 41.09 -10.77 -8.51
N GLY C 458 40.77 -11.65 -7.56
CA GLY C 458 40.52 -11.21 -6.18
C GLY C 458 41.76 -10.64 -5.50
N GLN C 459 42.94 -11.17 -5.84
CA GLN C 459 44.17 -10.72 -5.22
C GLN C 459 44.48 -9.25 -5.51
N ILE C 460 43.99 -8.73 -6.66
CA ILE C 460 44.19 -7.34 -6.99
C ILE C 460 43.00 -6.48 -6.56
N MET C 461 41.81 -7.07 -6.48
CA MET C 461 40.64 -6.33 -6.04
C MET C 461 40.63 -6.14 -4.53
N GLY C 462 41.37 -6.97 -3.78
CA GLY C 462 41.55 -6.74 -2.35
C GLY C 462 42.14 -5.36 -2.07
N ILE C 463 43.13 -4.96 -2.87
CA ILE C 463 43.78 -3.68 -2.67
C ILE C 463 42.79 -2.55 -2.96
N ILE C 464 41.97 -2.71 -4.00
CA ILE C 464 40.99 -1.70 -4.32
C ILE C 464 39.95 -1.61 -3.20
N ALA C 465 39.57 -2.76 -2.62
CA ALA C 465 38.64 -2.77 -1.49
C ALA C 465 39.23 -2.00 -0.32
N MET C 466 40.52 -2.22 -0.04
CA MET C 466 41.17 -1.52 1.07
C MET C 466 41.23 -0.02 0.82
N ILE C 467 41.55 0.38 -0.41
CA ILE C 467 41.60 1.80 -0.73
C ILE C 467 40.20 2.41 -0.58
N LEU C 468 39.17 1.66 -0.99
CA LEU C 468 37.80 2.13 -0.87
C LEU C 468 37.41 2.30 0.60
N LEU C 469 37.66 1.25 1.40
CA LEU C 469 37.38 1.26 2.84
C LEU C 469 37.93 2.56 3.43
N GLY C 470 39.25 2.75 3.27
CA GLY C 470 39.90 3.97 3.69
C GLY C 470 39.08 5.18 3.27
N THR C 471 38.76 5.30 1.98
CA THR C 471 38.10 6.51 1.50
C THR C 471 36.72 6.64 2.14
N PHE C 472 35.91 5.58 2.20
CA PHE C 472 34.62 5.66 2.89
C PHE C 472 34.67 6.30 4.28
N PHE C 473 35.69 6.04 5.12
CA PHE C 473 35.70 6.72 6.41
C PHE C 473 36.35 8.11 6.34
N ILE C 474 37.26 8.33 5.40
CA ILE C 474 37.84 9.65 5.23
C ILE C 474 36.90 10.64 4.57
N THR C 475 35.87 10.15 3.93
CA THR C 475 34.95 11.11 3.34
C THR C 475 33.94 11.49 4.40
N SER C 476 33.70 10.56 5.36
CA SER C 476 32.77 10.82 6.45
C SER C 476 33.49 11.50 7.62
N ALA C 477 34.64 10.98 8.07
CA ALA C 477 35.30 11.57 9.24
C ALA C 477 35.62 13.03 8.97
N ASP C 478 35.90 13.33 7.71
CA ASP C 478 36.14 14.70 7.33
C ASP C 478 34.90 15.48 7.65
N SER C 479 33.76 14.87 7.36
CA SER C 479 32.53 15.62 7.55
C SER C 479 32.07 15.60 9.01
N ALA C 480 32.41 14.55 9.77
CA ALA C 480 32.07 14.53 11.19
C ALA C 480 32.86 15.60 11.94
N SER C 481 34.17 15.67 11.70
CA SER C 481 35.02 16.63 12.41
C SER C 481 34.64 18.06 12.05
N THR C 482 34.35 18.32 10.77
CA THR C 482 33.97 19.66 10.36
C THR C 482 32.67 20.08 11.07
N VAL C 483 31.70 19.18 11.11
CA VAL C 483 30.42 19.53 11.72
C VAL C 483 30.58 19.69 13.23
N MET C 484 31.38 18.84 13.87
CA MET C 484 31.60 18.95 15.30
C MET C 484 32.28 20.28 15.64
N GLY C 485 33.22 20.72 14.80
CA GLY C 485 33.78 22.05 14.96
C GLY C 485 32.70 23.12 14.80
N THR C 486 31.80 22.95 13.83
CA THR C 486 30.78 23.95 13.57
C THR C 486 29.87 24.11 14.79
N MET C 487 29.43 23.00 15.38
CA MET C 487 28.47 23.08 16.47
C MET C 487 29.07 23.70 17.73
N SER C 488 30.40 23.78 17.84
CA SER C 488 31.07 24.29 19.02
C SER C 488 31.45 25.77 18.87
N GLN C 489 30.97 26.45 17.83
CA GLN C 489 31.31 27.85 17.60
C GLN C 489 30.06 28.64 17.18
N HIS C 490 28.92 28.32 17.80
CA HIS C 490 27.66 29.01 17.49
C HIS C 490 27.32 28.93 16.00
N GLY C 491 27.59 27.75 15.40
CA GLY C 491 27.19 27.49 14.03
C GLY C 491 28.00 28.27 13.00
N GLN C 492 29.25 28.61 13.32
CA GLN C 492 30.10 29.30 12.37
C GLN C 492 30.43 28.39 11.19
N LEU C 493 30.64 29.00 10.02
CA LEU C 493 30.96 28.24 8.82
C LEU C 493 32.29 27.50 8.98
N GLU C 494 33.30 28.18 9.54
CA GLU C 494 34.58 27.57 9.84
C GLU C 494 34.87 27.74 11.33
N ALA C 495 35.38 26.68 11.95
CA ALA C 495 35.69 26.65 13.37
C ALA C 495 37.19 26.57 13.59
N ASN C 496 37.59 26.52 14.87
CA ASN C 496 38.99 26.44 15.25
C ASN C 496 39.60 25.13 14.75
N LYS C 497 40.79 25.22 14.15
CA LYS C 497 41.48 24.04 13.67
C LYS C 497 41.86 23.12 14.85
N TRP C 498 42.28 23.72 15.97
CA TRP C 498 42.69 22.92 17.13
C TRP C 498 41.53 22.09 17.67
N VAL C 499 40.33 22.68 17.70
CA VAL C 499 39.18 21.94 18.19
C VAL C 499 38.84 20.80 17.24
N THR C 500 38.95 21.03 15.93
CA THR C 500 38.71 19.98 14.96
C THR C 500 39.70 18.82 15.15
N ALA C 501 40.98 19.15 15.35
CA ALA C 501 41.98 18.12 15.60
C ALA C 501 41.66 17.35 16.89
N ALA C 502 41.23 18.08 17.93
CA ALA C 502 40.89 17.43 19.19
C ALA C 502 39.73 16.47 19.01
N TRP C 503 38.70 16.87 18.24
CA TRP C 503 37.57 16.00 17.98
C TRP C 503 37.97 14.76 17.20
N GLY C 504 38.84 14.93 16.19
CA GLY C 504 39.33 13.78 15.44
C GLY C 504 40.08 12.80 16.35
N VAL C 505 40.95 13.35 17.20
CA VAL C 505 41.72 12.52 18.12
C VAL C 505 40.78 11.80 19.09
N ALA C 506 39.74 12.50 19.55
CA ALA C 506 38.79 11.89 20.49
C ALA C 506 38.07 10.72 19.83
N THR C 507 37.62 10.91 18.59
CA THR C 507 36.95 9.83 17.88
C THR C 507 37.88 8.63 17.74
N ALA C 508 39.13 8.90 17.34
CA ALA C 508 40.11 7.82 17.19
C ALA C 508 40.31 7.08 18.51
N ALA C 509 40.44 7.85 19.60
CA ALA C 509 40.72 7.27 20.89
C ALA C 509 39.54 6.40 21.35
N ILE C 510 38.32 6.87 21.13
CA ILE C 510 37.16 6.11 21.57
C ILE C 510 37.07 4.80 20.78
N GLY C 511 37.24 4.89 19.45
CA GLY C 511 37.23 3.67 18.63
C GLY C 511 38.29 2.67 19.09
N LEU C 512 39.50 3.17 19.37
CA LEU C 512 40.61 2.29 19.72
C LEU C 512 40.35 1.61 21.06
N THR C 513 39.86 2.37 22.06
CA THR C 513 39.62 1.78 23.37
C THR C 513 38.47 0.78 23.29
N LEU C 514 37.43 1.07 22.52
CA LEU C 514 36.34 0.11 22.36
C LEU C 514 36.87 -1.20 21.76
N LEU C 515 37.70 -1.08 20.70
CA LEU C 515 38.23 -2.27 20.05
C LEU C 515 39.11 -3.08 21.00
N LEU C 516 40.04 -2.40 21.70
CA LEU C 516 40.97 -3.11 22.57
C LEU C 516 40.23 -3.76 23.74
N SER C 517 39.31 -3.02 24.37
CA SER C 517 38.57 -3.54 25.50
C SER C 517 37.74 -4.77 25.08
N GLY C 518 37.08 -4.67 23.93
CA GLY C 518 36.26 -5.78 23.46
C GLY C 518 37.10 -7.02 23.17
N GLY C 519 38.21 -6.83 22.45
CA GLY C 519 39.07 -7.95 22.05
C GLY C 519 38.31 -8.98 21.23
N ASP C 520 38.05 -10.16 21.82
CA ASP C 520 37.32 -11.19 21.12
C ASP C 520 35.89 -10.72 20.79
N ASN C 521 35.25 -10.05 21.75
CA ASN C 521 33.88 -9.59 21.62
C ASN C 521 33.84 -8.12 21.21
N ALA C 522 34.79 -7.70 20.35
CA ALA C 522 34.89 -6.31 19.92
C ALA C 522 33.63 -5.85 19.19
N LEU C 523 33.09 -6.73 18.34
CA LEU C 523 31.89 -6.38 17.58
C LEU C 523 30.74 -6.09 18.55
N SER C 524 30.49 -7.03 19.47
CA SER C 524 29.39 -6.88 20.41
C SER C 524 29.58 -5.65 21.29
N ASN C 525 30.82 -5.38 21.71
CA ASN C 525 31.10 -4.22 22.53
C ASN C 525 30.74 -2.93 21.78
N LEU C 526 31.13 -2.87 20.50
CA LEU C 526 30.81 -1.71 19.68
C LEU C 526 29.29 -1.53 19.58
N GLN C 527 28.56 -2.62 19.35
CA GLN C 527 27.11 -2.54 19.20
C GLN C 527 26.46 -2.04 20.48
N ASN C 528 26.88 -2.59 21.62
CA ASN C 528 26.31 -2.21 22.90
C ASN C 528 26.55 -0.72 23.17
N VAL C 529 27.79 -0.27 22.94
CA VAL C 529 28.14 1.09 23.26
C VAL C 529 27.39 2.05 22.35
N THR C 530 27.28 1.74 21.06
CA THR C 530 26.60 2.67 20.17
C THR C 530 25.11 2.73 20.50
N ILE C 531 24.49 1.62 20.87
CA ILE C 531 23.08 1.66 21.24
C ILE C 531 22.87 2.53 22.48
N VAL C 532 23.74 2.35 23.47
CA VAL C 532 23.64 3.14 24.69
C VAL C 532 23.83 4.63 24.38
N ALA C 533 24.83 4.97 23.56
CA ALA C 533 25.13 6.36 23.28
C ALA C 533 24.04 7.01 22.43
N ALA C 534 23.37 6.23 21.57
CA ALA C 534 22.38 6.77 20.66
C ALA C 534 20.97 6.78 21.25
N THR C 535 20.75 6.14 22.41
CA THR C 535 19.44 6.18 23.03
C THR C 535 18.95 7.62 23.26
N PRO C 536 19.71 8.53 23.90
CA PRO C 536 19.22 9.88 24.13
C PRO C 536 18.81 10.66 22.88
N PHE C 537 19.51 10.47 21.76
CA PHE C 537 19.24 11.27 20.57
C PHE C 537 18.01 10.79 19.81
N LEU C 538 17.49 9.60 20.12
CA LEU C 538 16.24 9.16 19.52
C LEU C 538 15.13 10.14 19.89
N PHE C 539 15.09 10.56 21.16
CA PHE C 539 14.06 11.49 21.61
C PHE C 539 14.28 12.88 21.02
N VAL C 540 15.54 13.28 20.80
CA VAL C 540 15.80 14.54 20.14
C VAL C 540 15.24 14.53 18.72
N VAL C 541 15.46 13.43 18.01
CA VAL C 541 14.94 13.31 16.66
C VAL C 541 13.42 13.25 16.66
N ILE C 542 12.82 12.62 17.68
CA ILE C 542 11.36 12.57 17.74
C ILE C 542 10.81 13.97 17.96
N GLY C 543 11.38 14.71 18.92
CA GLY C 543 10.92 16.07 19.18
C GLY C 543 11.13 16.99 17.99
N LEU C 544 12.20 16.76 17.23
CA LEU C 544 12.48 17.57 16.06
C LEU C 544 11.40 17.39 14.99
N MET C 545 10.71 16.26 14.95
CA MET C 545 9.58 16.11 14.05
C MET C 545 8.50 17.16 14.35
N PHE C 546 8.09 17.25 15.61
CA PHE C 546 7.08 18.22 16.00
C PHE C 546 7.59 19.65 15.78
N ALA C 547 8.85 19.90 16.12
CA ALA C 547 9.42 21.23 15.91
C ALA C 547 9.35 21.61 14.43
N LEU C 548 9.70 20.69 13.55
CA LEU C 548 9.64 20.96 12.12
C LEU C 548 8.20 21.20 11.66
N VAL C 549 7.25 20.40 12.15
CA VAL C 549 5.86 20.58 11.73
C VAL C 549 5.38 21.96 12.15
N LYS C 550 5.64 22.35 13.39
CA LYS C 550 5.20 23.65 13.87
C LYS C 550 5.86 24.78 13.07
N ASP C 551 7.14 24.62 12.76
CA ASP C 551 7.83 25.64 11.98
C ASP C 551 7.23 25.77 10.58
N LEU C 552 6.94 24.64 9.94
CA LEU C 552 6.40 24.65 8.58
C LEU C 552 4.98 25.23 8.56
N SER C 553 4.18 24.88 9.56
CA SER C 553 2.81 25.38 9.63
C SER C 553 2.80 26.90 9.72
N ASN C 554 3.69 27.45 10.57
CA ASN C 554 3.80 28.89 10.76
C ASN C 554 4.77 29.47 9.72
N ASP C 555 4.30 29.49 8.47
CA ASP C 555 5.07 30.04 7.37
C ASP C 555 4.36 31.28 6.83
N VAL C 556 5.15 32.18 6.24
CA VAL C 556 4.65 33.46 5.75
C VAL C 556 3.52 33.27 4.74
N ILE C 557 3.54 32.16 3.99
CA ILE C 557 2.56 31.96 2.95
C ILE C 557 1.17 31.77 3.56
N TYR C 558 1.09 30.98 4.63
CA TYR C 558 -0.19 30.56 5.19
C TYR C 558 -0.52 31.30 6.50
N LEU C 559 0.35 32.19 6.97
CA LEU C 559 0.12 32.89 8.23
C LEU C 559 -1.17 33.72 8.17
N GLU C 560 -1.34 34.48 7.09
CA GLU C 560 -2.52 35.34 6.96
C GLU C 560 -3.80 34.51 6.89
N TYR C 561 -3.74 33.37 6.18
CA TYR C 561 -4.92 32.52 6.05
C TYR C 561 -5.31 31.93 7.41
N ARG C 562 -4.33 31.37 8.13
CA ARG C 562 -4.64 30.81 9.44
C ARG C 562 -5.07 31.90 10.43
N GLU C 563 -4.56 33.12 10.27
CA GLU C 563 -5.00 34.23 11.10
C GLU C 563 -6.45 34.57 10.81
N GLN C 564 -6.85 34.54 9.53
CA GLN C 564 -8.24 34.80 9.16
C GLN C 564 -9.15 33.75 9.81
N GLN C 565 -8.75 32.48 9.75
CA GLN C 565 -9.53 31.43 10.39
C GLN C 565 -9.61 31.64 11.91
N ARG C 566 -8.49 32.01 12.53
CA ARG C 566 -8.45 32.26 13.96
C ARG C 566 -9.38 33.41 14.34
N PHE C 567 -9.44 34.45 13.51
CA PHE C 567 -10.36 35.54 13.77
C PHE C 567 -11.80 35.10 13.55
N ASN C 568 -12.00 34.10 12.69
CA ASN C 568 -13.33 33.51 12.52
C ASN C 568 -13.58 32.49 13.63
N ALA C 569 -12.92 32.65 14.77
CA ALA C 569 -13.04 31.70 15.87
C ALA C 569 -14.12 32.17 16.83
N ARG C 570 -14.81 33.23 16.44
CA ARG C 570 -15.89 33.74 17.25
C ARG C 570 -17.14 32.87 17.13
N LEU C 571 -17.20 31.91 16.20
CA LEU C 571 -18.38 31.06 16.10
C LEU C 571 -18.54 30.17 17.33
N ALA C 572 -17.43 29.79 17.99
CA ALA C 572 -17.53 29.08 19.26
C ALA C 572 -18.22 29.94 20.31
N ARG C 573 -17.83 31.21 20.39
CA ARG C 573 -18.46 32.14 21.34
C ARG C 573 -19.93 32.33 20.96
N GLU C 574 -20.23 32.43 19.66
CA GLU C 574 -21.61 32.59 19.21
C GLU C 574 -22.45 31.37 19.62
N ARG C 575 -21.90 30.17 19.46
CA ARG C 575 -22.62 28.97 19.84
C ARG C 575 -22.86 28.94 21.35
N ARG C 576 -21.83 29.31 22.13
CA ARG C 576 -22.00 29.36 23.58
C ARG C 576 -23.05 30.41 23.98
N VAL C 577 -23.21 31.46 23.16
CA VAL C 577 -24.21 32.47 23.42
C VAL C 577 -25.61 31.86 23.17
#